data_2VXK
# 
_entry.id   2VXK 
# 
_audit_conform.dict_name       mmcif_pdbx.dic 
_audit_conform.dict_version    5.391 
_audit_conform.dict_location   http://mmcif.pdb.org/dictionaries/ascii/mmcif_pdbx.dic 
# 
loop_
_database_2.database_id 
_database_2.database_code 
_database_2.pdbx_database_accession 
_database_2.pdbx_DOI 
PDB   2VXK         pdb_00002vxk 10.2210/pdb2vxk/pdb 
PDBE  EBI-36791    ?            ?                   
WWPDB D_1290036791 ?            ?                   
# 
loop_
_pdbx_audit_revision_history.ordinal 
_pdbx_audit_revision_history.data_content_type 
_pdbx_audit_revision_history.major_revision 
_pdbx_audit_revision_history.minor_revision 
_pdbx_audit_revision_history.revision_date 
1 'Structure model' 1 0 2008-07-15 
2 'Structure model' 1 1 2011-07-13 
3 'Structure model' 1 2 2020-07-29 
4 'Structure model' 1 3 2024-05-08 
# 
loop_
_pdbx_audit_revision_details.ordinal 
_pdbx_audit_revision_details.revision_ordinal 
_pdbx_audit_revision_details.data_content_type 
_pdbx_audit_revision_details.provider 
_pdbx_audit_revision_details.type 
_pdbx_audit_revision_details.description 
_pdbx_audit_revision_details.details 
1 1 'Structure model' repository 'Initial release' ?                          ? 
2 3 'Structure model' repository Remediation       'Carbohydrate remediation' ? 
# 
loop_
_pdbx_audit_revision_group.ordinal 
_pdbx_audit_revision_group.revision_ordinal 
_pdbx_audit_revision_group.data_content_type 
_pdbx_audit_revision_group.group 
1 2 'Structure model' 'Refinement description'    
2 2 'Structure model' 'Version format compliance' 
3 3 'Structure model' 'Data collection'           
4 3 'Structure model' 'Derived calculations'      
5 3 'Structure model' Other                       
6 3 'Structure model' 'Structure summary'         
7 4 'Structure model' 'Data collection'           
8 4 'Structure model' 'Database references'       
9 4 'Structure model' 'Structure summary'         
# 
loop_
_pdbx_audit_revision_category.ordinal 
_pdbx_audit_revision_category.revision_ordinal 
_pdbx_audit_revision_category.data_content_type 
_pdbx_audit_revision_category.category 
1  3 'Structure model' chem_comp                 
2  3 'Structure model' entity                    
3  3 'Structure model' pdbx_chem_comp_identifier 
4  3 'Structure model' pdbx_database_status      
5  3 'Structure model' pdbx_entity_nonpoly       
6  3 'Structure model' struct_site               
7  3 'Structure model' struct_site_gen           
8  4 'Structure model' chem_comp                 
9  4 'Structure model' chem_comp_atom            
10 4 'Structure model' chem_comp_bond            
11 4 'Structure model' database_2                
# 
loop_
_pdbx_audit_revision_item.ordinal 
_pdbx_audit_revision_item.revision_ordinal 
_pdbx_audit_revision_item.data_content_type 
_pdbx_audit_revision_item.item 
1 3 'Structure model' '_chem_comp.mon_nstd_flag'             
2 3 'Structure model' '_chem_comp.name'                      
3 3 'Structure model' '_chem_comp.type'                      
4 3 'Structure model' '_entity.pdbx_description'             
5 3 'Structure model' '_pdbx_database_status.status_code_sf' 
6 3 'Structure model' '_pdbx_entity_nonpoly.name'            
7 4 'Structure model' '_chem_comp.pdbx_synonyms'             
8 4 'Structure model' '_database_2.pdbx_DOI'                 
9 4 'Structure model' '_database_2.pdbx_database_accession'  
# 
_pdbx_database_status.status_code                     REL 
_pdbx_database_status.entry_id                        2VXK 
_pdbx_database_status.deposit_site                    PDBE 
_pdbx_database_status.process_site                    PDBE 
_pdbx_database_status.SG_entry                        . 
_pdbx_database_status.recvd_initial_deposition_date   2008-07-05 
_pdbx_database_status.pdb_format_compatible           Y 
_pdbx_database_status.status_code_sf                  REL 
_pdbx_database_status.status_code_mr                  ? 
_pdbx_database_status.status_code_cs                  ? 
_pdbx_database_status.methods_development_category    ? 
_pdbx_database_status.status_code_nmr_data            ? 
# 
_pdbx_database_related.db_name        PDB 
_pdbx_database_related.db_id          2VEZ 
_pdbx_database_related.content_type   unspecified 
_pdbx_database_related.details        
'AFGNA1 CRYSTAL STRUCTURE COMPLEXED WITH ACETYL -COA AND GLUCOSE-6P GIVES NEW INSIGHTS INTO CATALYSIS' 
# 
loop_
_audit_author.name 
_audit_author.pdbx_ordinal 
'Hurtado-Guerrero, R.' 1  
'Raimi, O.G.'          2  
'Min, J.'              3  
'Zeng, H.'             4  
'Vallius, L.'          5  
'Shepherd, S.'         6  
'Ibrahim, A.F.M.'      7  
'Wu, H.'               8  
'Plotnikov, A.N.'      9  
'van Aalten, D.M.F.'   10 
# 
_citation.id                        primary 
_citation.title                     
'Structural and Kinetic Differences between Human and Aspergillus Fumigatus D-Glucosamine-6- Phosphate N-Acetyltransferase.' 
_citation.journal_abbrev            Biochem.J. 
_citation.journal_volume            415 
_citation.page_first                217 
_citation.page_last                 ? 
_citation.year                      2008 
_citation.journal_id_ASTM           BIJOAK 
_citation.country                   UK 
_citation.journal_id_ISSN           0264-6021 
_citation.journal_id_CSD            0043 
_citation.book_publisher            ? 
_citation.pdbx_database_id_PubMed   18601654 
_citation.pdbx_database_id_DOI      10.1042/BJ20081000 
# 
loop_
_citation_author.citation_id 
_citation_author.name 
_citation_author.ordinal 
_citation_author.identifier_ORCID 
primary 'Hurtado-Guerrero, R.' 1  ? 
primary 'Raimi, O.G.'          2  ? 
primary 'Min, J.'              3  ? 
primary 'Zeng, H.'             4  ? 
primary 'Vallius, L.'          5  ? 
primary 'Shepherd, S.'         6  ? 
primary 'Ibrahim, A.F.M.'      7  ? 
primary 'Wu, H.'               8  ? 
primary 'Plotnikov, A.N.'      9  ? 
primary 'Van Aalten, D.M.F.'   10 ? 
# 
loop_
_entity.id 
_entity.type 
_entity.src_method 
_entity.pdbx_description 
_entity.formula_weight 
_entity.pdbx_number_of_molecules 
_entity.pdbx_ec 
_entity.pdbx_mutation 
_entity.pdbx_fragment 
_entity.details 
1 polymer     man 'GLUCOSAMINE 6-PHOSPHATE ACETYLTRANSFERASE'             21126.113 1   2.3.1.4 ? ? ? 
2 non-polymer man 2-acetamido-2-deoxy-6-O-phosphono-alpha-D-glucopyranose 301.188   1   ?       ? ? ? 
3 non-polymer syn 'PHOSPHATE ION'                                         94.971    1   ?       ? ? ? 
4 non-polymer syn 'COENZYME A'                                            767.534   1   ?       ? ? ? 
5 water       nat water                                                   18.015    144 ?       ? ? ? 
# 
_entity_name_com.entity_id   1 
_entity_name_com.name        AFGNA1 
# 
_entity_poly.entity_id                      1 
_entity_poly.type                           'polypeptide(L)' 
_entity_poly.nstd_linkage                   no 
_entity_poly.nstd_monomer                   no 
_entity_poly.pdbx_seq_one_letter_code       
;MTNATIAPTTTAAPVTKSVDAPTADENTPLFSPSLISPDVLAVLPADYTIRPLCRSDYKRGYLDVLRVLTTVGDINEEQW
NSRYEWIRARSDEYYLLVVCDGEGRIVGTGSLVVERKFIHSLGMVGHIEDIAVEKGQQGKKLGLRIIQALDYVAEKVGCY
KTILDCSEANEGFYIKCGFKRAGLEMAHYY
;
_entity_poly.pdbx_seq_one_letter_code_can   
;MTNATIAPTTTAAPVTKSVDAPTADENTPLFSPSLISPDVLAVLPADYTIRPLCRSDYKRGYLDVLRVLTTVGDINEEQW
NSRYEWIRARSDEYYLLVVCDGEGRIVGTGSLVVERKFIHSLGMVGHIEDIAVEKGQQGKKLGLRIIQALDYVAEKVGCY
KTILDCSEANEGFYIKCGFKRAGLEMAHYY
;
_entity_poly.pdbx_strand_id                 A 
_entity_poly.pdbx_target_identifier         ? 
# 
loop_
_pdbx_entity_nonpoly.entity_id 
_pdbx_entity_nonpoly.name 
_pdbx_entity_nonpoly.comp_id 
2 2-acetamido-2-deoxy-6-O-phosphono-alpha-D-glucopyranose 16G 
3 'PHOSPHATE ION'                                         PO4 
4 'COENZYME A'                                            COA 
5 water                                                   HOH 
# 
loop_
_entity_poly_seq.entity_id 
_entity_poly_seq.num 
_entity_poly_seq.mon_id 
_entity_poly_seq.hetero 
1 1   MET n 
1 2   THR n 
1 3   ASN n 
1 4   ALA n 
1 5   THR n 
1 6   ILE n 
1 7   ALA n 
1 8   PRO n 
1 9   THR n 
1 10  THR n 
1 11  THR n 
1 12  ALA n 
1 13  ALA n 
1 14  PRO n 
1 15  VAL n 
1 16  THR n 
1 17  LYS n 
1 18  SER n 
1 19  VAL n 
1 20  ASP n 
1 21  ALA n 
1 22  PRO n 
1 23  THR n 
1 24  ALA n 
1 25  ASP n 
1 26  GLU n 
1 27  ASN n 
1 28  THR n 
1 29  PRO n 
1 30  LEU n 
1 31  PHE n 
1 32  SER n 
1 33  PRO n 
1 34  SER n 
1 35  LEU n 
1 36  ILE n 
1 37  SER n 
1 38  PRO n 
1 39  ASP n 
1 40  VAL n 
1 41  LEU n 
1 42  ALA n 
1 43  VAL n 
1 44  LEU n 
1 45  PRO n 
1 46  ALA n 
1 47  ASP n 
1 48  TYR n 
1 49  THR n 
1 50  ILE n 
1 51  ARG n 
1 52  PRO n 
1 53  LEU n 
1 54  CYS n 
1 55  ARG n 
1 56  SER n 
1 57  ASP n 
1 58  TYR n 
1 59  LYS n 
1 60  ARG n 
1 61  GLY n 
1 62  TYR n 
1 63  LEU n 
1 64  ASP n 
1 65  VAL n 
1 66  LEU n 
1 67  ARG n 
1 68  VAL n 
1 69  LEU n 
1 70  THR n 
1 71  THR n 
1 72  VAL n 
1 73  GLY n 
1 74  ASP n 
1 75  ILE n 
1 76  ASN n 
1 77  GLU n 
1 78  GLU n 
1 79  GLN n 
1 80  TRP n 
1 81  ASN n 
1 82  SER n 
1 83  ARG n 
1 84  TYR n 
1 85  GLU n 
1 86  TRP n 
1 87  ILE n 
1 88  ARG n 
1 89  ALA n 
1 90  ARG n 
1 91  SER n 
1 92  ASP n 
1 93  GLU n 
1 94  TYR n 
1 95  TYR n 
1 96  LEU n 
1 97  LEU n 
1 98  VAL n 
1 99  VAL n 
1 100 CYS n 
1 101 ASP n 
1 102 GLY n 
1 103 GLU n 
1 104 GLY n 
1 105 ARG n 
1 106 ILE n 
1 107 VAL n 
1 108 GLY n 
1 109 THR n 
1 110 GLY n 
1 111 SER n 
1 112 LEU n 
1 113 VAL n 
1 114 VAL n 
1 115 GLU n 
1 116 ARG n 
1 117 LYS n 
1 118 PHE n 
1 119 ILE n 
1 120 HIS n 
1 121 SER n 
1 122 LEU n 
1 123 GLY n 
1 124 MET n 
1 125 VAL n 
1 126 GLY n 
1 127 HIS n 
1 128 ILE n 
1 129 GLU n 
1 130 ASP n 
1 131 ILE n 
1 132 ALA n 
1 133 VAL n 
1 134 GLU n 
1 135 LYS n 
1 136 GLY n 
1 137 GLN n 
1 138 GLN n 
1 139 GLY n 
1 140 LYS n 
1 141 LYS n 
1 142 LEU n 
1 143 GLY n 
1 144 LEU n 
1 145 ARG n 
1 146 ILE n 
1 147 ILE n 
1 148 GLN n 
1 149 ALA n 
1 150 LEU n 
1 151 ASP n 
1 152 TYR n 
1 153 VAL n 
1 154 ALA n 
1 155 GLU n 
1 156 LYS n 
1 157 VAL n 
1 158 GLY n 
1 159 CYS n 
1 160 TYR n 
1 161 LYS n 
1 162 THR n 
1 163 ILE n 
1 164 LEU n 
1 165 ASP n 
1 166 CYS n 
1 167 SER n 
1 168 GLU n 
1 169 ALA n 
1 170 ASN n 
1 171 GLU n 
1 172 GLY n 
1 173 PHE n 
1 174 TYR n 
1 175 ILE n 
1 176 LYS n 
1 177 CYS n 
1 178 GLY n 
1 179 PHE n 
1 180 LYS n 
1 181 ARG n 
1 182 ALA n 
1 183 GLY n 
1 184 LEU n 
1 185 GLU n 
1 186 MET n 
1 187 ALA n 
1 188 HIS n 
1 189 TYR n 
1 190 TYR n 
# 
_entity_src_gen.entity_id                          1 
_entity_src_gen.pdbx_src_id                        1 
_entity_src_gen.pdbx_alt_source_flag               sample 
_entity_src_gen.pdbx_seq_type                      ? 
_entity_src_gen.pdbx_beg_seq_num                   ? 
_entity_src_gen.pdbx_end_seq_num                   ? 
_entity_src_gen.gene_src_common_name               ? 
_entity_src_gen.gene_src_genus                     ? 
_entity_src_gen.pdbx_gene_src_gene                 ? 
_entity_src_gen.gene_src_species                   ? 
_entity_src_gen.gene_src_strain                    ? 
_entity_src_gen.gene_src_tissue                    ? 
_entity_src_gen.gene_src_tissue_fraction           ? 
_entity_src_gen.gene_src_details                   ? 
_entity_src_gen.pdbx_gene_src_fragment             ? 
_entity_src_gen.pdbx_gene_src_scientific_name      'ASPERGILLUS FUMIGATUS' 
_entity_src_gen.pdbx_gene_src_ncbi_taxonomy_id     5085 
_entity_src_gen.pdbx_gene_src_variant              ? 
_entity_src_gen.pdbx_gene_src_cell_line            ? 
_entity_src_gen.pdbx_gene_src_atcc                 ? 
_entity_src_gen.pdbx_gene_src_organ                ? 
_entity_src_gen.pdbx_gene_src_organelle            ? 
_entity_src_gen.pdbx_gene_src_cell                 ? 
_entity_src_gen.pdbx_gene_src_cellular_location    ? 
_entity_src_gen.host_org_common_name               ? 
_entity_src_gen.pdbx_host_org_scientific_name      'ESCHERICHIA COLI' 
_entity_src_gen.pdbx_host_org_ncbi_taxonomy_id     469008 
_entity_src_gen.host_org_genus                     ? 
_entity_src_gen.pdbx_host_org_gene                 ? 
_entity_src_gen.pdbx_host_org_organ                ? 
_entity_src_gen.host_org_species                   ? 
_entity_src_gen.pdbx_host_org_tissue               ? 
_entity_src_gen.pdbx_host_org_tissue_fraction      ? 
_entity_src_gen.pdbx_host_org_strain               'BL21(DE3)PLYSS' 
_entity_src_gen.pdbx_host_org_variant              ? 
_entity_src_gen.pdbx_host_org_cell_line            ? 
_entity_src_gen.pdbx_host_org_atcc                 ? 
_entity_src_gen.pdbx_host_org_culture_collection   ? 
_entity_src_gen.pdbx_host_org_cell                 ? 
_entity_src_gen.pdbx_host_org_organelle            ? 
_entity_src_gen.pdbx_host_org_cellular_location    ? 
_entity_src_gen.pdbx_host_org_vector_type          PLASMID 
_entity_src_gen.pdbx_host_org_vector               ? 
_entity_src_gen.host_org_details                   ? 
_entity_src_gen.expression_system_id               ? 
_entity_src_gen.plasmid_name                       PGEX6P1 
_entity_src_gen.plasmid_details                    ? 
_entity_src_gen.pdbx_description                   ? 
# 
loop_
_chem_comp.id 
_chem_comp.type 
_chem_comp.mon_nstd_flag 
_chem_comp.name 
_chem_comp.pdbx_synonyms 
_chem_comp.formula 
_chem_comp.formula_weight 
16G 'D-saccharide, alpha linking' n 2-acetamido-2-deoxy-6-O-phosphono-alpha-D-glucopyranose 
;N-ACETYL-D-GLUCOSAMINE-6-PHOSPHATE; N-acetyl-6-O-phosphono-alpha-D-glucosamine; 2-acetamido-2-deoxy-6-O-phosphono-alpha-D-glucose; 2-acetamido-2-deoxy-6-O-phosphono-D-glucose; 2-acetamido-2-deoxy-6-O-phosphono-glucose
;
'C8 H16 N O9 P'       301.188 
ALA 'L-peptide linking'           y ALANINE                                                 ? 'C3 H7 N O2'          89.093  
ARG 'L-peptide linking'           y ARGININE                                                ? 'C6 H15 N4 O2 1'      175.209 
ASN 'L-peptide linking'           y ASPARAGINE                                              ? 'C4 H8 N2 O3'         132.118 
ASP 'L-peptide linking'           y 'ASPARTIC ACID'                                         ? 'C4 H7 N O4'          133.103 
COA non-polymer                   . 'COENZYME A'                                            ? 'C21 H36 N7 O16 P3 S' 767.534 
CYS 'L-peptide linking'           y CYSTEINE                                                ? 'C3 H7 N O2 S'        121.158 
GLN 'L-peptide linking'           y GLUTAMINE                                               ? 'C5 H10 N2 O3'        146.144 
GLU 'L-peptide linking'           y 'GLUTAMIC ACID'                                         ? 'C5 H9 N O4'          147.129 
GLY 'peptide linking'             y GLYCINE                                                 ? 'C2 H5 N O2'          75.067  
HIS 'L-peptide linking'           y HISTIDINE                                               ? 'C6 H10 N3 O2 1'      156.162 
HOH non-polymer                   . WATER                                                   ? 'H2 O'                18.015  
ILE 'L-peptide linking'           y ISOLEUCINE                                              ? 'C6 H13 N O2'         131.173 
LEU 'L-peptide linking'           y LEUCINE                                                 ? 'C6 H13 N O2'         131.173 
LYS 'L-peptide linking'           y LYSINE                                                  ? 'C6 H15 N2 O2 1'      147.195 
MET 'L-peptide linking'           y METHIONINE                                              ? 'C5 H11 N O2 S'       149.211 
PHE 'L-peptide linking'           y PHENYLALANINE                                           ? 'C9 H11 N O2'         165.189 
PO4 non-polymer                   . 'PHOSPHATE ION'                                         ? 'O4 P -3'             94.971  
PRO 'L-peptide linking'           y PROLINE                                                 ? 'C5 H9 N O2'          115.130 
SER 'L-peptide linking'           y SERINE                                                  ? 'C3 H7 N O3'          105.093 
THR 'L-peptide linking'           y THREONINE                                               ? 'C4 H9 N O3'          119.119 
TRP 'L-peptide linking'           y TRYPTOPHAN                                              ? 'C11 H12 N2 O2'       204.225 
TYR 'L-peptide linking'           y TYROSINE                                                ? 'C9 H11 N O3'         181.189 
VAL 'L-peptide linking'           y VALINE                                                  ? 'C5 H11 N O2'         117.146 
# 
_pdbx_chem_comp_identifier.comp_id           16G 
_pdbx_chem_comp_identifier.type              'IUPAC CARBOHYDRATE SYMBOL' 
_pdbx_chem_comp_identifier.program           PDB-CARE 
_pdbx_chem_comp_identifier.program_version   1.0 
_pdbx_chem_comp_identifier.identifier        a-D-GlcpNAc6PO3 
# 
loop_
_pdbx_poly_seq_scheme.asym_id 
_pdbx_poly_seq_scheme.entity_id 
_pdbx_poly_seq_scheme.seq_id 
_pdbx_poly_seq_scheme.mon_id 
_pdbx_poly_seq_scheme.ndb_seq_num 
_pdbx_poly_seq_scheme.pdb_seq_num 
_pdbx_poly_seq_scheme.auth_seq_num 
_pdbx_poly_seq_scheme.pdb_mon_id 
_pdbx_poly_seq_scheme.auth_mon_id 
_pdbx_poly_seq_scheme.pdb_strand_id 
_pdbx_poly_seq_scheme.pdb_ins_code 
_pdbx_poly_seq_scheme.hetero 
A 1 1   MET 1   1   ?   ?   ?   A . n 
A 1 2   THR 2   2   ?   ?   ?   A . n 
A 1 3   ASN 3   3   ?   ?   ?   A . n 
A 1 4   ALA 4   4   ?   ?   ?   A . n 
A 1 5   THR 5   5   ?   ?   ?   A . n 
A 1 6   ILE 6   6   ?   ?   ?   A . n 
A 1 7   ALA 7   7   ?   ?   ?   A . n 
A 1 8   PRO 8   8   ?   ?   ?   A . n 
A 1 9   THR 9   9   ?   ?   ?   A . n 
A 1 10  THR 10  10  ?   ?   ?   A . n 
A 1 11  THR 11  11  ?   ?   ?   A . n 
A 1 12  ALA 12  12  ?   ?   ?   A . n 
A 1 13  ALA 13  13  ?   ?   ?   A . n 
A 1 14  PRO 14  14  ?   ?   ?   A . n 
A 1 15  VAL 15  15  ?   ?   ?   A . n 
A 1 16  THR 16  16  ?   ?   ?   A . n 
A 1 17  LYS 17  17  ?   ?   ?   A . n 
A 1 18  SER 18  18  ?   ?   ?   A . n 
A 1 19  VAL 19  19  ?   ?   ?   A . n 
A 1 20  ASP 20  20  ?   ?   ?   A . n 
A 1 21  ALA 21  21  ?   ?   ?   A . n 
A 1 22  PRO 22  22  ?   ?   ?   A . n 
A 1 23  THR 23  23  ?   ?   ?   A . n 
A 1 24  ALA 24  24  ?   ?   ?   A . n 
A 1 25  ASP 25  25  ?   ?   ?   A . n 
A 1 26  GLU 26  26  26  GLU GLU A . n 
A 1 27  ASN 27  27  27  ASN ASN A . n 
A 1 28  THR 28  28  28  THR THR A . n 
A 1 29  PRO 29  29  29  PRO PRO A . n 
A 1 30  LEU 30  30  30  LEU LEU A . n 
A 1 31  PHE 31  31  31  PHE PHE A . n 
A 1 32  SER 32  32  32  SER SER A . n 
A 1 33  PRO 33  33  33  PRO PRO A . n 
A 1 34  SER 34  34  34  SER SER A . n 
A 1 35  LEU 35  35  35  LEU LEU A . n 
A 1 36  ILE 36  36  36  ILE ILE A . n 
A 1 37  SER 37  37  37  SER SER A . n 
A 1 38  PRO 38  38  38  PRO PRO A . n 
A 1 39  ASP 39  39  39  ASP ASP A . n 
A 1 40  VAL 40  40  40  VAL VAL A . n 
A 1 41  LEU 41  41  41  LEU LEU A . n 
A 1 42  ALA 42  42  42  ALA ALA A . n 
A 1 43  VAL 43  43  43  VAL VAL A . n 
A 1 44  LEU 44  44  44  LEU LEU A . n 
A 1 45  PRO 45  45  45  PRO PRO A . n 
A 1 46  ALA 46  46  46  ALA ALA A . n 
A 1 47  ASP 47  47  47  ASP ASP A . n 
A 1 48  TYR 48  48  48  TYR TYR A . n 
A 1 49  THR 49  49  49  THR THR A . n 
A 1 50  ILE 50  50  50  ILE ILE A . n 
A 1 51  ARG 51  51  51  ARG ARG A . n 
A 1 52  PRO 52  52  52  PRO PRO A . n 
A 1 53  LEU 53  53  53  LEU LEU A . n 
A 1 54  CYS 54  54  54  CYS CYS A . n 
A 1 55  ARG 55  55  55  ARG ARG A . n 
A 1 56  SER 56  56  56  SER SER A . n 
A 1 57  ASP 57  57  57  ASP ASP A . n 
A 1 58  TYR 58  58  58  TYR TYR A . n 
A 1 59  LYS 59  59  59  LYS LYS A . n 
A 1 60  ARG 60  60  60  ARG ARG A . n 
A 1 61  GLY 61  61  61  GLY GLY A . n 
A 1 62  TYR 62  62  62  TYR TYR A . n 
A 1 63  LEU 63  63  63  LEU LEU A . n 
A 1 64  ASP 64  64  64  ASP ASP A . n 
A 1 65  VAL 65  65  65  VAL VAL A . n 
A 1 66  LEU 66  66  66  LEU LEU A . n 
A 1 67  ARG 67  67  67  ARG ARG A . n 
A 1 68  VAL 68  68  68  VAL VAL A . n 
A 1 69  LEU 69  69  69  LEU LEU A . n 
A 1 70  THR 70  70  70  THR THR A . n 
A 1 71  THR 71  71  71  THR THR A . n 
A 1 72  VAL 72  72  72  VAL VAL A . n 
A 1 73  GLY 73  73  73  GLY GLY A . n 
A 1 74  ASP 74  74  74  ASP ASP A . n 
A 1 75  ILE 75  75  75  ILE ILE A . n 
A 1 76  ASN 76  76  76  ASN ASN A . n 
A 1 77  GLU 77  77  77  GLU GLU A . n 
A 1 78  GLU 78  78  78  GLU GLU A . n 
A 1 79  GLN 79  79  79  GLN GLN A . n 
A 1 80  TRP 80  80  80  TRP TRP A . n 
A 1 81  ASN 81  81  81  ASN ASN A . n 
A 1 82  SER 82  82  82  SER SER A . n 
A 1 83  ARG 83  83  83  ARG ARG A . n 
A 1 84  TYR 84  84  84  TYR TYR A . n 
A 1 85  GLU 85  85  85  GLU GLU A . n 
A 1 86  TRP 86  86  86  TRP TRP A . n 
A 1 87  ILE 87  87  87  ILE ILE A . n 
A 1 88  ARG 88  88  88  ARG ARG A . n 
A 1 89  ALA 89  89  89  ALA ALA A . n 
A 1 90  ARG 90  90  90  ARG ARG A . n 
A 1 91  SER 91  91  91  SER SER A . n 
A 1 92  ASP 92  92  92  ASP ASP A . n 
A 1 93  GLU 93  93  93  GLU GLU A . n 
A 1 94  TYR 94  94  94  TYR TYR A . n 
A 1 95  TYR 95  95  95  TYR TYR A . n 
A 1 96  LEU 96  96  96  LEU LEU A . n 
A 1 97  LEU 97  97  97  LEU LEU A . n 
A 1 98  VAL 98  98  98  VAL VAL A . n 
A 1 99  VAL 99  99  99  VAL VAL A . n 
A 1 100 CYS 100 100 100 CYS CYS A . n 
A 1 101 ASP 101 101 101 ASP ASP A . n 
A 1 102 GLY 102 102 102 GLY GLY A . n 
A 1 103 GLU 103 103 103 GLU GLU A . n 
A 1 104 GLY 104 104 104 GLY GLY A . n 
A 1 105 ARG 105 105 105 ARG ARG A . n 
A 1 106 ILE 106 106 106 ILE ILE A . n 
A 1 107 VAL 107 107 107 VAL VAL A . n 
A 1 108 GLY 108 108 108 GLY GLY A . n 
A 1 109 THR 109 109 109 THR THR A . n 
A 1 110 GLY 110 110 110 GLY GLY A . n 
A 1 111 SER 111 111 111 SER SER A . n 
A 1 112 LEU 112 112 112 LEU LEU A . n 
A 1 113 VAL 113 113 113 VAL VAL A . n 
A 1 114 VAL 114 114 114 VAL VAL A . n 
A 1 115 GLU 115 115 115 GLU GLU A . n 
A 1 116 ARG 116 116 116 ARG ARG A . n 
A 1 117 LYS 117 117 117 LYS LYS A . n 
A 1 118 PHE 118 118 118 PHE PHE A . n 
A 1 119 ILE 119 119 119 ILE ILE A . n 
A 1 120 HIS 120 120 120 HIS HIS A . n 
A 1 121 SER 121 121 121 SER SER A . n 
A 1 122 LEU 122 122 122 LEU LEU A . n 
A 1 123 GLY 123 123 123 GLY GLY A . n 
A 1 124 MET 124 124 124 MET MET A . n 
A 1 125 VAL 125 125 125 VAL VAL A . n 
A 1 126 GLY 126 126 126 GLY GLY A . n 
A 1 127 HIS 127 127 127 HIS HIS A . n 
A 1 128 ILE 128 128 128 ILE ILE A . n 
A 1 129 GLU 129 129 129 GLU GLU A . n 
A 1 130 ASP 130 130 130 ASP ASP A . n 
A 1 131 ILE 131 131 131 ILE ILE A . n 
A 1 132 ALA 132 132 132 ALA ALA A . n 
A 1 133 VAL 133 133 133 VAL VAL A . n 
A 1 134 GLU 134 134 134 GLU GLU A . n 
A 1 135 LYS 135 135 135 LYS LYS A . n 
A 1 136 GLY 136 136 136 GLY GLY A . n 
A 1 137 GLN 137 137 137 GLN GLN A . n 
A 1 138 GLN 138 138 138 GLN GLN A . n 
A 1 139 GLY 139 139 139 GLY GLY A . n 
A 1 140 LYS 140 140 140 LYS LYS A . n 
A 1 141 LYS 141 141 141 LYS LYS A . n 
A 1 142 LEU 142 142 142 LEU LEU A . n 
A 1 143 GLY 143 143 143 GLY GLY A . n 
A 1 144 LEU 144 144 144 LEU LEU A . n 
A 1 145 ARG 145 145 145 ARG ARG A . n 
A 1 146 ILE 146 146 146 ILE ILE A . n 
A 1 147 ILE 147 147 147 ILE ILE A . n 
A 1 148 GLN 148 148 148 GLN GLN A . n 
A 1 149 ALA 149 149 149 ALA ALA A . n 
A 1 150 LEU 150 150 150 LEU LEU A . n 
A 1 151 ASP 151 151 151 ASP ASP A . n 
A 1 152 TYR 152 152 152 TYR TYR A . n 
A 1 153 VAL 153 153 153 VAL VAL A . n 
A 1 154 ALA 154 154 154 ALA ALA A . n 
A 1 155 GLU 155 155 155 GLU GLU A . n 
A 1 156 LYS 156 156 156 LYS LYS A . n 
A 1 157 VAL 157 157 157 VAL VAL A . n 
A 1 158 GLY 158 158 158 GLY GLY A . n 
A 1 159 CYS 159 159 159 CYS CYS A . n 
A 1 160 TYR 160 160 160 TYR TYR A . n 
A 1 161 LYS 161 161 161 LYS LYS A . n 
A 1 162 THR 162 162 162 THR THR A . n 
A 1 163 ILE 163 163 163 ILE ILE A . n 
A 1 164 LEU 164 164 164 LEU LEU A . n 
A 1 165 ASP 165 165 165 ASP ASP A . n 
A 1 166 CYS 166 166 166 CYS CYS A . n 
A 1 167 SER 167 167 167 SER SER A . n 
A 1 168 GLU 168 168 168 GLU GLU A . n 
A 1 169 ALA 169 169 169 ALA ALA A . n 
A 1 170 ASN 170 170 170 ASN ASN A . n 
A 1 171 GLU 171 171 171 GLU GLU A . n 
A 1 172 GLY 172 172 172 GLY GLY A . n 
A 1 173 PHE 173 173 173 PHE PHE A . n 
A 1 174 TYR 174 174 174 TYR TYR A . n 
A 1 175 ILE 175 175 175 ILE ILE A . n 
A 1 176 LYS 176 176 176 LYS LYS A . n 
A 1 177 CYS 177 177 177 CYS CYS A . n 
A 1 178 GLY 178 178 178 GLY GLY A . n 
A 1 179 PHE 179 179 179 PHE PHE A . n 
A 1 180 LYS 180 180 180 LYS LYS A . n 
A 1 181 ARG 181 181 181 ARG ARG A . n 
A 1 182 ALA 182 182 182 ALA ALA A . n 
A 1 183 GLY 183 183 183 GLY GLY A . n 
A 1 184 LEU 184 184 184 LEU LEU A . n 
A 1 185 GLU 185 185 185 GLU GLU A . n 
A 1 186 MET 186 186 186 MET MET A . n 
A 1 187 ALA 187 187 187 ALA ALA A . n 
A 1 188 HIS 188 188 188 HIS HIS A . n 
A 1 189 TYR 189 189 189 TYR TYR A . n 
A 1 190 TYR 190 190 190 TYR TYR A . n 
# 
loop_
_pdbx_nonpoly_scheme.asym_id 
_pdbx_nonpoly_scheme.entity_id 
_pdbx_nonpoly_scheme.mon_id 
_pdbx_nonpoly_scheme.ndb_seq_num 
_pdbx_nonpoly_scheme.pdb_seq_num 
_pdbx_nonpoly_scheme.auth_seq_num 
_pdbx_nonpoly_scheme.pdb_mon_id 
_pdbx_nonpoly_scheme.auth_mon_id 
_pdbx_nonpoly_scheme.pdb_strand_id 
_pdbx_nonpoly_scheme.pdb_ins_code 
B 2 16G 1   1191 1191 16G 16G A . 
C 3 PO4 1   1192 1192 PO4 PO4 A . 
D 4 COA 1   1193 1193 COA COA A . 
E 5 HOH 1   2001 2001 HOH HOH A . 
E 5 HOH 2   2002 2002 HOH HOH A . 
E 5 HOH 3   2003 2003 HOH HOH A . 
E 5 HOH 4   2004 2004 HOH HOH A . 
E 5 HOH 5   2005 2005 HOH HOH A . 
E 5 HOH 6   2006 2006 HOH HOH A . 
E 5 HOH 7   2007 2007 HOH HOH A . 
E 5 HOH 8   2008 2008 HOH HOH A . 
E 5 HOH 9   2009 2009 HOH HOH A . 
E 5 HOH 10  2010 2010 HOH HOH A . 
E 5 HOH 11  2011 2011 HOH HOH A . 
E 5 HOH 12  2012 2012 HOH HOH A . 
E 5 HOH 13  2013 2013 HOH HOH A . 
E 5 HOH 14  2014 2014 HOH HOH A . 
E 5 HOH 15  2015 2015 HOH HOH A . 
E 5 HOH 16  2016 2016 HOH HOH A . 
E 5 HOH 17  2017 2017 HOH HOH A . 
E 5 HOH 18  2018 2018 HOH HOH A . 
E 5 HOH 19  2019 2019 HOH HOH A . 
E 5 HOH 20  2020 2020 HOH HOH A . 
E 5 HOH 21  2021 2021 HOH HOH A . 
E 5 HOH 22  2022 2022 HOH HOH A . 
E 5 HOH 23  2023 2023 HOH HOH A . 
E 5 HOH 24  2024 2024 HOH HOH A . 
E 5 HOH 25  2025 2025 HOH HOH A . 
E 5 HOH 26  2026 2026 HOH HOH A . 
E 5 HOH 27  2027 2027 HOH HOH A . 
E 5 HOH 28  2028 2028 HOH HOH A . 
E 5 HOH 29  2029 2029 HOH HOH A . 
E 5 HOH 30  2030 2030 HOH HOH A . 
E 5 HOH 31  2031 2031 HOH HOH A . 
E 5 HOH 32  2032 2032 HOH HOH A . 
E 5 HOH 33  2033 2033 HOH HOH A . 
E 5 HOH 34  2034 2034 HOH HOH A . 
E 5 HOH 35  2035 2035 HOH HOH A . 
E 5 HOH 36  2036 2036 HOH HOH A . 
E 5 HOH 37  2037 2037 HOH HOH A . 
E 5 HOH 38  2038 2038 HOH HOH A . 
E 5 HOH 39  2039 2039 HOH HOH A . 
E 5 HOH 40  2040 2040 HOH HOH A . 
E 5 HOH 41  2041 2041 HOH HOH A . 
E 5 HOH 42  2042 2042 HOH HOH A . 
E 5 HOH 43  2043 2043 HOH HOH A . 
E 5 HOH 44  2044 2044 HOH HOH A . 
E 5 HOH 45  2045 2045 HOH HOH A . 
E 5 HOH 46  2046 2046 HOH HOH A . 
E 5 HOH 47  2047 2047 HOH HOH A . 
E 5 HOH 48  2048 2048 HOH HOH A . 
E 5 HOH 49  2049 2049 HOH HOH A . 
E 5 HOH 50  2050 2050 HOH HOH A . 
E 5 HOH 51  2051 2051 HOH HOH A . 
E 5 HOH 52  2052 2052 HOH HOH A . 
E 5 HOH 53  2053 2053 HOH HOH A . 
E 5 HOH 54  2054 2054 HOH HOH A . 
E 5 HOH 55  2055 2055 HOH HOH A . 
E 5 HOH 56  2056 2056 HOH HOH A . 
E 5 HOH 57  2057 2057 HOH HOH A . 
E 5 HOH 58  2058 2058 HOH HOH A . 
E 5 HOH 59  2059 2059 HOH HOH A . 
E 5 HOH 60  2060 2060 HOH HOH A . 
E 5 HOH 61  2061 2061 HOH HOH A . 
E 5 HOH 62  2062 2062 HOH HOH A . 
E 5 HOH 63  2063 2063 HOH HOH A . 
E 5 HOH 64  2064 2064 HOH HOH A . 
E 5 HOH 65  2065 2065 HOH HOH A . 
E 5 HOH 66  2066 2066 HOH HOH A . 
E 5 HOH 67  2067 2067 HOH HOH A . 
E 5 HOH 68  2068 2068 HOH HOH A . 
E 5 HOH 69  2069 2069 HOH HOH A . 
E 5 HOH 70  2070 2070 HOH HOH A . 
E 5 HOH 71  2071 2071 HOH HOH A . 
E 5 HOH 72  2072 2072 HOH HOH A . 
E 5 HOH 73  2073 2073 HOH HOH A . 
E 5 HOH 74  2074 2074 HOH HOH A . 
E 5 HOH 75  2075 2075 HOH HOH A . 
E 5 HOH 76  2076 2076 HOH HOH A . 
E 5 HOH 77  2077 2077 HOH HOH A . 
E 5 HOH 78  2078 2078 HOH HOH A . 
E 5 HOH 79  2079 2079 HOH HOH A . 
E 5 HOH 80  2080 2080 HOH HOH A . 
E 5 HOH 81  2081 2081 HOH HOH A . 
E 5 HOH 82  2082 2082 HOH HOH A . 
E 5 HOH 83  2083 2083 HOH HOH A . 
E 5 HOH 84  2084 2084 HOH HOH A . 
E 5 HOH 85  2085 2085 HOH HOH A . 
E 5 HOH 86  2086 2086 HOH HOH A . 
E 5 HOH 87  2087 2087 HOH HOH A . 
E 5 HOH 88  2088 2088 HOH HOH A . 
E 5 HOH 89  2089 2089 HOH HOH A . 
E 5 HOH 90  2090 2090 HOH HOH A . 
E 5 HOH 91  2091 2091 HOH HOH A . 
E 5 HOH 92  2092 2092 HOH HOH A . 
E 5 HOH 93  2093 2093 HOH HOH A . 
E 5 HOH 94  2094 2094 HOH HOH A . 
E 5 HOH 95  2095 2095 HOH HOH A . 
E 5 HOH 96  2096 2096 HOH HOH A . 
E 5 HOH 97  2097 2097 HOH HOH A . 
E 5 HOH 98  2098 2098 HOH HOH A . 
E 5 HOH 99  2099 2099 HOH HOH A . 
E 5 HOH 100 2100 2100 HOH HOH A . 
E 5 HOH 101 2101 2101 HOH HOH A . 
E 5 HOH 102 2102 2102 HOH HOH A . 
E 5 HOH 103 2103 2103 HOH HOH A . 
E 5 HOH 104 2104 2104 HOH HOH A . 
E 5 HOH 105 2105 2105 HOH HOH A . 
E 5 HOH 106 2106 2106 HOH HOH A . 
E 5 HOH 107 2107 2107 HOH HOH A . 
E 5 HOH 108 2108 2108 HOH HOH A . 
E 5 HOH 109 2109 2109 HOH HOH A . 
E 5 HOH 110 2110 2110 HOH HOH A . 
E 5 HOH 111 2111 2111 HOH HOH A . 
E 5 HOH 112 2112 2112 HOH HOH A . 
E 5 HOH 113 2113 2113 HOH HOH A . 
E 5 HOH 114 2114 2114 HOH HOH A . 
E 5 HOH 115 2115 2115 HOH HOH A . 
E 5 HOH 116 2116 2116 HOH HOH A . 
E 5 HOH 117 2117 2117 HOH HOH A . 
E 5 HOH 118 2118 2118 HOH HOH A . 
E 5 HOH 119 2119 2119 HOH HOH A . 
E 5 HOH 120 2120 2120 HOH HOH A . 
E 5 HOH 121 2121 2121 HOH HOH A . 
E 5 HOH 122 2122 2122 HOH HOH A . 
E 5 HOH 123 2123 2123 HOH HOH A . 
E 5 HOH 124 2124 2124 HOH HOH A . 
E 5 HOH 125 2125 2125 HOH HOH A . 
E 5 HOH 126 2126 2126 HOH HOH A . 
E 5 HOH 127 2127 2127 HOH HOH A . 
E 5 HOH 128 2128 2128 HOH HOH A . 
E 5 HOH 129 2129 2129 HOH HOH A . 
E 5 HOH 130 2130 2130 HOH HOH A . 
E 5 HOH 131 2131 2131 HOH HOH A . 
E 5 HOH 132 2132 2132 HOH HOH A . 
E 5 HOH 133 2133 2133 HOH HOH A . 
E 5 HOH 134 2134 2134 HOH HOH A . 
E 5 HOH 135 2135 2135 HOH HOH A . 
E 5 HOH 136 2136 2136 HOH HOH A . 
E 5 HOH 137 2137 2137 HOH HOH A . 
E 5 HOH 138 2138 2138 HOH HOH A . 
E 5 HOH 139 2139 2139 HOH HOH A . 
E 5 HOH 140 2140 2140 HOH HOH A . 
E 5 HOH 141 2141 2141 HOH HOH A . 
E 5 HOH 142 2142 2142 HOH HOH A . 
E 5 HOH 143 2143 2143 HOH HOH A . 
E 5 HOH 144 2144 2144 HOH HOH A . 
# 
loop_
_pdbx_unobs_or_zero_occ_atoms.id 
_pdbx_unobs_or_zero_occ_atoms.PDB_model_num 
_pdbx_unobs_or_zero_occ_atoms.polymer_flag 
_pdbx_unobs_or_zero_occ_atoms.occupancy_flag 
_pdbx_unobs_or_zero_occ_atoms.auth_asym_id 
_pdbx_unobs_or_zero_occ_atoms.auth_comp_id 
_pdbx_unobs_or_zero_occ_atoms.auth_seq_id 
_pdbx_unobs_or_zero_occ_atoms.PDB_ins_code 
_pdbx_unobs_or_zero_occ_atoms.auth_atom_id 
_pdbx_unobs_or_zero_occ_atoms.label_alt_id 
_pdbx_unobs_or_zero_occ_atoms.label_asym_id 
_pdbx_unobs_or_zero_occ_atoms.label_comp_id 
_pdbx_unobs_or_zero_occ_atoms.label_seq_id 
_pdbx_unobs_or_zero_occ_atoms.label_atom_id 
1 1 N 1 A COA 1193 ? C6P ? D COA 1 C6P 
2 1 N 1 A COA 1193 ? C5P ? D COA 1 C5P 
3 1 N 1 A COA 1193 ? O5P ? D COA 1 O5P 
4 1 N 1 A COA 1193 ? N4P ? D COA 1 N4P 
5 1 N 1 A COA 1193 ? C3P ? D COA 1 C3P 
6 1 N 1 A COA 1193 ? C2P ? D COA 1 C2P 
7 1 N 1 A COA 1193 ? S1P ? D COA 1 S1P 
# 
_software.name             REFMAC 
_software.classification   refinement 
_software.version          5.2.0005 
_software.citation_id      ? 
_software.pdbx_ordinal     1 
# 
_cell.entry_id           2VXK 
_cell.length_a           70.606 
_cell.length_b           100.826 
_cell.length_c           55.350 
_cell.angle_alpha        90.00 
_cell.angle_beta         90.00 
_cell.angle_gamma        90.00 
_cell.Z_PDB              8 
_cell.pdbx_unique_axis   ? 
# 
_symmetry.entry_id                         2VXK 
_symmetry.space_group_name_H-M             'C 2 2 21' 
_symmetry.pdbx_full_space_group_name_H-M   ? 
_symmetry.cell_setting                     ? 
_symmetry.Int_Tables_number                20 
# 
_exptl.entry_id          2VXK 
_exptl.method            'X-RAY DIFFRACTION' 
_exptl.crystals_number   ? 
# 
_exptl_crystal.id                    1 
_exptl_crystal.density_meas          ? 
_exptl_crystal.density_Matthews      2.19 
_exptl_crystal.density_percent_sol   43.27 
_exptl_crystal.description           NONE 
# 
_diffrn.id                     1 
_diffrn.ambient_temp           10 
_diffrn.ambient_temp_details   ? 
_diffrn.crystal_id             1 
# 
_diffrn_detector.diffrn_id              1 
_diffrn_detector.detector               CCD 
_diffrn_detector.type                   MARRESEARCH 
_diffrn_detector.pdbx_collection_date   ? 
_diffrn_detector.details                ? 
# 
_diffrn_radiation.diffrn_id                        1 
_diffrn_radiation.wavelength_id                    1 
_diffrn_radiation.pdbx_monochromatic_or_laue_m_l   M 
_diffrn_radiation.monochromator                    ? 
_diffrn_radiation.pdbx_diffrn_protocol             'SINGLE WAVELENGTH' 
_diffrn_radiation.pdbx_scattering_type             x-ray 
# 
_diffrn_radiation_wavelength.id           1 
_diffrn_radiation_wavelength.wavelength   0.95 
_diffrn_radiation_wavelength.wt           1.0 
# 
_diffrn_source.diffrn_id                   1 
_diffrn_source.source                      SYNCHROTRON 
_diffrn_source.type                        'ESRF BEAMLINE BM14' 
_diffrn_source.pdbx_synchrotron_site       ESRF 
_diffrn_source.pdbx_synchrotron_beamline   BM14 
_diffrn_source.pdbx_wavelength             0.95 
_diffrn_source.pdbx_wavelength_list        ? 
# 
_reflns.pdbx_diffrn_id               1 
_reflns.pdbx_ordinal                 1 
_reflns.entry_id                     2VXK 
_reflns.observed_criterion_sigma_I   ? 
_reflns.observed_criterion_sigma_F   ? 
_reflns.d_resolution_low             20.00 
_reflns.d_resolution_high            1.80 
_reflns.number_obs                   18376 
_reflns.number_all                   ? 
_reflns.percent_possible_obs         98.2 
_reflns.pdbx_Rmerge_I_obs            0.03 
_reflns.pdbx_Rsym_value              ? 
_reflns.pdbx_netI_over_sigmaI        21.20 
_reflns.B_iso_Wilson_estimate        ? 
_reflns.pdbx_redundancy              4.6 
# 
_reflns_shell.pdbx_diffrn_id         1 
_reflns_shell.pdbx_ordinal           1 
_reflns_shell.d_res_high             1.80 
_reflns_shell.d_res_low              1.86 
_reflns_shell.percent_possible_all   98.0 
_reflns_shell.Rmerge_I_obs           0.15 
_reflns_shell.pdbx_Rsym_value        ? 
_reflns_shell.meanI_over_sigI_obs    10.50 
_reflns_shell.pdbx_redundancy        4.6 
# 
_refine.pdbx_refine_id                           'X-RAY DIFFRACTION' 
_refine.entry_id                                 2VXK 
_refine.pdbx_diffrn_id                           1 
_refine.pdbx_TLS_residual_ADP_flag               UNVERIFIED 
_refine.ls_number_reflns_obs                     17780 
_refine.ls_number_reflns_all                     ? 
_refine.pdbx_ls_sigma_I                          ? 
_refine.pdbx_ls_sigma_F                          ? 
_refine.pdbx_data_cutoff_high_absF               ? 
_refine.pdbx_data_cutoff_low_absF                ? 
_refine.pdbx_data_cutoff_high_rms_absF           ? 
_refine.ls_d_res_low                             20.00 
_refine.ls_d_res_high                            1.80 
_refine.ls_percent_reflns_obs                    98.4 
_refine.ls_R_factor_obs                          0.179 
_refine.ls_R_factor_all                          ? 
_refine.ls_R_factor_R_work                       0.178 
_refine.ls_R_factor_R_free                       0.218 
_refine.ls_R_factor_R_free_error                 ? 
_refine.ls_R_factor_R_free_error_details         ? 
_refine.ls_percent_reflns_R_free                 3.200 
_refine.ls_number_reflns_R_free                  582 
_refine.ls_number_parameters                     ? 
_refine.ls_number_restraints                     ? 
_refine.occupancy_min                            ? 
_refine.occupancy_max                            ? 
_refine.correlation_coeff_Fo_to_Fc               0.957 
_refine.correlation_coeff_Fo_to_Fc_free          0.942 
_refine.B_iso_mean                               12.10 
_refine.aniso_B[1][1]                            -0.23000 
_refine.aniso_B[2][2]                            -0.01000 
_refine.aniso_B[3][3]                            0.24000 
_refine.aniso_B[1][2]                            0.00000 
_refine.aniso_B[1][3]                            0.00000 
_refine.aniso_B[2][3]                            0.00000 
_refine.solvent_model_details                    MASK 
_refine.solvent_model_param_ksol                 ? 
_refine.solvent_model_param_bsol                 ? 
_refine.pdbx_solvent_vdw_probe_radii             1.20 
_refine.pdbx_solvent_ion_probe_radii             0.80 
_refine.pdbx_solvent_shrinkage_radii             0.80 
_refine.pdbx_ls_cross_valid_method               THROUGHOUT 
_refine.details                                  
;HYDROGENS HAVE BEEN ADDED IN THE RIDING POSITIONS. COA IS NOT COMPLETE MODELLED SINCE AT THE END OF THE MOLECULE (REGION OF THE THIOL GROUP) WAS COMPLETELY DISORDERED.
;
_refine.pdbx_starting_model                      NONE 
_refine.pdbx_method_to_determine_struct          SAD 
_refine.pdbx_isotropic_thermal_model             ? 
_refine.pdbx_stereochemistry_target_values       'MAXIMUM LIKELIHOOD' 
_refine.pdbx_stereochem_target_val_spec_case     ? 
_refine.pdbx_R_Free_selection_details            RANDOM 
_refine.pdbx_overall_ESU_R                       0.124 
_refine.pdbx_overall_ESU_R_Free                  0.121 
_refine.overall_SU_ML                            0.081 
_refine.pdbx_overall_phase_error                 ? 
_refine.overall_SU_B                             5.622 
_refine.overall_SU_R_Cruickshank_DPI             ? 
_refine.pdbx_overall_SU_R_free_Cruickshank_DPI   ? 
_refine.pdbx_overall_SU_R_Blow_DPI               ? 
_refine.pdbx_overall_SU_R_free_Blow_DPI          ? 
# 
_refine_hist.pdbx_refine_id                   'X-RAY DIFFRACTION' 
_refine_hist.cycle_id                         LAST 
_refine_hist.pdbx_number_atoms_protein        1314 
_refine_hist.pdbx_number_atoms_nucleic_acid   0 
_refine_hist.pdbx_number_atoms_ligand         65 
_refine_hist.number_atoms_solvent             144 
_refine_hist.number_atoms_total               1523 
_refine_hist.d_res_high                       1.80 
_refine_hist.d_res_low                        20.00 
# 
loop_
_refine_ls_restr.type 
_refine_ls_restr.dev_ideal 
_refine_ls_restr.dev_ideal_target 
_refine_ls_restr.weight 
_refine_ls_restr.number 
_refine_ls_restr.pdbx_refine_id 
_refine_ls_restr.pdbx_restraint_function 
r_bond_refined_d             0.016  0.022  ? 1526 'X-RAY DIFFRACTION' ? 
r_bond_other_d               ?      ?      ? ?    'X-RAY DIFFRACTION' ? 
r_angle_refined_deg          1.546  2.035  ? 2105 'X-RAY DIFFRACTION' ? 
r_angle_other_deg            ?      ?      ? ?    'X-RAY DIFFRACTION' ? 
r_dihedral_angle_1_deg       5.507  5.000  ? 196  'X-RAY DIFFRACTION' ? 
r_dihedral_angle_2_deg       26.125 23.623 ? 69   'X-RAY DIFFRACTION' ? 
r_dihedral_angle_3_deg       15.453 15.000 ? 270  'X-RAY DIFFRACTION' ? 
r_dihedral_angle_4_deg       16.508 15.000 ? 12   'X-RAY DIFFRACTION' ? 
r_chiral_restr               0.102  0.200  ? 240  'X-RAY DIFFRACTION' ? 
r_gen_planes_refined         0.006  0.020  ? 1139 'X-RAY DIFFRACTION' ? 
r_gen_planes_other           ?      ?      ? ?    'X-RAY DIFFRACTION' ? 
r_nbd_refined                0.219  0.200  ? 691  'X-RAY DIFFRACTION' ? 
r_nbd_other                  ?      ?      ? ?    'X-RAY DIFFRACTION' ? 
r_nbtor_refined              0.314  0.200  ? 1043 'X-RAY DIFFRACTION' ? 
r_nbtor_other                ?      ?      ? ?    'X-RAY DIFFRACTION' ? 
r_xyhbond_nbd_refined        0.153  0.200  ? 125  'X-RAY DIFFRACTION' ? 
r_xyhbond_nbd_other          ?      ?      ? ?    'X-RAY DIFFRACTION' ? 
r_metal_ion_refined          ?      ?      ? ?    'X-RAY DIFFRACTION' ? 
r_metal_ion_other            ?      ?      ? ?    'X-RAY DIFFRACTION' ? 
r_symmetry_vdw_refined       0.203  0.200  ? 111  'X-RAY DIFFRACTION' ? 
r_symmetry_vdw_other         ?      ?      ? ?    'X-RAY DIFFRACTION' ? 
r_symmetry_hbond_refined     0.243  0.200  ? 44   'X-RAY DIFFRACTION' ? 
r_symmetry_hbond_other       ?      ?      ? ?    'X-RAY DIFFRACTION' ? 
r_symmetry_metal_ion_refined ?      ?      ? ?    'X-RAY DIFFRACTION' ? 
r_symmetry_metal_ion_other   ?      ?      ? ?    'X-RAY DIFFRACTION' ? 
r_mcbond_it                  0.848  1.500  ? 893  'X-RAY DIFFRACTION' ? 
r_mcbond_other               ?      ?      ? ?    'X-RAY DIFFRACTION' ? 
r_mcangle_it                 1.248  2.000  ? 1431 'X-RAY DIFFRACTION' ? 
r_mcangle_other              ?      ?      ? ?    'X-RAY DIFFRACTION' ? 
r_scbond_it                  2.244  3.000  ? 720  'X-RAY DIFFRACTION' ? 
r_scbond_other               ?      ?      ? ?    'X-RAY DIFFRACTION' ? 
r_scangle_it                 3.481  4.500  ? 655  'X-RAY DIFFRACTION' ? 
r_scangle_other              ?      ?      ? ?    'X-RAY DIFFRACTION' ? 
r_long_range_B_refined       ?      ?      ? ?    'X-RAY DIFFRACTION' ? 
r_long_range_B_other         ?      ?      ? ?    'X-RAY DIFFRACTION' ? 
r_rigid_bond_restr           ?      ?      ? ?    'X-RAY DIFFRACTION' ? 
r_sphericity_free            ?      ?      ? ?    'X-RAY DIFFRACTION' ? 
r_sphericity_bonded          ?      ?      ? ?    'X-RAY DIFFRACTION' ? 
# 
_refine_ls_shell.pdbx_refine_id                   'X-RAY DIFFRACTION' 
_refine_ls_shell.pdbx_total_number_of_bins_used   20 
_refine_ls_shell.d_res_high                       1.80 
_refine_ls_shell.d_res_low                        1.85 
_refine_ls_shell.number_reflns_R_work             1282 
_refine_ls_shell.R_factor_R_work                  0.2040 
_refine_ls_shell.percent_reflns_obs               ? 
_refine_ls_shell.R_factor_R_free                  0.2400 
_refine_ls_shell.R_factor_R_free_error            ? 
_refine_ls_shell.percent_reflns_R_free            ? 
_refine_ls_shell.number_reflns_R_free             45 
_refine_ls_shell.number_reflns_all                ? 
_refine_ls_shell.R_factor_all                     ? 
# 
_struct.entry_id                  2VXK 
_struct.title                     'Structural comparison between Aspergillus fumigatus and human GNA1' 
_struct.pdbx_model_details        ? 
_struct.pdbx_CASP_flag            ? 
_struct.pdbx_model_type_details   ? 
# 
_struct_keywords.entry_id        2VXK 
_struct_keywords.pdbx_keywords   TRANSFERASE 
_struct_keywords.text            'KINETICS, UDP-GLCNAC, TRANSFERASE, INHIBITOR DESIGN' 
# 
loop_
_struct_asym.id 
_struct_asym.pdbx_blank_PDB_chainid_flag 
_struct_asym.pdbx_modified 
_struct_asym.entity_id 
_struct_asym.details 
A N N 1 ? 
B N N 2 ? 
C N N 3 ? 
D N N 4 ? 
E N N 5 ? 
# 
_struct_ref.id                         1 
_struct_ref.db_name                    UNP 
_struct_ref.db_code                    Q4WCU5_ASPFU 
_struct_ref.entity_id                  1 
_struct_ref.pdbx_seq_one_letter_code   ? 
_struct_ref.pdbx_align_begin           ? 
_struct_ref.pdbx_db_accession          Q4WCU5 
_struct_ref.pdbx_db_isoform            ? 
# 
_struct_ref_seq.align_id                      1 
_struct_ref_seq.ref_id                        1 
_struct_ref_seq.pdbx_PDB_id_code              2VXK 
_struct_ref_seq.pdbx_strand_id                A 
_struct_ref_seq.seq_align_beg                 1 
_struct_ref_seq.pdbx_seq_align_beg_ins_code   ? 
_struct_ref_seq.seq_align_end                 190 
_struct_ref_seq.pdbx_seq_align_end_ins_code   ? 
_struct_ref_seq.pdbx_db_accession             Q4WCU5 
_struct_ref_seq.db_align_beg                  1 
_struct_ref_seq.pdbx_db_align_beg_ins_code    ? 
_struct_ref_seq.db_align_end                  190 
_struct_ref_seq.pdbx_db_align_end_ins_code    ? 
_struct_ref_seq.pdbx_auth_seq_align_beg       1 
_struct_ref_seq.pdbx_auth_seq_align_end       190 
# 
_pdbx_struct_assembly.id                   1 
_pdbx_struct_assembly.details              software_defined_assembly 
_pdbx_struct_assembly.method_details       PISA 
_pdbx_struct_assembly.oligomeric_details   dimeric 
_pdbx_struct_assembly.oligomeric_count     2 
# 
loop_
_pdbx_struct_assembly_prop.biol_id 
_pdbx_struct_assembly_prop.type 
_pdbx_struct_assembly_prop.value 
_pdbx_struct_assembly_prop.details 
1 'ABSA (A^2)' 9060  ? 
1 MORE         -37.0 ? 
1 'SSA (A^2)'  13690 ? 
# 
_pdbx_struct_assembly_gen.assembly_id       1 
_pdbx_struct_assembly_gen.oper_expression   1,2 
_pdbx_struct_assembly_gen.asym_id_list      A,B,C,D,E 
# 
loop_
_pdbx_struct_oper_list.id 
_pdbx_struct_oper_list.type 
_pdbx_struct_oper_list.name 
_pdbx_struct_oper_list.symmetry_operation 
_pdbx_struct_oper_list.matrix[1][1] 
_pdbx_struct_oper_list.matrix[1][2] 
_pdbx_struct_oper_list.matrix[1][3] 
_pdbx_struct_oper_list.vector[1] 
_pdbx_struct_oper_list.matrix[2][1] 
_pdbx_struct_oper_list.matrix[2][2] 
_pdbx_struct_oper_list.matrix[2][3] 
_pdbx_struct_oper_list.vector[2] 
_pdbx_struct_oper_list.matrix[3][1] 
_pdbx_struct_oper_list.matrix[3][2] 
_pdbx_struct_oper_list.matrix[3][3] 
_pdbx_struct_oper_list.vector[3] 
1 'identity operation'         1_555 x,y,z         1.0000000000  0.0000000000  0.0000000000  0.0000000000  0.0000000000  1.0000000000 0.0000000000 0.0000000000 0.0000000000  0.0000000000 1.0000000000  0.0000000000   
2 'crystal symmetry operation' 3_454 -x-1,y,-z-1/2 -0.8829240849 -0.4620689241 -0.0832908742 -6.2186358382 -0.4620689241 0.8236687741 0.3287279421 3.1120250716 -0.0832908742 0.3287279421 -0.9407446892 -26.0055207441 
# 
_struct_biol.id   1 
# 
loop_
_struct_conf.conf_type_id 
_struct_conf.id 
_struct_conf.pdbx_PDB_helix_id 
_struct_conf.beg_label_comp_id 
_struct_conf.beg_label_asym_id 
_struct_conf.beg_label_seq_id 
_struct_conf.pdbx_beg_PDB_ins_code 
_struct_conf.end_label_comp_id 
_struct_conf.end_label_asym_id 
_struct_conf.end_label_seq_id 
_struct_conf.pdbx_end_PDB_ins_code 
_struct_conf.beg_auth_comp_id 
_struct_conf.beg_auth_asym_id 
_struct_conf.beg_auth_seq_id 
_struct_conf.end_auth_comp_id 
_struct_conf.end_auth_asym_id 
_struct_conf.end_auth_seq_id 
_struct_conf.pdbx_PDB_helix_class 
_struct_conf.details 
_struct_conf.pdbx_PDB_helix_length 
HELX_P HELX_P1 1 SER A 32  ? ILE A 36  ? SER A 32  ILE A 36  5 ? 5  
HELX_P HELX_P2 2 SER A 37  ? LEU A 44  ? SER A 37  LEU A 44  1 ? 8  
HELX_P HELX_P3 3 CYS A 54  ? ARG A 60  ? CYS A 54  ARG A 60  5 ? 7  
HELX_P HELX_P4 4 GLY A 61  ? ARG A 67  ? GLY A 61  ARG A 67  1 ? 7  
HELX_P HELX_P5 5 ASN A 76  ? ALA A 89  ? ASN A 76  ALA A 89  1 ? 14 
HELX_P HELX_P6 6 PHE A 118 ? GLY A 123 ? PHE A 118 GLY A 123 1 ? 6  
HELX_P HELX_P7 7 LYS A 135 ? GLN A 138 ? LYS A 135 GLN A 138 5 ? 4  
HELX_P HELX_P8 8 LYS A 141 ? GLY A 158 ? LYS A 141 GLY A 158 1 ? 18 
HELX_P HELX_P9 9 ASN A 170 ? CYS A 177 ? ASN A 170 CYS A 177 1 ? 8  
# 
_struct_conf_type.id          HELX_P 
_struct_conf_type.criteria    ? 
_struct_conf_type.reference   ? 
# 
_struct_sheet.id               AA 
_struct_sheet.type             ? 
_struct_sheet.number_strands   5 
_struct_sheet.details          ? 
# 
loop_
_struct_sheet_order.sheet_id 
_struct_sheet_order.range_id_1 
_struct_sheet_order.range_id_2 
_struct_sheet_order.offset 
_struct_sheet_order.sense 
AA 1 2 ? anti-parallel 
AA 2 3 ? anti-parallel 
AA 3 4 ? anti-parallel 
AA 4 5 ? parallel      
# 
loop_
_struct_sheet_range.sheet_id 
_struct_sheet_range.id 
_struct_sheet_range.beg_label_comp_id 
_struct_sheet_range.beg_label_asym_id 
_struct_sheet_range.beg_label_seq_id 
_struct_sheet_range.pdbx_beg_PDB_ins_code 
_struct_sheet_range.end_label_comp_id 
_struct_sheet_range.end_label_asym_id 
_struct_sheet_range.end_label_seq_id 
_struct_sheet_range.pdbx_end_PDB_ins_code 
_struct_sheet_range.beg_auth_comp_id 
_struct_sheet_range.beg_auth_asym_id 
_struct_sheet_range.beg_auth_seq_id 
_struct_sheet_range.end_auth_comp_id 
_struct_sheet_range.end_auth_asym_id 
_struct_sheet_range.end_auth_seq_id 
AA 1 THR A 49  ? PRO A 52  ? THR A 49  PRO A 52  
AA 2 TYR A 94  ? CYS A 100 ? TYR A 94  CYS A 100 
AA 3 ILE A 106 ? ARG A 116 ? ILE A 106 ARG A 116 
AA 4 MET A 124 ? VAL A 133 ? MET A 124 VAL A 133 
AA 5 LYS A 161 ? ILE A 163 ? LYS A 161 ILE A 163 
# 
loop_
_pdbx_struct_sheet_hbond.sheet_id 
_pdbx_struct_sheet_hbond.range_id_1 
_pdbx_struct_sheet_hbond.range_id_2 
_pdbx_struct_sheet_hbond.range_1_label_atom_id 
_pdbx_struct_sheet_hbond.range_1_label_comp_id 
_pdbx_struct_sheet_hbond.range_1_label_asym_id 
_pdbx_struct_sheet_hbond.range_1_label_seq_id 
_pdbx_struct_sheet_hbond.range_1_PDB_ins_code 
_pdbx_struct_sheet_hbond.range_1_auth_atom_id 
_pdbx_struct_sheet_hbond.range_1_auth_comp_id 
_pdbx_struct_sheet_hbond.range_1_auth_asym_id 
_pdbx_struct_sheet_hbond.range_1_auth_seq_id 
_pdbx_struct_sheet_hbond.range_2_label_atom_id 
_pdbx_struct_sheet_hbond.range_2_label_comp_id 
_pdbx_struct_sheet_hbond.range_2_label_asym_id 
_pdbx_struct_sheet_hbond.range_2_label_seq_id 
_pdbx_struct_sheet_hbond.range_2_PDB_ins_code 
_pdbx_struct_sheet_hbond.range_2_auth_atom_id 
_pdbx_struct_sheet_hbond.range_2_auth_comp_id 
_pdbx_struct_sheet_hbond.range_2_auth_asym_id 
_pdbx_struct_sheet_hbond.range_2_auth_seq_id 
AA 1 2 N ARG A 51  ? N ARG A 51  O VAL A 98  ? O VAL A 98  
AA 2 3 O VAL A 99  ? O VAL A 99  N VAL A 107 ? N VAL A 107 
AA 3 4 N GLU A 115 ? N GLU A 115 O VAL A 125 ? O VAL A 125 
AA 4 5 N GLY A 126 ? N GLY A 126 O LYS A 161 ? O LYS A 161 
# 
loop_
_pdbx_validate_rmsd_angle.id 
_pdbx_validate_rmsd_angle.PDB_model_num 
_pdbx_validate_rmsd_angle.auth_atom_id_1 
_pdbx_validate_rmsd_angle.auth_asym_id_1 
_pdbx_validate_rmsd_angle.auth_comp_id_1 
_pdbx_validate_rmsd_angle.auth_seq_id_1 
_pdbx_validate_rmsd_angle.PDB_ins_code_1 
_pdbx_validate_rmsd_angle.label_alt_id_1 
_pdbx_validate_rmsd_angle.auth_atom_id_2 
_pdbx_validate_rmsd_angle.auth_asym_id_2 
_pdbx_validate_rmsd_angle.auth_comp_id_2 
_pdbx_validate_rmsd_angle.auth_seq_id_2 
_pdbx_validate_rmsd_angle.PDB_ins_code_2 
_pdbx_validate_rmsd_angle.label_alt_id_2 
_pdbx_validate_rmsd_angle.auth_atom_id_3 
_pdbx_validate_rmsd_angle.auth_asym_id_3 
_pdbx_validate_rmsd_angle.auth_comp_id_3 
_pdbx_validate_rmsd_angle.auth_seq_id_3 
_pdbx_validate_rmsd_angle.PDB_ins_code_3 
_pdbx_validate_rmsd_angle.label_alt_id_3 
_pdbx_validate_rmsd_angle.angle_value 
_pdbx_validate_rmsd_angle.angle_target_value 
_pdbx_validate_rmsd_angle.angle_deviation 
_pdbx_validate_rmsd_angle.angle_standard_deviation 
_pdbx_validate_rmsd_angle.linker_flag 
1 1 NE A ARG 83  ? A CZ A ARG 83  ? A NH1 A ARG 83  ? A 125.16 120.30 4.86   0.50 N 
2 1 NE A ARG 83  ? B CZ A ARG 83  ? B NH1 A ARG 83  ? B 116.05 120.30 -4.25  0.50 N 
3 1 NE A ARG 83  ? A CZ A ARG 83  ? A NH2 A ARG 83  ? A 115.50 120.30 -4.80  0.50 N 
4 1 CB A ASN 170 ? A CG A ASN 170 ? A OD1 A ASN 170 ? A 134.27 121.60 12.67  2.00 N 
5 1 CB A ASN 170 ? A CG A ASN 170 ? A ND2 A ASN 170 ? A 101.60 116.70 -15.10 2.40 N 
# 
loop_
_pdbx_validate_torsion.id 
_pdbx_validate_torsion.PDB_model_num 
_pdbx_validate_torsion.auth_comp_id 
_pdbx_validate_torsion.auth_asym_id 
_pdbx_validate_torsion.auth_seq_id 
_pdbx_validate_torsion.PDB_ins_code 
_pdbx_validate_torsion.label_alt_id 
_pdbx_validate_torsion.phi 
_pdbx_validate_torsion.psi 
1 1 ASP A 47 ? ? 74.15   -14.83  
2 1 THR A 70 ? ? -162.93 -169.91 
# 
_pdbx_refine_tls.pdbx_refine_id   'X-RAY DIFFRACTION' 
_pdbx_refine_tls.id               1 
_pdbx_refine_tls.details          ? 
_pdbx_refine_tls.method           refined 
_pdbx_refine_tls.origin_x         0.3289 
_pdbx_refine_tls.origin_y         0.3944 
_pdbx_refine_tls.origin_z         -0.4281 
_pdbx_refine_tls.T[1][1]          -0.0742 
_pdbx_refine_tls.T[2][2]          -0.0778 
_pdbx_refine_tls.T[3][3]          -0.1092 
_pdbx_refine_tls.T[1][2]          0.0111 
_pdbx_refine_tls.T[1][3]          -0.0045 
_pdbx_refine_tls.T[2][3]          0.0041 
_pdbx_refine_tls.L[1][1]          1.4056 
_pdbx_refine_tls.L[2][2]          1.6337 
_pdbx_refine_tls.L[3][3]          2.0156 
_pdbx_refine_tls.L[1][2]          0.0345 
_pdbx_refine_tls.L[1][3]          0.1632 
_pdbx_refine_tls.L[2][3]          0.1940 
_pdbx_refine_tls.S[1][1]          0.0525 
_pdbx_refine_tls.S[1][2]          0.0323 
_pdbx_refine_tls.S[1][3]          0.0405 
_pdbx_refine_tls.S[2][1]          0.0830 
_pdbx_refine_tls.S[2][2]          -0.0174 
_pdbx_refine_tls.S[2][3]          -0.0907 
_pdbx_refine_tls.S[3][1]          0.0302 
_pdbx_refine_tls.S[3][2]          0.1332 
_pdbx_refine_tls.S[3][3]          -0.0351 
# 
loop_
_pdbx_refine_tls_group.pdbx_refine_id 
_pdbx_refine_tls_group.id 
_pdbx_refine_tls_group.refine_tls_id 
_pdbx_refine_tls_group.beg_auth_asym_id 
_pdbx_refine_tls_group.beg_auth_seq_id 
_pdbx_refine_tls_group.beg_label_asym_id 
_pdbx_refine_tls_group.beg_label_seq_id 
_pdbx_refine_tls_group.end_auth_asym_id 
_pdbx_refine_tls_group.end_auth_seq_id 
_pdbx_refine_tls_group.end_label_asym_id 
_pdbx_refine_tls_group.end_label_seq_id 
_pdbx_refine_tls_group.selection 
_pdbx_refine_tls_group.selection_details 
'X-RAY DIFFRACTION' 1 1 A 26   ? ? A 190  ? ? ? ? 
'X-RAY DIFFRACTION' 2 1 A 1191 ? ? A 1191 ? ? ? ? 
'X-RAY DIFFRACTION' 3 1 A 1192 ? ? A 1192 ? ? ? ? 
'X-RAY DIFFRACTION' 4 1 A 1193 ? ? A 1193 ? ? ? ? 
'X-RAY DIFFRACTION' 5 1 A 2001 ? ? A 2144 ? ? ? ? 
# 
_pdbx_distant_solvent_atoms.id                                1 
_pdbx_distant_solvent_atoms.PDB_model_num                     1 
_pdbx_distant_solvent_atoms.auth_atom_id                      O 
_pdbx_distant_solvent_atoms.label_alt_id                      ? 
_pdbx_distant_solvent_atoms.auth_asym_id                      A 
_pdbx_distant_solvent_atoms.auth_comp_id                      HOH 
_pdbx_distant_solvent_atoms.auth_seq_id                       2019 
_pdbx_distant_solvent_atoms.PDB_ins_code                      ? 
_pdbx_distant_solvent_atoms.neighbor_macromolecule_distance   6.21 
_pdbx_distant_solvent_atoms.neighbor_ligand_distance          . 
# 
loop_
_pdbx_unobs_or_zero_occ_residues.id 
_pdbx_unobs_or_zero_occ_residues.PDB_model_num 
_pdbx_unobs_or_zero_occ_residues.polymer_flag 
_pdbx_unobs_or_zero_occ_residues.occupancy_flag 
_pdbx_unobs_or_zero_occ_residues.auth_asym_id 
_pdbx_unobs_or_zero_occ_residues.auth_comp_id 
_pdbx_unobs_or_zero_occ_residues.auth_seq_id 
_pdbx_unobs_or_zero_occ_residues.PDB_ins_code 
_pdbx_unobs_or_zero_occ_residues.label_asym_id 
_pdbx_unobs_or_zero_occ_residues.label_comp_id 
_pdbx_unobs_or_zero_occ_residues.label_seq_id 
1  1 Y 1 A MET 1  ? A MET 1  
2  1 Y 1 A THR 2  ? A THR 2  
3  1 Y 1 A ASN 3  ? A ASN 3  
4  1 Y 1 A ALA 4  ? A ALA 4  
5  1 Y 1 A THR 5  ? A THR 5  
6  1 Y 1 A ILE 6  ? A ILE 6  
7  1 Y 1 A ALA 7  ? A ALA 7  
8  1 Y 1 A PRO 8  ? A PRO 8  
9  1 Y 1 A THR 9  ? A THR 9  
10 1 Y 1 A THR 10 ? A THR 10 
11 1 Y 1 A THR 11 ? A THR 11 
12 1 Y 1 A ALA 12 ? A ALA 12 
13 1 Y 1 A ALA 13 ? A ALA 13 
14 1 Y 1 A PRO 14 ? A PRO 14 
15 1 Y 1 A VAL 15 ? A VAL 15 
16 1 Y 1 A THR 16 ? A THR 16 
17 1 Y 1 A LYS 17 ? A LYS 17 
18 1 Y 1 A SER 18 ? A SER 18 
19 1 Y 1 A VAL 19 ? A VAL 19 
20 1 Y 1 A ASP 20 ? A ASP 20 
21 1 Y 1 A ALA 21 ? A ALA 21 
22 1 Y 1 A PRO 22 ? A PRO 22 
23 1 Y 1 A THR 23 ? A THR 23 
24 1 Y 1 A ALA 24 ? A ALA 24 
25 1 Y 1 A ASP 25 ? A ASP 25 
# 
loop_
_chem_comp_atom.comp_id 
_chem_comp_atom.atom_id 
_chem_comp_atom.type_symbol 
_chem_comp_atom.pdbx_aromatic_flag 
_chem_comp_atom.pdbx_stereo_config 
_chem_comp_atom.pdbx_ordinal 
16G C1   C N S 1   
16G C2   C N R 2   
16G C3   C N R 3   
16G C4   C N S 4   
16G C5   C N R 5   
16G C6   C N N 6   
16G C7   C N N 7   
16G C8   C N N 8   
16G N2   N N N 9   
16G O1   O N N 10  
16G O3   O N N 11  
16G O4   O N N 12  
16G O5   O N N 13  
16G O6   O N N 14  
16G O7   O N N 15  
16G P    P N N 16  
16G O1P  O N N 17  
16G O2P  O N N 18  
16G O3P  O N N 19  
16G H1   H N N 20  
16G H2   H N N 21  
16G H3   H N N 22  
16G H4   H N N 23  
16G H5   H N N 24  
16G H61  H N N 25  
16G H62  H N N 26  
16G H81  H N N 27  
16G H82  H N N 28  
16G H83  H N N 29  
16G HN2  H N N 30  
16G HO1  H N N 31  
16G HO3  H N N 32  
16G HO4  H N N 33  
16G HOP2 H N N 34  
16G HOP3 H N N 35  
ALA N    N N N 36  
ALA CA   C N S 37  
ALA C    C N N 38  
ALA O    O N N 39  
ALA CB   C N N 40  
ALA OXT  O N N 41  
ALA H    H N N 42  
ALA H2   H N N 43  
ALA HA   H N N 44  
ALA HB1  H N N 45  
ALA HB2  H N N 46  
ALA HB3  H N N 47  
ALA HXT  H N N 48  
ARG N    N N N 49  
ARG CA   C N S 50  
ARG C    C N N 51  
ARG O    O N N 52  
ARG CB   C N N 53  
ARG CG   C N N 54  
ARG CD   C N N 55  
ARG NE   N N N 56  
ARG CZ   C N N 57  
ARG NH1  N N N 58  
ARG NH2  N N N 59  
ARG OXT  O N N 60  
ARG H    H N N 61  
ARG H2   H N N 62  
ARG HA   H N N 63  
ARG HB2  H N N 64  
ARG HB3  H N N 65  
ARG HG2  H N N 66  
ARG HG3  H N N 67  
ARG HD2  H N N 68  
ARG HD3  H N N 69  
ARG HE   H N N 70  
ARG HH11 H N N 71  
ARG HH12 H N N 72  
ARG HH21 H N N 73  
ARG HH22 H N N 74  
ARG HXT  H N N 75  
ASN N    N N N 76  
ASN CA   C N S 77  
ASN C    C N N 78  
ASN O    O N N 79  
ASN CB   C N N 80  
ASN CG   C N N 81  
ASN OD1  O N N 82  
ASN ND2  N N N 83  
ASN OXT  O N N 84  
ASN H    H N N 85  
ASN H2   H N N 86  
ASN HA   H N N 87  
ASN HB2  H N N 88  
ASN HB3  H N N 89  
ASN HD21 H N N 90  
ASN HD22 H N N 91  
ASN HXT  H N N 92  
ASP N    N N N 93  
ASP CA   C N S 94  
ASP C    C N N 95  
ASP O    O N N 96  
ASP CB   C N N 97  
ASP CG   C N N 98  
ASP OD1  O N N 99  
ASP OD2  O N N 100 
ASP OXT  O N N 101 
ASP H    H N N 102 
ASP H2   H N N 103 
ASP HA   H N N 104 
ASP HB2  H N N 105 
ASP HB3  H N N 106 
ASP HD2  H N N 107 
ASP HXT  H N N 108 
COA N1A  N Y N 109 
COA C2A  C Y N 110 
COA N3A  N Y N 111 
COA C4A  C Y N 112 
COA C5A  C Y N 113 
COA C6A  C Y N 114 
COA N6A  N N N 115 
COA N7A  N Y N 116 
COA C8A  C Y N 117 
COA N9A  N Y N 118 
COA C1B  C N R 119 
COA C2B  C N R 120 
COA O2B  O N N 121 
COA C3B  C N S 122 
COA O3B  O N N 123 
COA P3B  P N N 124 
COA O7A  O N N 125 
COA O8A  O N N 126 
COA O9A  O N N 127 
COA C4B  C N R 128 
COA O4B  O N N 129 
COA C5B  C N N 130 
COA O5B  O N N 131 
COA P1A  P N S 132 
COA O1A  O N N 133 
COA O2A  O N N 134 
COA O3A  O N N 135 
COA P2A  P N S 136 
COA O4A  O N N 137 
COA O5A  O N N 138 
COA O6A  O N N 139 
COA CBP  C N N 140 
COA CCP  C N N 141 
COA CDP  C N N 142 
COA CEP  C N N 143 
COA CAP  C N R 144 
COA OAP  O N N 145 
COA C9P  C N N 146 
COA O9P  O N N 147 
COA N8P  N N N 148 
COA C7P  C N N 149 
COA C6P  C N N 150 
COA C5P  C N N 151 
COA O5P  O N N 152 
COA N4P  N N N 153 
COA C3P  C N N 154 
COA C2P  C N N 155 
COA S1P  S N N 156 
COA H2A  H N N 157 
COA H61A H N N 158 
COA H62A H N N 159 
COA H8A  H N N 160 
COA H1B  H N N 161 
COA H2B  H N N 162 
COA HO2A H N N 163 
COA H3B  H N N 164 
COA HOA8 H N N 165 
COA HOA9 H N N 166 
COA H4B  H N N 167 
COA H51A H N N 168 
COA H52A H N N 169 
COA HOA2 H N N 170 
COA HOA5 H N N 171 
COA H121 H N N 172 
COA H122 H N N 173 
COA H131 H N N 174 
COA H132 H N N 175 
COA H133 H N N 176 
COA H141 H N N 177 
COA H142 H N N 178 
COA H143 H N N 179 
COA H10  H N N 180 
COA HO1  H N N 181 
COA HN8  H N N 182 
COA H71  H N N 183 
COA H72  H N N 184 
COA H61  H N N 185 
COA H62  H N N 186 
COA HN4  H N N 187 
COA H31  H N N 188 
COA H32  H N N 189 
COA H21  H N N 190 
COA H22  H N N 191 
COA HS1  H N N 192 
CYS N    N N N 193 
CYS CA   C N R 194 
CYS C    C N N 195 
CYS O    O N N 196 
CYS CB   C N N 197 
CYS SG   S N N 198 
CYS OXT  O N N 199 
CYS H    H N N 200 
CYS H2   H N N 201 
CYS HA   H N N 202 
CYS HB2  H N N 203 
CYS HB3  H N N 204 
CYS HG   H N N 205 
CYS HXT  H N N 206 
GLN N    N N N 207 
GLN CA   C N S 208 
GLN C    C N N 209 
GLN O    O N N 210 
GLN CB   C N N 211 
GLN CG   C N N 212 
GLN CD   C N N 213 
GLN OE1  O N N 214 
GLN NE2  N N N 215 
GLN OXT  O N N 216 
GLN H    H N N 217 
GLN H2   H N N 218 
GLN HA   H N N 219 
GLN HB2  H N N 220 
GLN HB3  H N N 221 
GLN HG2  H N N 222 
GLN HG3  H N N 223 
GLN HE21 H N N 224 
GLN HE22 H N N 225 
GLN HXT  H N N 226 
GLU N    N N N 227 
GLU CA   C N S 228 
GLU C    C N N 229 
GLU O    O N N 230 
GLU CB   C N N 231 
GLU CG   C N N 232 
GLU CD   C N N 233 
GLU OE1  O N N 234 
GLU OE2  O N N 235 
GLU OXT  O N N 236 
GLU H    H N N 237 
GLU H2   H N N 238 
GLU HA   H N N 239 
GLU HB2  H N N 240 
GLU HB3  H N N 241 
GLU HG2  H N N 242 
GLU HG3  H N N 243 
GLU HE2  H N N 244 
GLU HXT  H N N 245 
GLY N    N N N 246 
GLY CA   C N N 247 
GLY C    C N N 248 
GLY O    O N N 249 
GLY OXT  O N N 250 
GLY H    H N N 251 
GLY H2   H N N 252 
GLY HA2  H N N 253 
GLY HA3  H N N 254 
GLY HXT  H N N 255 
HIS N    N N N 256 
HIS CA   C N S 257 
HIS C    C N N 258 
HIS O    O N N 259 
HIS CB   C N N 260 
HIS CG   C Y N 261 
HIS ND1  N Y N 262 
HIS CD2  C Y N 263 
HIS CE1  C Y N 264 
HIS NE2  N Y N 265 
HIS OXT  O N N 266 
HIS H    H N N 267 
HIS H2   H N N 268 
HIS HA   H N N 269 
HIS HB2  H N N 270 
HIS HB3  H N N 271 
HIS HD1  H N N 272 
HIS HD2  H N N 273 
HIS HE1  H N N 274 
HIS HE2  H N N 275 
HIS HXT  H N N 276 
HOH O    O N N 277 
HOH H1   H N N 278 
HOH H2   H N N 279 
ILE N    N N N 280 
ILE CA   C N S 281 
ILE C    C N N 282 
ILE O    O N N 283 
ILE CB   C N S 284 
ILE CG1  C N N 285 
ILE CG2  C N N 286 
ILE CD1  C N N 287 
ILE OXT  O N N 288 
ILE H    H N N 289 
ILE H2   H N N 290 
ILE HA   H N N 291 
ILE HB   H N N 292 
ILE HG12 H N N 293 
ILE HG13 H N N 294 
ILE HG21 H N N 295 
ILE HG22 H N N 296 
ILE HG23 H N N 297 
ILE HD11 H N N 298 
ILE HD12 H N N 299 
ILE HD13 H N N 300 
ILE HXT  H N N 301 
LEU N    N N N 302 
LEU CA   C N S 303 
LEU C    C N N 304 
LEU O    O N N 305 
LEU CB   C N N 306 
LEU CG   C N N 307 
LEU CD1  C N N 308 
LEU CD2  C N N 309 
LEU OXT  O N N 310 
LEU H    H N N 311 
LEU H2   H N N 312 
LEU HA   H N N 313 
LEU HB2  H N N 314 
LEU HB3  H N N 315 
LEU HG   H N N 316 
LEU HD11 H N N 317 
LEU HD12 H N N 318 
LEU HD13 H N N 319 
LEU HD21 H N N 320 
LEU HD22 H N N 321 
LEU HD23 H N N 322 
LEU HXT  H N N 323 
LYS N    N N N 324 
LYS CA   C N S 325 
LYS C    C N N 326 
LYS O    O N N 327 
LYS CB   C N N 328 
LYS CG   C N N 329 
LYS CD   C N N 330 
LYS CE   C N N 331 
LYS NZ   N N N 332 
LYS OXT  O N N 333 
LYS H    H N N 334 
LYS H2   H N N 335 
LYS HA   H N N 336 
LYS HB2  H N N 337 
LYS HB3  H N N 338 
LYS HG2  H N N 339 
LYS HG3  H N N 340 
LYS HD2  H N N 341 
LYS HD3  H N N 342 
LYS HE2  H N N 343 
LYS HE3  H N N 344 
LYS HZ1  H N N 345 
LYS HZ2  H N N 346 
LYS HZ3  H N N 347 
LYS HXT  H N N 348 
MET N    N N N 349 
MET CA   C N S 350 
MET C    C N N 351 
MET O    O N N 352 
MET CB   C N N 353 
MET CG   C N N 354 
MET SD   S N N 355 
MET CE   C N N 356 
MET OXT  O N N 357 
MET H    H N N 358 
MET H2   H N N 359 
MET HA   H N N 360 
MET HB2  H N N 361 
MET HB3  H N N 362 
MET HG2  H N N 363 
MET HG3  H N N 364 
MET HE1  H N N 365 
MET HE2  H N N 366 
MET HE3  H N N 367 
MET HXT  H N N 368 
PHE N    N N N 369 
PHE CA   C N S 370 
PHE C    C N N 371 
PHE O    O N N 372 
PHE CB   C N N 373 
PHE CG   C Y N 374 
PHE CD1  C Y N 375 
PHE CD2  C Y N 376 
PHE CE1  C Y N 377 
PHE CE2  C Y N 378 
PHE CZ   C Y N 379 
PHE OXT  O N N 380 
PHE H    H N N 381 
PHE H2   H N N 382 
PHE HA   H N N 383 
PHE HB2  H N N 384 
PHE HB3  H N N 385 
PHE HD1  H N N 386 
PHE HD2  H N N 387 
PHE HE1  H N N 388 
PHE HE2  H N N 389 
PHE HZ   H N N 390 
PHE HXT  H N N 391 
PO4 P    P N N 392 
PO4 O1   O N N 393 
PO4 O2   O N N 394 
PO4 O3   O N N 395 
PO4 O4   O N N 396 
PRO N    N N N 397 
PRO CA   C N S 398 
PRO C    C N N 399 
PRO O    O N N 400 
PRO CB   C N N 401 
PRO CG   C N N 402 
PRO CD   C N N 403 
PRO OXT  O N N 404 
PRO H    H N N 405 
PRO HA   H N N 406 
PRO HB2  H N N 407 
PRO HB3  H N N 408 
PRO HG2  H N N 409 
PRO HG3  H N N 410 
PRO HD2  H N N 411 
PRO HD3  H N N 412 
PRO HXT  H N N 413 
SER N    N N N 414 
SER CA   C N S 415 
SER C    C N N 416 
SER O    O N N 417 
SER CB   C N N 418 
SER OG   O N N 419 
SER OXT  O N N 420 
SER H    H N N 421 
SER H2   H N N 422 
SER HA   H N N 423 
SER HB2  H N N 424 
SER HB3  H N N 425 
SER HG   H N N 426 
SER HXT  H N N 427 
THR N    N N N 428 
THR CA   C N S 429 
THR C    C N N 430 
THR O    O N N 431 
THR CB   C N R 432 
THR OG1  O N N 433 
THR CG2  C N N 434 
THR OXT  O N N 435 
THR H    H N N 436 
THR H2   H N N 437 
THR HA   H N N 438 
THR HB   H N N 439 
THR HG1  H N N 440 
THR HG21 H N N 441 
THR HG22 H N N 442 
THR HG23 H N N 443 
THR HXT  H N N 444 
TRP N    N N N 445 
TRP CA   C N S 446 
TRP C    C N N 447 
TRP O    O N N 448 
TRP CB   C N N 449 
TRP CG   C Y N 450 
TRP CD1  C Y N 451 
TRP CD2  C Y N 452 
TRP NE1  N Y N 453 
TRP CE2  C Y N 454 
TRP CE3  C Y N 455 
TRP CZ2  C Y N 456 
TRP CZ3  C Y N 457 
TRP CH2  C Y N 458 
TRP OXT  O N N 459 
TRP H    H N N 460 
TRP H2   H N N 461 
TRP HA   H N N 462 
TRP HB2  H N N 463 
TRP HB3  H N N 464 
TRP HD1  H N N 465 
TRP HE1  H N N 466 
TRP HE3  H N N 467 
TRP HZ2  H N N 468 
TRP HZ3  H N N 469 
TRP HH2  H N N 470 
TRP HXT  H N N 471 
TYR N    N N N 472 
TYR CA   C N S 473 
TYR C    C N N 474 
TYR O    O N N 475 
TYR CB   C N N 476 
TYR CG   C Y N 477 
TYR CD1  C Y N 478 
TYR CD2  C Y N 479 
TYR CE1  C Y N 480 
TYR CE2  C Y N 481 
TYR CZ   C Y N 482 
TYR OH   O N N 483 
TYR OXT  O N N 484 
TYR H    H N N 485 
TYR H2   H N N 486 
TYR HA   H N N 487 
TYR HB2  H N N 488 
TYR HB3  H N N 489 
TYR HD1  H N N 490 
TYR HD2  H N N 491 
TYR HE1  H N N 492 
TYR HE2  H N N 493 
TYR HH   H N N 494 
TYR HXT  H N N 495 
VAL N    N N N 496 
VAL CA   C N S 497 
VAL C    C N N 498 
VAL O    O N N 499 
VAL CB   C N N 500 
VAL CG1  C N N 501 
VAL CG2  C N N 502 
VAL OXT  O N N 503 
VAL H    H N N 504 
VAL H2   H N N 505 
VAL HA   H N N 506 
VAL HB   H N N 507 
VAL HG11 H N N 508 
VAL HG12 H N N 509 
VAL HG13 H N N 510 
VAL HG21 H N N 511 
VAL HG22 H N N 512 
VAL HG23 H N N 513 
VAL HXT  H N N 514 
# 
loop_
_chem_comp_bond.comp_id 
_chem_comp_bond.atom_id_1 
_chem_comp_bond.atom_id_2 
_chem_comp_bond.value_order 
_chem_comp_bond.pdbx_aromatic_flag 
_chem_comp_bond.pdbx_stereo_config 
_chem_comp_bond.pdbx_ordinal 
16G C1  C2   sing N N 1   
16G C1  O1   sing N N 2   
16G C1  O5   sing N N 3   
16G C1  H1   sing N N 4   
16G C2  C3   sing N N 5   
16G C2  N2   sing N N 6   
16G C2  H2   sing N N 7   
16G C3  C4   sing N N 8   
16G C3  O3   sing N N 9   
16G C3  H3   sing N N 10  
16G C4  C5   sing N N 11  
16G C4  O4   sing N N 12  
16G C4  H4   sing N N 13  
16G C5  C6   sing N N 14  
16G C5  O5   sing N N 15  
16G C5  H5   sing N N 16  
16G C6  O6   sing N N 17  
16G C6  H61  sing N N 18  
16G C6  H62  sing N N 19  
16G C7  C8   sing N N 20  
16G C7  N2   sing N N 21  
16G C7  O7   doub N N 22  
16G C8  H81  sing N N 23  
16G C8  H82  sing N N 24  
16G C8  H83  sing N N 25  
16G N2  HN2  sing N N 26  
16G O1  HO1  sing N N 27  
16G O3  HO3  sing N N 28  
16G O4  HO4  sing N N 29  
16G O6  P    sing N N 30  
16G P   O1P  doub N N 31  
16G P   O2P  sing N N 32  
16G P   O3P  sing N N 33  
16G O2P HOP2 sing N N 34  
16G O3P HOP3 sing N N 35  
ALA N   CA   sing N N 36  
ALA N   H    sing N N 37  
ALA N   H2   sing N N 38  
ALA CA  C    sing N N 39  
ALA CA  CB   sing N N 40  
ALA CA  HA   sing N N 41  
ALA C   O    doub N N 42  
ALA C   OXT  sing N N 43  
ALA CB  HB1  sing N N 44  
ALA CB  HB2  sing N N 45  
ALA CB  HB3  sing N N 46  
ALA OXT HXT  sing N N 47  
ARG N   CA   sing N N 48  
ARG N   H    sing N N 49  
ARG N   H2   sing N N 50  
ARG CA  C    sing N N 51  
ARG CA  CB   sing N N 52  
ARG CA  HA   sing N N 53  
ARG C   O    doub N N 54  
ARG C   OXT  sing N N 55  
ARG CB  CG   sing N N 56  
ARG CB  HB2  sing N N 57  
ARG CB  HB3  sing N N 58  
ARG CG  CD   sing N N 59  
ARG CG  HG2  sing N N 60  
ARG CG  HG3  sing N N 61  
ARG CD  NE   sing N N 62  
ARG CD  HD2  sing N N 63  
ARG CD  HD3  sing N N 64  
ARG NE  CZ   sing N N 65  
ARG NE  HE   sing N N 66  
ARG CZ  NH1  sing N N 67  
ARG CZ  NH2  doub N N 68  
ARG NH1 HH11 sing N N 69  
ARG NH1 HH12 sing N N 70  
ARG NH2 HH21 sing N N 71  
ARG NH2 HH22 sing N N 72  
ARG OXT HXT  sing N N 73  
ASN N   CA   sing N N 74  
ASN N   H    sing N N 75  
ASN N   H2   sing N N 76  
ASN CA  C    sing N N 77  
ASN CA  CB   sing N N 78  
ASN CA  HA   sing N N 79  
ASN C   O    doub N N 80  
ASN C   OXT  sing N N 81  
ASN CB  CG   sing N N 82  
ASN CB  HB2  sing N N 83  
ASN CB  HB3  sing N N 84  
ASN CG  OD1  doub N N 85  
ASN CG  ND2  sing N N 86  
ASN ND2 HD21 sing N N 87  
ASN ND2 HD22 sing N N 88  
ASN OXT HXT  sing N N 89  
ASP N   CA   sing N N 90  
ASP N   H    sing N N 91  
ASP N   H2   sing N N 92  
ASP CA  C    sing N N 93  
ASP CA  CB   sing N N 94  
ASP CA  HA   sing N N 95  
ASP C   O    doub N N 96  
ASP C   OXT  sing N N 97  
ASP CB  CG   sing N N 98  
ASP CB  HB2  sing N N 99  
ASP CB  HB3  sing N N 100 
ASP CG  OD1  doub N N 101 
ASP CG  OD2  sing N N 102 
ASP OD2 HD2  sing N N 103 
ASP OXT HXT  sing N N 104 
COA N1A C2A  sing Y N 105 
COA N1A C6A  doub Y N 106 
COA C2A N3A  doub Y N 107 
COA C2A H2A  sing N N 108 
COA N3A C4A  sing Y N 109 
COA C4A C5A  doub Y N 110 
COA C4A N9A  sing Y N 111 
COA C5A C6A  sing Y N 112 
COA C5A N7A  sing Y N 113 
COA C6A N6A  sing N N 114 
COA N6A H61A sing N N 115 
COA N6A H62A sing N N 116 
COA N7A C8A  doub Y N 117 
COA C8A N9A  sing Y N 118 
COA C8A H8A  sing N N 119 
COA N9A C1B  sing N N 120 
COA C1B C2B  sing N N 121 
COA C1B O4B  sing N N 122 
COA C1B H1B  sing N N 123 
COA C2B O2B  sing N N 124 
COA C2B C3B  sing N N 125 
COA C2B H2B  sing N N 126 
COA O2B HO2A sing N N 127 
COA C3B O3B  sing N N 128 
COA C3B C4B  sing N N 129 
COA C3B H3B  sing N N 130 
COA O3B P3B  sing N N 131 
COA P3B O7A  doub N N 132 
COA P3B O8A  sing N N 133 
COA P3B O9A  sing N N 134 
COA O8A HOA8 sing N N 135 
COA O9A HOA9 sing N N 136 
COA C4B O4B  sing N N 137 
COA C4B C5B  sing N N 138 
COA C4B H4B  sing N N 139 
COA C5B O5B  sing N N 140 
COA C5B H51A sing N N 141 
COA C5B H52A sing N N 142 
COA O5B P1A  sing N N 143 
COA P1A O1A  doub N N 144 
COA P1A O2A  sing N N 145 
COA P1A O3A  sing N N 146 
COA O2A HOA2 sing N N 147 
COA O3A P2A  sing N N 148 
COA P2A O4A  doub N N 149 
COA P2A O5A  sing N N 150 
COA P2A O6A  sing N N 151 
COA O5A HOA5 sing N N 152 
COA O6A CCP  sing N N 153 
COA CBP CCP  sing N N 154 
COA CBP CDP  sing N N 155 
COA CBP CEP  sing N N 156 
COA CBP CAP  sing N N 157 
COA CCP H121 sing N N 158 
COA CCP H122 sing N N 159 
COA CDP H131 sing N N 160 
COA CDP H132 sing N N 161 
COA CDP H133 sing N N 162 
COA CEP H141 sing N N 163 
COA CEP H142 sing N N 164 
COA CEP H143 sing N N 165 
COA CAP OAP  sing N N 166 
COA CAP C9P  sing N N 167 
COA CAP H10  sing N N 168 
COA OAP HO1  sing N N 169 
COA C9P O9P  doub N N 170 
COA C9P N8P  sing N N 171 
COA N8P C7P  sing N N 172 
COA N8P HN8  sing N N 173 
COA C7P C6P  sing N N 174 
COA C7P H71  sing N N 175 
COA C7P H72  sing N N 176 
COA C6P C5P  sing N N 177 
COA C6P H61  sing N N 178 
COA C6P H62  sing N N 179 
COA C5P O5P  doub N N 180 
COA C5P N4P  sing N N 181 
COA N4P C3P  sing N N 182 
COA N4P HN4  sing N N 183 
COA C3P C2P  sing N N 184 
COA C3P H31  sing N N 185 
COA C3P H32  sing N N 186 
COA C2P S1P  sing N N 187 
COA C2P H21  sing N N 188 
COA C2P H22  sing N N 189 
COA S1P HS1  sing N N 190 
CYS N   CA   sing N N 191 
CYS N   H    sing N N 192 
CYS N   H2   sing N N 193 
CYS CA  C    sing N N 194 
CYS CA  CB   sing N N 195 
CYS CA  HA   sing N N 196 
CYS C   O    doub N N 197 
CYS C   OXT  sing N N 198 
CYS CB  SG   sing N N 199 
CYS CB  HB2  sing N N 200 
CYS CB  HB3  sing N N 201 
CYS SG  HG   sing N N 202 
CYS OXT HXT  sing N N 203 
GLN N   CA   sing N N 204 
GLN N   H    sing N N 205 
GLN N   H2   sing N N 206 
GLN CA  C    sing N N 207 
GLN CA  CB   sing N N 208 
GLN CA  HA   sing N N 209 
GLN C   O    doub N N 210 
GLN C   OXT  sing N N 211 
GLN CB  CG   sing N N 212 
GLN CB  HB2  sing N N 213 
GLN CB  HB3  sing N N 214 
GLN CG  CD   sing N N 215 
GLN CG  HG2  sing N N 216 
GLN CG  HG3  sing N N 217 
GLN CD  OE1  doub N N 218 
GLN CD  NE2  sing N N 219 
GLN NE2 HE21 sing N N 220 
GLN NE2 HE22 sing N N 221 
GLN OXT HXT  sing N N 222 
GLU N   CA   sing N N 223 
GLU N   H    sing N N 224 
GLU N   H2   sing N N 225 
GLU CA  C    sing N N 226 
GLU CA  CB   sing N N 227 
GLU CA  HA   sing N N 228 
GLU C   O    doub N N 229 
GLU C   OXT  sing N N 230 
GLU CB  CG   sing N N 231 
GLU CB  HB2  sing N N 232 
GLU CB  HB3  sing N N 233 
GLU CG  CD   sing N N 234 
GLU CG  HG2  sing N N 235 
GLU CG  HG3  sing N N 236 
GLU CD  OE1  doub N N 237 
GLU CD  OE2  sing N N 238 
GLU OE2 HE2  sing N N 239 
GLU OXT HXT  sing N N 240 
GLY N   CA   sing N N 241 
GLY N   H    sing N N 242 
GLY N   H2   sing N N 243 
GLY CA  C    sing N N 244 
GLY CA  HA2  sing N N 245 
GLY CA  HA3  sing N N 246 
GLY C   O    doub N N 247 
GLY C   OXT  sing N N 248 
GLY OXT HXT  sing N N 249 
HIS N   CA   sing N N 250 
HIS N   H    sing N N 251 
HIS N   H2   sing N N 252 
HIS CA  C    sing N N 253 
HIS CA  CB   sing N N 254 
HIS CA  HA   sing N N 255 
HIS C   O    doub N N 256 
HIS C   OXT  sing N N 257 
HIS CB  CG   sing N N 258 
HIS CB  HB2  sing N N 259 
HIS CB  HB3  sing N N 260 
HIS CG  ND1  sing Y N 261 
HIS CG  CD2  doub Y N 262 
HIS ND1 CE1  doub Y N 263 
HIS ND1 HD1  sing N N 264 
HIS CD2 NE2  sing Y N 265 
HIS CD2 HD2  sing N N 266 
HIS CE1 NE2  sing Y N 267 
HIS CE1 HE1  sing N N 268 
HIS NE2 HE2  sing N N 269 
HIS OXT HXT  sing N N 270 
HOH O   H1   sing N N 271 
HOH O   H2   sing N N 272 
ILE N   CA   sing N N 273 
ILE N   H    sing N N 274 
ILE N   H2   sing N N 275 
ILE CA  C    sing N N 276 
ILE CA  CB   sing N N 277 
ILE CA  HA   sing N N 278 
ILE C   O    doub N N 279 
ILE C   OXT  sing N N 280 
ILE CB  CG1  sing N N 281 
ILE CB  CG2  sing N N 282 
ILE CB  HB   sing N N 283 
ILE CG1 CD1  sing N N 284 
ILE CG1 HG12 sing N N 285 
ILE CG1 HG13 sing N N 286 
ILE CG2 HG21 sing N N 287 
ILE CG2 HG22 sing N N 288 
ILE CG2 HG23 sing N N 289 
ILE CD1 HD11 sing N N 290 
ILE CD1 HD12 sing N N 291 
ILE CD1 HD13 sing N N 292 
ILE OXT HXT  sing N N 293 
LEU N   CA   sing N N 294 
LEU N   H    sing N N 295 
LEU N   H2   sing N N 296 
LEU CA  C    sing N N 297 
LEU CA  CB   sing N N 298 
LEU CA  HA   sing N N 299 
LEU C   O    doub N N 300 
LEU C   OXT  sing N N 301 
LEU CB  CG   sing N N 302 
LEU CB  HB2  sing N N 303 
LEU CB  HB3  sing N N 304 
LEU CG  CD1  sing N N 305 
LEU CG  CD2  sing N N 306 
LEU CG  HG   sing N N 307 
LEU CD1 HD11 sing N N 308 
LEU CD1 HD12 sing N N 309 
LEU CD1 HD13 sing N N 310 
LEU CD2 HD21 sing N N 311 
LEU CD2 HD22 sing N N 312 
LEU CD2 HD23 sing N N 313 
LEU OXT HXT  sing N N 314 
LYS N   CA   sing N N 315 
LYS N   H    sing N N 316 
LYS N   H2   sing N N 317 
LYS CA  C    sing N N 318 
LYS CA  CB   sing N N 319 
LYS CA  HA   sing N N 320 
LYS C   O    doub N N 321 
LYS C   OXT  sing N N 322 
LYS CB  CG   sing N N 323 
LYS CB  HB2  sing N N 324 
LYS CB  HB3  sing N N 325 
LYS CG  CD   sing N N 326 
LYS CG  HG2  sing N N 327 
LYS CG  HG3  sing N N 328 
LYS CD  CE   sing N N 329 
LYS CD  HD2  sing N N 330 
LYS CD  HD3  sing N N 331 
LYS CE  NZ   sing N N 332 
LYS CE  HE2  sing N N 333 
LYS CE  HE3  sing N N 334 
LYS NZ  HZ1  sing N N 335 
LYS NZ  HZ2  sing N N 336 
LYS NZ  HZ3  sing N N 337 
LYS OXT HXT  sing N N 338 
MET N   CA   sing N N 339 
MET N   H    sing N N 340 
MET N   H2   sing N N 341 
MET CA  C    sing N N 342 
MET CA  CB   sing N N 343 
MET CA  HA   sing N N 344 
MET C   O    doub N N 345 
MET C   OXT  sing N N 346 
MET CB  CG   sing N N 347 
MET CB  HB2  sing N N 348 
MET CB  HB3  sing N N 349 
MET CG  SD   sing N N 350 
MET CG  HG2  sing N N 351 
MET CG  HG3  sing N N 352 
MET SD  CE   sing N N 353 
MET CE  HE1  sing N N 354 
MET CE  HE2  sing N N 355 
MET CE  HE3  sing N N 356 
MET OXT HXT  sing N N 357 
PHE N   CA   sing N N 358 
PHE N   H    sing N N 359 
PHE N   H2   sing N N 360 
PHE CA  C    sing N N 361 
PHE CA  CB   sing N N 362 
PHE CA  HA   sing N N 363 
PHE C   O    doub N N 364 
PHE C   OXT  sing N N 365 
PHE CB  CG   sing N N 366 
PHE CB  HB2  sing N N 367 
PHE CB  HB3  sing N N 368 
PHE CG  CD1  doub Y N 369 
PHE CG  CD2  sing Y N 370 
PHE CD1 CE1  sing Y N 371 
PHE CD1 HD1  sing N N 372 
PHE CD2 CE2  doub Y N 373 
PHE CD2 HD2  sing N N 374 
PHE CE1 CZ   doub Y N 375 
PHE CE1 HE1  sing N N 376 
PHE CE2 CZ   sing Y N 377 
PHE CE2 HE2  sing N N 378 
PHE CZ  HZ   sing N N 379 
PHE OXT HXT  sing N N 380 
PO4 P   O1   doub N N 381 
PO4 P   O2   sing N N 382 
PO4 P   O3   sing N N 383 
PO4 P   O4   sing N N 384 
PRO N   CA   sing N N 385 
PRO N   CD   sing N N 386 
PRO N   H    sing N N 387 
PRO CA  C    sing N N 388 
PRO CA  CB   sing N N 389 
PRO CA  HA   sing N N 390 
PRO C   O    doub N N 391 
PRO C   OXT  sing N N 392 
PRO CB  CG   sing N N 393 
PRO CB  HB2  sing N N 394 
PRO CB  HB3  sing N N 395 
PRO CG  CD   sing N N 396 
PRO CG  HG2  sing N N 397 
PRO CG  HG3  sing N N 398 
PRO CD  HD2  sing N N 399 
PRO CD  HD3  sing N N 400 
PRO OXT HXT  sing N N 401 
SER N   CA   sing N N 402 
SER N   H    sing N N 403 
SER N   H2   sing N N 404 
SER CA  C    sing N N 405 
SER CA  CB   sing N N 406 
SER CA  HA   sing N N 407 
SER C   O    doub N N 408 
SER C   OXT  sing N N 409 
SER CB  OG   sing N N 410 
SER CB  HB2  sing N N 411 
SER CB  HB3  sing N N 412 
SER OG  HG   sing N N 413 
SER OXT HXT  sing N N 414 
THR N   CA   sing N N 415 
THR N   H    sing N N 416 
THR N   H2   sing N N 417 
THR CA  C    sing N N 418 
THR CA  CB   sing N N 419 
THR CA  HA   sing N N 420 
THR C   O    doub N N 421 
THR C   OXT  sing N N 422 
THR CB  OG1  sing N N 423 
THR CB  CG2  sing N N 424 
THR CB  HB   sing N N 425 
THR OG1 HG1  sing N N 426 
THR CG2 HG21 sing N N 427 
THR CG2 HG22 sing N N 428 
THR CG2 HG23 sing N N 429 
THR OXT HXT  sing N N 430 
TRP N   CA   sing N N 431 
TRP N   H    sing N N 432 
TRP N   H2   sing N N 433 
TRP CA  C    sing N N 434 
TRP CA  CB   sing N N 435 
TRP CA  HA   sing N N 436 
TRP C   O    doub N N 437 
TRP C   OXT  sing N N 438 
TRP CB  CG   sing N N 439 
TRP CB  HB2  sing N N 440 
TRP CB  HB3  sing N N 441 
TRP CG  CD1  doub Y N 442 
TRP CG  CD2  sing Y N 443 
TRP CD1 NE1  sing Y N 444 
TRP CD1 HD1  sing N N 445 
TRP CD2 CE2  doub Y N 446 
TRP CD2 CE3  sing Y N 447 
TRP NE1 CE2  sing Y N 448 
TRP NE1 HE1  sing N N 449 
TRP CE2 CZ2  sing Y N 450 
TRP CE3 CZ3  doub Y N 451 
TRP CE3 HE3  sing N N 452 
TRP CZ2 CH2  doub Y N 453 
TRP CZ2 HZ2  sing N N 454 
TRP CZ3 CH2  sing Y N 455 
TRP CZ3 HZ3  sing N N 456 
TRP CH2 HH2  sing N N 457 
TRP OXT HXT  sing N N 458 
TYR N   CA   sing N N 459 
TYR N   H    sing N N 460 
TYR N   H2   sing N N 461 
TYR CA  C    sing N N 462 
TYR CA  CB   sing N N 463 
TYR CA  HA   sing N N 464 
TYR C   O    doub N N 465 
TYR C   OXT  sing N N 466 
TYR CB  CG   sing N N 467 
TYR CB  HB2  sing N N 468 
TYR CB  HB3  sing N N 469 
TYR CG  CD1  doub Y N 470 
TYR CG  CD2  sing Y N 471 
TYR CD1 CE1  sing Y N 472 
TYR CD1 HD1  sing N N 473 
TYR CD2 CE2  doub Y N 474 
TYR CD2 HD2  sing N N 475 
TYR CE1 CZ   doub Y N 476 
TYR CE1 HE1  sing N N 477 
TYR CE2 CZ   sing Y N 478 
TYR CE2 HE2  sing N N 479 
TYR CZ  OH   sing N N 480 
TYR OH  HH   sing N N 481 
TYR OXT HXT  sing N N 482 
VAL N   CA   sing N N 483 
VAL N   H    sing N N 484 
VAL N   H2   sing N N 485 
VAL CA  C    sing N N 486 
VAL CA  CB   sing N N 487 
VAL CA  HA   sing N N 488 
VAL C   O    doub N N 489 
VAL C   OXT  sing N N 490 
VAL CB  CG1  sing N N 491 
VAL CB  CG2  sing N N 492 
VAL CB  HB   sing N N 493 
VAL CG1 HG11 sing N N 494 
VAL CG1 HG12 sing N N 495 
VAL CG1 HG13 sing N N 496 
VAL CG2 HG21 sing N N 497 
VAL CG2 HG22 sing N N 498 
VAL CG2 HG23 sing N N 499 
VAL OXT HXT  sing N N 500 
# 
_atom_sites.entry_id                    2VXK 
_atom_sites.fract_transf_matrix[1][1]   -0.00709320 
_atom_sites.fract_transf_matrix[1][2]   -0.00389259 
_atom_sites.fract_transf_matrix[1][3]   0.01162432 
_atom_sites.fract_transf_matrix[2][1]   0.00239962 
_atom_sites.fract_transf_matrix[2][2]   -0.00947070 
_atom_sites.fract_transf_matrix[2][3]   -0.00170715 
_atom_sites.fract_transf_matrix[3][1]   0.01501448 
_atom_sites.fract_transf_matrix[3][2]   0.00203023 
_atom_sites.fract_transf_matrix[3][3]   0.00984175 
_atom_sites.fract_transf_vector[1]      -0.364846 
_atom_sites.fract_transf_vector[2]      -0.177402 
_atom_sites.fract_transf_vector[3]      -0.078506 
# 
loop_
_atom_type.symbol 
C 
N 
O 
P 
S 
# 
loop_
_atom_site.group_PDB 
_atom_site.id 
_atom_site.type_symbol 
_atom_site.label_atom_id 
_atom_site.label_alt_id 
_atom_site.label_comp_id 
_atom_site.label_asym_id 
_atom_site.label_entity_id 
_atom_site.label_seq_id 
_atom_site.pdbx_PDB_ins_code 
_atom_site.Cartn_x 
_atom_site.Cartn_y 
_atom_site.Cartn_z 
_atom_site.occupancy 
_atom_site.B_iso_or_equiv 
_atom_site.pdbx_formal_charge 
_atom_site.auth_seq_id 
_atom_site.auth_comp_id 
_atom_site.auth_asym_id 
_atom_site.auth_atom_id 
_atom_site.pdbx_PDB_model_num 
ATOM   1    N N   . GLU A 1 26  ? 1.942   18.832  8.180   1.00 16.41 ? 26   GLU A N   1 
ATOM   2    C CA  . GLU A 1 26  ? 3.067   17.838  8.154   1.00 16.42 ? 26   GLU A CA  1 
ATOM   3    C C   . GLU A 1 26  ? 2.633   16.419  8.562   1.00 15.51 ? 26   GLU A C   1 
ATOM   4    O O   . GLU A 1 26  ? 3.074   15.406  7.982   1.00 13.62 ? 26   GLU A O   1 
ATOM   5    C CB  . GLU A 1 26  ? 4.181   18.304  9.082   1.00 17.07 ? 26   GLU A CB  1 
ATOM   6    C CG  . GLU A 1 26  ? 5.548   18.228  8.454   1.00 22.08 ? 26   GLU A CG  1 
ATOM   7    C CD  . GLU A 1 26  ? 6.650   17.954  9.481   1.00 27.41 ? 26   GLU A CD  1 
ATOM   8    O OE1 . GLU A 1 26  ? 7.689   17.379  9.077   1.00 28.99 ? 26   GLU A OE1 1 
ATOM   9    O OE2 . GLU A 1 26  ? 6.475   18.296  10.680  1.00 28.46 ? 26   GLU A OE2 1 
ATOM   10   N N   . ASN A 1 27  ? 1.794   16.344  9.589   1.00 14.57 ? 27   ASN A N   1 
ATOM   11   C CA  . ASN A 1 27  ? 1.312   15.058  10.073  1.00 14.75 ? 27   ASN A CA  1 
ATOM   12   C C   . ASN A 1 27  ? -0.099  14.716  9.587   1.00 13.85 ? 27   ASN A C   1 
ATOM   13   O O   . ASN A 1 27  ? -0.637  13.645  9.925   1.00 12.95 ? 27   ASN A O   1 
ATOM   14   C CB  . ASN A 1 27  ? 1.385   15.000  11.594  1.00 15.39 ? 27   ASN A CB  1 
ATOM   15   C CG  . ASN A 1 27  ? 2.783   15.306  12.124  1.00 18.39 ? 27   ASN A CG  1 
ATOM   16   O OD1 . ASN A 1 27  ? 3.807   14.875  11.568  1.00 18.48 ? 27   ASN A OD1 1 
ATOM   17   N ND2 . ASN A 1 27  ? 2.829   16.065  13.199  1.00 20.71 ? 27   ASN A ND2 1 
ATOM   18   N N   . THR A 1 28  ? -0.678  15.600  8.777   1.00 12.31 ? 28   THR A N   1 
ATOM   19   C CA  . THR A 1 28  ? -2.040  15.387  8.270   1.00 12.15 ? 28   THR A CA  1 
ATOM   20   C C   . THR A 1 28  ? -2.122  14.125  7.382   1.00 11.23 ? 28   THR A C   1 
ATOM   21   O O   . THR A 1 28  ? -1.412  14.026  6.397   1.00 10.58 ? 28   THR A O   1 
ATOM   22   C CB  . THR A 1 28  ? -2.532  16.596  7.479   1.00 12.03 ? 28   THR A CB  1 
ATOM   23   O OG1 . THR A 1 28  ? -2.494  17.761  8.330   1.00 12.65 ? 28   THR A OG1 1 
ATOM   24   C CG2 . THR A 1 28  ? -3.962  16.374  6.982   1.00 13.36 ? 28   THR A CG2 1 
ATOM   25   N N   . PRO A 1 29  ? -3.031  13.185  7.711   1.00 10.02 ? 29   PRO A N   1 
ATOM   26   C CA  . PRO A 1 29  ? -3.126  11.961  6.897   1.00 9.03  ? 29   PRO A CA  1 
ATOM   27   C C   . PRO A 1 29  ? -3.481  12.235  5.440   1.00 8.21  ? 29   PRO A C   1 
ATOM   28   O O   . PRO A 1 29  ? -4.272  13.142  5.116   1.00 7.81  ? 29   PRO A O   1 
ATOM   29   C CB  . PRO A 1 29  ? -4.246  11.136  7.575   1.00 9.92  ? 29   PRO A CB  1 
ATOM   30   C CG  . PRO A 1 29  ? -4.532  11.806  8.834   1.00 10.18 ? 29   PRO A CG  1 
ATOM   31   C CD  . PRO A 1 29  ? -4.034  13.224  8.792   1.00 11.03 ? 29   PRO A CD  1 
ATOM   32   N N   . LEU A 1 30  ? -2.888  11.460  4.553   1.00 8.34  ? 30   LEU A N   1 
ATOM   33   C CA  . LEU A 1 30  ? -3.142  11.619  3.128   1.00 7.97  ? 30   LEU A CA  1 
ATOM   34   C C   . LEU A 1 30  ? -4.637  11.411  2.803   1.00 9.05  ? 30   LEU A C   1 
ATOM   35   O O   . LEU A 1 30  ? -5.185  12.070  1.914   1.00 9.80  ? 30   LEU A O   1 
ATOM   36   C CB  . LEU A 1 30  ? -2.306  10.601  2.367   1.00 8.25  ? 30   LEU A CB  1 
ATOM   37   C CG  . LEU A 1 30  ? -2.536  10.523  0.869   1.00 9.11  ? 30   LEU A CG  1 
ATOM   38   C CD1 . LEU A 1 30  ? -2.085  11.842  0.190   1.00 10.74 ? 30   LEU A CD1 1 
ATOM   39   C CD2 . LEU A 1 30  ? -1.802  9.305   0.282   1.00 9.70  ? 30   LEU A CD2 1 
ATOM   40   N N   . PHE A 1 31  ? -5.270  10.469  3.500   1.00 8.11  ? 31   PHE A N   1 
ATOM   41   C CA  . PHE A 1 31  ? -6.699  10.207  3.310   1.00 8.92  ? 31   PHE A CA  1 
ATOM   42   C C   . PHE A 1 31  ? -7.336  9.874   4.659   1.00 8.08  ? 31   PHE A C   1 
ATOM   43   O O   . PHE A 1 31  ? -6.627  9.703   5.653   1.00 9.45  ? 31   PHE A O   1 
ATOM   44   C CB  . PHE A 1 31  ? -6.918  9.092   2.244   1.00 8.68  ? 31   PHE A CB  1 
ATOM   45   C CG  . PHE A 1 31  ? -6.317  7.769   2.606   1.00 9.23  ? 31   PHE A CG  1 
ATOM   46   C CD1 . PHE A 1 31  ? -5.065  7.388   2.094   1.00 9.71  ? 31   PHE A CD1 1 
ATOM   47   C CD2 . PHE A 1 31  ? -7.016  6.883   3.416   1.00 8.21  ? 31   PHE A CD2 1 
ATOM   48   C CE1 . PHE A 1 31  ? -4.509  6.144   2.414   1.00 10.82 ? 31   PHE A CE1 1 
ATOM   49   C CE2 . PHE A 1 31  ? -6.479  5.617   3.746   1.00 9.11  ? 31   PHE A CE2 1 
ATOM   50   C CZ  . PHE A 1 31  ? -5.209  5.245   3.254   1.00 9.98  ? 31   PHE A CZ  1 
ATOM   51   N N   . SER A 1 32  ? -8.675  9.842   4.712   1.00 7.36  ? 32   SER A N   1 
ATOM   52   C CA  . SER A 1 32  ? -9.377  9.638   5.989   1.00 7.49  ? 32   SER A CA  1 
ATOM   53   C C   . SER A 1 32  ? -8.920  8.388   6.716   1.00 7.45  ? 32   SER A C   1 
ATOM   54   O O   . SER A 1 32  ? -8.944  7.310   6.131   1.00 8.44  ? 32   SER A O   1 
ATOM   55   C CB  . SER A 1 32  ? -10.884 9.498   5.724   1.00 6.69  ? 32   SER A CB  1 
ATOM   56   O OG  . SER A 1 32  ? -11.574 9.269   6.938   1.00 7.95  ? 32   SER A OG  1 
ATOM   57   N N   . PRO A 1 33  ? -8.523  8.510   7.993   1.00 8.23  ? 33   PRO A N   1 
ATOM   58   C CA  . PRO A 1 33  ? -8.321  7.289   8.805   1.00 8.21  ? 33   PRO A CA  1 
ATOM   59   C C   . PRO A 1 33  ? -9.522  6.298   8.815   1.00 8.35  ? 33   PRO A C   1 
ATOM   60   O O   . PRO A 1 33  ? -9.344  5.116   9.114   1.00 7.45  ? 33   PRO A O   1 
ATOM   61   C CB  . PRO A 1 33  ? -8.056  7.854   10.213  1.00 9.46  ? 33   PRO A CB  1 
ATOM   62   C CG  . PRO A 1 33  ? -7.456  9.214   9.945   1.00 10.21 ? 33   PRO A CG  1 
ATOM   63   C CD  . PRO A 1 33  ? -8.205  9.745   8.749   1.00 9.32  ? 33   PRO A CD  1 
ATOM   64   N N   . SER A 1 34  ? -10.730 6.781   8.499   1.00 6.71  ? 34   SER A N   1 
ATOM   65   C CA  . SER A 1 34  ? -11.921 5.922   8.423   1.00 7.42  ? 34   SER A CA  1 
ATOM   66   C C   . SER A 1 34  ? -11.793 4.840   7.352   1.00 6.82  ? 34   SER A C   1 
ATOM   67   O O   . SER A 1 34  ? -12.499 3.830   7.397   1.00 7.15  ? 34   SER A O   1 
ATOM   68   C CB  . SER A 1 34  ? -13.191 6.762   8.211   1.00 7.00  ? 34   SER A CB  1 
ATOM   69   O OG  . SER A 1 34  ? -13.323 7.179   6.880   1.00 8.47  ? 34   SER A OG  1 
ATOM   70   N N   . LEU A 1 35  ? -10.882 5.044   6.396   1.00 6.33  ? 35   LEU A N   1 
ATOM   71   C CA  . LEU A 1 35  ? -10.676 4.108   5.303   1.00 6.26  ? 35   LEU A CA  1 
ATOM   72   C C   . LEU A 1 35  ? -9.749  2.968   5.698   1.00 6.73  ? 35   LEU A C   1 
ATOM   73   O O   . LEU A 1 35  ? -9.531  2.075   4.903   1.00 7.01  ? 35   LEU A O   1 
ATOM   74   C CB  . LEU A 1 35  ? -10.113 4.828   4.050   1.00 7.48  ? 35   LEU A CB  1 
ATOM   75   C CG  . LEU A 1 35  ? -11.201 5.460   3.167   1.00 9.15  ? 35   LEU A CG  1 
ATOM   76   C CD1 . LEU A 1 35  ? -10.618 6.520   2.238   1.00 10.49 ? 35   LEU A CD1 1 
ATOM   77   C CD2 . LEU A 1 35  ? -12.008 4.366   2.383   1.00 8.16  ? 35   LEU A CD2 1 
ATOM   78   N N   . ILE A 1 36  ? -9.245  2.989   6.938   1.00 6.19  ? 36   ILE A N   1 
ATOM   79   C CA  . ILE A 1 36  ? -8.361  1.912   7.384   1.00 6.70  ? 36   ILE A CA  1 
ATOM   80   C C   . ILE A 1 36  ? -9.236  0.838   8.005   1.00 6.49  ? 36   ILE A C   1 
ATOM   81   O O   . ILE A 1 36  ? -9.917  1.093   9.003   1.00 7.30  ? 36   ILE A O   1 
ATOM   82   C CB  . ILE A 1 36  ? -7.342  2.410   8.447   1.00 7.17  ? 36   ILE A CB  1 
ATOM   83   C CG1 . ILE A 1 36  ? -6.519  3.603   7.912   1.00 7.43  ? 36   ILE A CG1 1 
ATOM   84   C CG2 . ILE A 1 36  ? -6.461  1.232   8.933   1.00 6.87  ? 36   ILE A CG2 1 
ATOM   85   C CD1 . ILE A 1 36  ? -5.605  3.282   6.647   1.00 9.40  ? 36   ILE A CD1 1 
ATOM   86   N N   . SER A 1 37  ? -9.166  -0.371  7.453   1.00 6.97  ? 37   SER A N   1 
ATOM   87   C CA  . SER A 1 37  ? -10.039 -1.472  7.878   1.00 6.97  ? 37   SER A CA  1 
ATOM   88   C C   . SER A 1 37  ? -10.031 -1.667  9.395   1.00 7.48  ? 37   SER A C   1 
ATOM   89   O O   . SER A 1 37  ? -8.975  -1.988  9.958   1.00 7.61  ? 37   SER A O   1 
ATOM   90   C CB  . SER A 1 37  ? -9.584  -2.776  7.231   1.00 7.64  ? 37   SER A CB  1 
ATOM   91   O OG  . SER A 1 37  ? -10.358 -3.877  7.747   1.00 8.04  ? 37   SER A OG  1 
ATOM   92   N N   . PRO A 1 38  ? -11.186 -1.489  10.060  1.00 8.57  ? 38   PRO A N   1 
ATOM   93   C CA  . PRO A 1 38  ? -11.260 -1.773  11.508  1.00 8.49  ? 38   PRO A CA  1 
ATOM   94   C C   . PRO A 1 38  ? -10.855 -3.222  11.881  1.00 9.07  ? 38   PRO A C   1 
ATOM   95   O O   . PRO A 1 38  ? -10.179 -3.444  12.912  1.00 8.85  ? 38   PRO A O   1 
ATOM   96   C CB  . PRO A 1 38  ? -12.729 -1.505  11.860  1.00 9.49  ? 38   PRO A CB  1 
ATOM   97   C CG  . PRO A 1 38  ? -13.433 -1.120  10.605  1.00 10.63 ? 38   PRO A CG  1 
ATOM   98   C CD  . PRO A 1 38  ? -12.451 -0.958  9.497   1.00 9.52  ? 38   PRO A CD  1 
ATOM   99   N N   . ASP A 1 39  ? -11.238 -4.188  11.041  1.00 9.73  ? 39   ASP A N   1 
ATOM   100  C CA  . ASP A 1 39  ? -10.865 -5.602  11.288  1.00 10.25 ? 39   ASP A CA  1 
ATOM   101  C C   . ASP A 1 39  ? -9.340  -5.818  11.235  1.00 9.36  ? 39   ASP A C   1 
ATOM   102  O O   . ASP A 1 39  ? -8.779  -6.529  12.065  1.00 9.94  ? 39   ASP A O   1 
ATOM   103  C CB  . ASP A 1 39  ? -11.570 -6.512  10.287  1.00 10.59 ? 39   ASP A CB  1 
ATOM   104  C CG  . ASP A 1 39  ? -13.058 -6.715  10.617  1.00 13.11 ? 39   ASP A CG  1 
ATOM   105  O OD1 . ASP A 1 39  ? -13.540 -6.225  11.648  1.00 14.87 ? 39   ASP A OD1 1 
ATOM   106  O OD2 . ASP A 1 39  ? -13.740 -7.387  9.832   1.00 18.54 ? 39   ASP A OD2 1 
ATOM   107  N N   . VAL A 1 40  ? -8.681  -5.176  10.280  1.00 8.35  ? 40   VAL A N   1 
ATOM   108  C CA  . VAL A 1 40  ? -7.222  -5.166  10.228  1.00 7.55  ? 40   VAL A CA  1 
ATOM   109  C C   . VAL A 1 40  ? -6.600  -4.515  11.447  1.00 7.34  ? 40   VAL A C   1 
ATOM   110  O O   . VAL A 1 40  ? -5.706  -5.110  12.082  1.00 6.43  ? 40   VAL A O   1 
ATOM   111  C CB  . VAL A 1 40  ? -6.684  -4.530  8.936   1.00 6.86  ? 40   VAL A CB  1 
ATOM   112  C CG1 . VAL A 1 40  ? -5.162  -4.365  9.040   1.00 7.90  ? 40   VAL A CG1 1 
ATOM   113  C CG2 . VAL A 1 40  ? -7.101  -5.420  7.746   1.00 6.17  ? 40   VAL A CG2 1 
ATOM   114  N N   . LEU A 1 41  ? -7.093  -3.334  11.828  1.00 6.83  ? 41   LEU A N   1 
ATOM   115  C CA  . LEU A 1 41  ? -6.553  -2.691  13.050  1.00 7.94  ? 41   LEU A CA  1 
ATOM   116  C C   . LEU A 1 41  ? -6.692  -3.597  14.272  1.00 8.35  ? 41   LEU A C   1 
ATOM   117  O O   . LEU A 1 41  ? -5.835  -3.589  15.167  1.00 8.80  ? 41   LEU A O   1 
ATOM   118  C CB  . LEU A 1 41  ? -7.287  -1.373  13.332  1.00 7.94  ? 41   LEU A CB  1 
ATOM   119  C CG  . LEU A 1 41  ? -7.042  -0.264  12.295  1.00 9.83  ? 41   LEU A CG  1 
ATOM   120  C CD1 . LEU A 1 41  ? -8.112  0.811   12.436  1.00 12.65 ? 41   LEU A CD1 1 
ATOM   121  C CD2 . LEU A 1 41  ? -5.670  0.301   12.501  1.00 11.08 ? 41   LEU A CD2 1 
ATOM   122  N N   . ALA A 1 42  ? -7.788  -4.346  14.324  1.00 8.40  ? 42   ALA A N   1 
ATOM   123  C CA  . ALA A 1 42  ? -8.062  -5.193  15.491  1.00 8.55  ? 42   ALA A CA  1 
ATOM   124  C C   . ALA A 1 42  ? -7.075  -6.369  15.625  1.00 8.80  ? 42   ALA A C   1 
ATOM   125  O O   . ALA A 1 42  ? -6.849  -6.849  16.727  1.00 9.06  ? 42   ALA A O   1 
ATOM   126  C CB  . ALA A 1 42  ? -9.487  -5.706  15.449  1.00 8.65  ? 42   ALA A CB  1 
ATOM   127  N N   . VAL A 1 43  ? -6.479  -6.802  14.515  1.00 8.75  ? 43   VAL A N   1 
ATOM   128  C CA  A VAL A 1 43  ? -5.667  -8.021  14.500  0.50 9.67  ? 43   VAL A CA  1 
ATOM   129  C CA  B VAL A 1 43  ? -5.651  -8.017  14.528  0.50 9.50  ? 43   VAL A CA  1 
ATOM   130  C C   . VAL A 1 43  ? -4.153  -7.761  14.365  1.00 10.07 ? 43   VAL A C   1 
ATOM   131  O O   . VAL A 1 43  ? -3.337  -8.680  14.492  1.00 8.68  ? 43   VAL A O   1 
ATOM   132  C CB  A VAL A 1 43  ? -6.170  -8.985  13.389  0.50 9.53  ? 43   VAL A CB  1 
ATOM   133  C CB  B VAL A 1 43  ? -6.114  -9.056  13.470  0.50 9.37  ? 43   VAL A CB  1 
ATOM   134  C CG1 A VAL A 1 43  ? -5.723  -8.515  12.019  0.50 9.07  ? 43   VAL A CG1 1 
ATOM   135  C CG1 B VAL A 1 43  ? -7.502  -9.557  13.801  0.50 9.00  ? 43   VAL A CG1 1 
ATOM   136  C CG2 A VAL A 1 43  ? -5.710  -10.405 13.665  0.50 10.23 ? 43   VAL A CG2 1 
ATOM   137  C CG2 B VAL A 1 43  ? -6.058  -8.479  12.071  0.50 8.80  ? 43   VAL A CG2 1 
ATOM   138  N N   . LEU A 1 44  ? -3.796  -6.517  14.104  1.00 10.99 ? 44   LEU A N   1 
ATOM   139  C CA  A LEU A 1 44  ? -2.382  -6.132  13.987  0.50 12.69 ? 44   LEU A CA  1 
ATOM   140  C CA  B LEU A 1 44  ? -2.394  -6.128  13.979  0.50 12.70 ? 44   LEU A CA  1 
ATOM   141  C C   . LEU A 1 44  ? -1.610  -6.465  15.260  1.00 13.65 ? 44   LEU A C   1 
ATOM   142  O O   . LEU A 1 44  ? -2.171  -6.433  16.355  1.00 13.65 ? 44   LEU A O   1 
ATOM   143  C CB  A LEU A 1 44  ? -2.249  -4.637  13.668  0.50 12.66 ? 44   LEU A CB  1 
ATOM   144  C CB  B LEU A 1 44  ? -2.332  -4.629  13.670  0.50 12.59 ? 44   LEU A CB  1 
ATOM   145  C CG  A LEU A 1 44  ? -2.084  -4.191  12.216  0.50 12.88 ? 44   LEU A CG  1 
ATOM   146  C CG  B LEU A 1 44  ? -1.141  -4.050  12.917  0.50 12.99 ? 44   LEU A CG  1 
ATOM   147  C CD1 A LEU A 1 44  ? -2.024  -2.669  12.171  0.50 13.63 ? 44   LEU A CD1 1 
ATOM   148  C CD1 B LEU A 1 44  ? -1.008  -4.637  11.523  0.50 12.63 ? 44   LEU A CD1 1 
ATOM   149  C CD2 A LEU A 1 44  ? -0.835  -4.786  11.582  0.50 12.43 ? 44   LEU A CD2 1 
ATOM   150  C CD2 B LEU A 1 44  ? -1.323  -2.548  12.834  0.50 12.60 ? 44   LEU A CD2 1 
ATOM   151  N N   . PRO A 1 45  ? -0.345  -6.816  15.166  1.00 14.90 ? 45   PRO A N   1 
ATOM   152  C CA  . PRO A 1 45  ? 0.410   -7.078  16.393  1.00 15.85 ? 45   PRO A CA  1 
ATOM   153  C C   . PRO A 1 45  ? 0.356   -5.883  17.352  1.00 16.31 ? 45   PRO A C   1 
ATOM   154  O O   . PRO A 1 45  ? 0.158   -4.774  16.946  1.00 16.13 ? 45   PRO A O   1 
ATOM   155  C CB  . PRO A 1 45  ? 1.830   -7.275  15.899  1.00 16.55 ? 45   PRO A CB  1 
ATOM   156  C CG  . PRO A 1 45  ? 1.727   -7.632  14.491  1.00 15.74 ? 45   PRO A CG  1 
ATOM   157  C CD  . PRO A 1 45  ? 0.462   -7.049  13.969  1.00 15.97 ? 45   PRO A CD  1 
ATOM   158  N N   . ALA A 1 46  ? 0.568   -6.130  18.635  1.00 16.12 ? 46   ALA A N   1 
ATOM   159  C CA  . ALA A 1 46  ? 0.384   -5.095  19.619  1.00 15.42 ? 46   ALA A CA  1 
ATOM   160  C C   . ALA A 1 46  ? 1.299   -3.904  19.388  1.00 14.60 ? 46   ALA A C   1 
ATOM   161  O O   . ALA A 1 46  ? 2.403   -4.053  19.118  1.00 14.13 ? 46   ALA A O   1 
ATOM   162  C CB  . ALA A 1 46  ? 0.593   -5.653  21.013  1.00 15.84 ? 46   ALA A CB  1 
ATOM   163  N N   . ASP A 1 47  ? 0.767   -2.726  19.522  1.00 13.64 ? 47   ASP A N   1 
ATOM   164  C CA  . ASP A 1 47  ? 1.534   -1.533  19.334  1.00 14.13 ? 47   ASP A CA  1 
ATOM   165  C C   . ASP A 1 47  ? 1.893   -1.158  17.869  1.00 13.69 ? 47   ASP A C   1 
ATOM   166  O O   . ASP A 1 47  ? 2.360   -0.089  17.640  1.00 15.19 ? 47   ASP A O   1 
ATOM   167  C CB  . ASP A 1 47  ? 2.837   -1.649  20.071  1.00 13.88 ? 47   ASP A CB  1 
ATOM   168  C CG  . ASP A 1 47  ? 2.657   -1.719  21.558  1.00 15.29 ? 47   ASP A CG  1 
ATOM   169  O OD1 . ASP A 1 47  ? 1.639   -1.289  22.041  1.00 11.86 ? 47   ASP A OD1 1 
ATOM   170  O OD2 . ASP A 1 47  ? 3.590   -2.192  22.178  1.00 16.03 ? 47   ASP A OD2 1 
ATOM   171  N N   . TYR A 1 48  ? 1.745   -2.081  16.934  1.00 13.14 ? 48   TYR A N   1 
ATOM   172  C CA  . TYR A 1 48  ? 1.948   -1.774  15.503  1.00 11.79 ? 48   TYR A CA  1 
ATOM   173  C C   . TYR A 1 48  ? 0.738   -1.019  15.057  1.00 11.85 ? 48   TYR A C   1 
ATOM   174  O O   . TYR A 1 48  ? -0.333  -1.143  15.663  1.00 12.35 ? 48   TYR A O   1 
ATOM   175  C CB  . TYR A 1 48  ? 2.095   -3.032  14.643  1.00 12.05 ? 48   TYR A CB  1 
ATOM   176  C CG  . TYR A 1 48  ? 3.479   -3.634  14.656  1.00 12.08 ? 48   TYR A CG  1 
ATOM   177  C CD1 . TYR A 1 48  ? 4.063   -4.024  15.861  1.00 14.95 ? 48   TYR A CD1 1 
ATOM   178  C CD2 . TYR A 1 48  ? 4.205   -3.820  13.473  1.00 7.52  ? 48   TYR A CD2 1 
ATOM   179  C CE1 . TYR A 1 48  ? 5.341   -4.587  15.898  1.00 15.04 ? 48   TYR A CE1 1 
ATOM   180  C CE2 . TYR A 1 48  ? 5.492   -4.378  13.498  1.00 8.85  ? 48   TYR A CE2 1 
ATOM   181  C CZ  . TYR A 1 48  ? 6.040   -4.761  14.715  1.00 14.13 ? 48   TYR A CZ  1 
ATOM   182  O OH  . TYR A 1 48  ? 7.307   -5.329  14.803  1.00 15.46 ? 48   TYR A OH  1 
ATOM   183  N N   . THR A 1 49  ? 0.890   -0.215  13.997  1.00 10.98 ? 49   THR A N   1 
ATOM   184  C CA  A THR A 1 49  ? -0.216  0.564   13.489  0.50 10.93 ? 49   THR A CA  1 
ATOM   185  C CA  B THR A 1 49  ? -0.244  0.541   13.495  0.50 10.50 ? 49   THR A CA  1 
ATOM   186  C C   . THR A 1 49  ? -0.197  0.520   11.973  1.00 10.07 ? 49   THR A C   1 
ATOM   187  O O   . THR A 1 49  ? 0.870   0.361   11.376  1.00 9.92  ? 49   THR A O   1 
ATOM   188  C CB  A THR A 1 49  ? -0.129  2.035   13.966  0.50 11.43 ? 49   THR A CB  1 
ATOM   189  C CB  B THR A 1 49  ? -0.402  2.002   14.171  0.50 11.19 ? 49   THR A CB  1 
ATOM   190  O OG1 A THR A 1 49  ? 1.067   2.631   13.467  0.50 12.61 ? 49   THR A OG1 1 
ATOM   191  O OG1 B THR A 1 49  ? -0.347  3.077   13.220  0.50 10.41 ? 49   THR A OG1 1 
ATOM   192  C CG2 A THR A 1 49  ? -0.117  2.116   15.493  0.50 11.25 ? 49   THR A CG2 1 
ATOM   193  C CG2 B THR A 1 49  ? 0.607   2.246   15.295  0.50 9.47  ? 49   THR A CG2 1 
ATOM   194  N N   . ILE A 1 50  ? -1.360  0.631   11.370  1.00 8.36  ? 50   ILE A N   1 
ATOM   195  C CA  A ILE A 1 50  ? -1.475  0.818   9.946   0.50 8.09  ? 50   ILE A CA  1 
ATOM   196  C CA  B ILE A 1 50  ? -1.468  0.843   9.916   0.50 8.60  ? 50   ILE A CA  1 
ATOM   197  C C   . ILE A 1 50  ? -2.260  2.113   9.730   1.00 8.25  ? 50   ILE A C   1 
ATOM   198  O O   . ILE A 1 50  ? -3.288  2.355   10.416  1.00 8.87  ? 50   ILE A O   1 
ATOM   199  C CB  A ILE A 1 50  ? -2.136  -0.428  9.336   0.50 8.05  ? 50   ILE A CB  1 
ATOM   200  C CB  B ILE A 1 50  ? -2.178  -0.313  9.150   0.50 8.24  ? 50   ILE A CB  1 
ATOM   201  C CG1 A ILE A 1 50  ? -2.177  -0.386  7.824   0.50 7.90  ? 50   ILE A CG1 1 
ATOM   202  C CG1 B ILE A 1 50  ? -1.324  -1.589  9.139   0.50 9.69  ? 50   ILE A CG1 1 
ATOM   203  C CG2 A ILE A 1 50  ? -3.508  -0.750  9.992   0.50 6.52  ? 50   ILE A CG2 1 
ATOM   204  C CG2 B ILE A 1 50  ? -2.564  0.099   7.717   0.50 8.42  ? 50   ILE A CG2 1 
ATOM   205  C CD1 A ILE A 1 50  ? -2.387  -1.779  7.237   0.50 6.93  ? 50   ILE A CD1 1 
ATOM   206  C CD1 B ILE A 1 50  ? -1.925  -2.724  8.264   0.50 9.32  ? 50   ILE A CD1 1 
ATOM   207  N N   . ARG A 1 51  ? -1.775  2.965   8.850   1.00 8.66  ? 51   ARG A N   1 
ATOM   208  C CA  . ARG A 1 51  ? -2.379  4.308   8.762   1.00 8.48  ? 51   ARG A CA  1 
ATOM   209  C C   . ARG A 1 51  ? -2.031  4.949   7.407   1.00 7.79  ? 51   ARG A C   1 
ATOM   210  O O   . ARG A 1 51  ? -1.113  4.474   6.701   1.00 7.76  ? 51   ARG A O   1 
ATOM   211  C CB  . ARG A 1 51  ? -1.881  5.169   9.943   1.00 10.19 ? 51   ARG A CB  1 
ATOM   212  C CG  . ARG A 1 51  ? -0.390  5.486   9.914   1.00 7.40  ? 51   ARG A CG  1 
ATOM   213  C CD  . ARG A 1 51  ? -0.013  6.680   10.789  1.00 8.69  ? 51   ARG A CD  1 
ATOM   214  N NE  . ARG A 1 51  ? 1.436   6.865   10.904  1.00 7.83  ? 51   ARG A NE  1 
ATOM   215  C CZ  . ARG A 1 51  ? 2.241   7.388   9.972   1.00 8.54  ? 51   ARG A CZ  1 
ATOM   216  N NH1 . ARG A 1 51  ? 1.779   7.764   8.780   1.00 8.45  ? 51   ARG A NH1 1 
ATOM   217  N NH2 . ARG A 1 51  ? 3.551   7.494   10.228  1.00 9.09  ? 51   ARG A NH2 1 
ATOM   218  N N   . PRO A 1 52  ? -2.789  5.986   6.996   1.00 7.77  ? 52   PRO A N   1 
ATOM   219  C CA  . PRO A 1 52  ? -2.389  6.678   5.752   1.00 7.76  ? 52   PRO A CA  1 
ATOM   220  C C   . PRO A 1 52  ? -0.986  7.256   5.885   1.00 7.29  ? 52   PRO A C   1 
ATOM   221  O O   . PRO A 1 52  ? -0.582  7.665   6.977   1.00 6.40  ? 52   PRO A O   1 
ATOM   222  C CB  . PRO A 1 52  ? -3.401  7.831   5.634   1.00 8.56  ? 52   PRO A CB  1 
ATOM   223  C CG  . PRO A 1 52  ? -4.609  7.340   6.403   1.00 8.81  ? 52   PRO A CG  1 
ATOM   224  C CD  . PRO A 1 52  ? -4.028  6.548   7.583   1.00 7.13  ? 52   PRO A CD  1 
ATOM   225  N N   . LEU A 1 53  ? -0.299  7.350   4.744   1.00 6.94  ? 53   LEU A N   1 
ATOM   226  C CA  . LEU A 1 53  ? 0.901   8.188   4.623   1.00 7.04  ? 53   LEU A CA  1 
ATOM   227  C C   . LEU A 1 53  ? 0.611   9.601   5.099   1.00 7.34  ? 53   LEU A C   1 
ATOM   228  O O   . LEU A 1 53  ? -0.489  10.095  4.920   1.00 7.72  ? 53   LEU A O   1 
ATOM   229  C CB  . LEU A 1 53  ? 1.298   8.252   3.148   1.00 6.66  ? 53   LEU A CB  1 
ATOM   230  C CG  . LEU A 1 53  ? 2.694   8.848   2.869   1.00 5.09  ? 53   LEU A CG  1 
ATOM   231  C CD1 . LEU A 1 53  ? 3.724   7.881   3.390   1.00 5.18  ? 53   LEU A CD1 1 
ATOM   232  C CD2 . LEU A 1 53  ? 2.796   8.979   1.335   1.00 9.61  ? 53   LEU A CD2 1 
ATOM   233  N N   . CYS A 1 54  ? 1.633   10.272  5.620   1.00 6.97  ? 54   CYS A N   1 
ATOM   234  C CA  . CYS A 1 54  ? 1.590   11.716  5.759   1.00 6.91  ? 54   CYS A CA  1 
ATOM   235  C C   . CYS A 1 54  ? 2.928   12.298  5.284   1.00 7.76  ? 54   CYS A C   1 
ATOM   236  O O   . CYS A 1 54  ? 3.926   11.544  5.123   1.00 6.58  ? 54   CYS A O   1 
ATOM   237  C CB  . CYS A 1 54  ? 1.326   12.127  7.198   1.00 7.77  ? 54   CYS A CB  1 
ATOM   238  S SG  . CYS A 1 54  ? 2.605   11.741  8.425   1.00 9.05  ? 54   CYS A SG  1 
ATOM   239  N N   . ARG A 1 55  ? 2.958   13.617  5.092   1.00 7.29  ? 55   ARG A N   1 
ATOM   240  C CA  . ARG A 1 55  ? 4.149   14.262  4.506   1.00 9.71  ? 55   ARG A CA  1 
ATOM   241  C C   . ARG A 1 55  ? 5.422   13.997  5.325   1.00 8.78  ? 55   ARG A C   1 
ATOM   242  O O   . ARG A 1 55  ? 6.517   13.751  4.772   1.00 9.19  ? 55   ARG A O   1 
ATOM   243  C CB  . ARG A 1 55  ? 3.939   15.774  4.309   1.00 8.75  ? 55   ARG A CB  1 
ATOM   244  C CG  . ARG A 1 55  ? 4.988   16.364  3.325   1.00 11.90 ? 55   ARG A CG  1 
ATOM   245  C CD  . ARG A 1 55  ? 4.620   17.773  2.862   1.00 14.36 ? 55   ARG A CD  1 
ATOM   246  N NE  . ARG A 1 55  ? 5.022   18.757  3.852   1.00 20.97 ? 55   ARG A NE  1 
ATOM   247  C CZ  . ARG A 1 55  ? 4.183   19.359  4.692   1.00 24.95 ? 55   ARG A CZ  1 
ATOM   248  N NH1 . ARG A 1 55  ? 2.882   19.071  4.666   1.00 27.41 ? 55   ARG A NH1 1 
ATOM   249  N NH2 . ARG A 1 55  ? 4.644   20.244  5.565   1.00 23.54 ? 55   ARG A NH2 1 
ATOM   250  N N   . SER A 1 56  ? 5.281   13.991  6.642   1.00 9.21  ? 56   SER A N   1 
ATOM   251  C CA  . SER A 1 56  ? 6.470   13.858  7.503   1.00 9.46  ? 56   SER A CA  1 
ATOM   252  C C   . SER A 1 56  ? 7.041   12.449  7.505   1.00 8.83  ? 56   SER A C   1 
ATOM   253  O O   . SER A 1 56  ? 8.122   12.212  8.040   1.00 9.94  ? 56   SER A O   1 
ATOM   254  C CB  . SER A 1 56  ? 6.187   14.391  8.924   1.00 10.05 ? 56   SER A CB  1 
ATOM   255  O OG  . SER A 1 56  ? 5.118   13.685  9.486   1.00 11.05 ? 56   SER A OG  1 
ATOM   256  N N   . ASP A 1 57  ? 6.353   11.512  6.846   1.00 8.52  ? 57   ASP A N   1 
ATOM   257  C CA  . ASP A 1 57  ? 6.867   10.138  6.750   1.00 7.81  ? 57   ASP A CA  1 
ATOM   258  C C   . ASP A 1 57  ? 8.200   10.011  5.970   1.00 7.63  ? 57   ASP A C   1 
ATOM   259  O O   . ASP A 1 57  ? 8.906   9.007   6.123   1.00 7.54  ? 57   ASP A O   1 
ATOM   260  C CB  . ASP A 1 57  ? 5.795   9.209   6.204   1.00 7.15  ? 57   ASP A CB  1 
ATOM   261  C CG  . ASP A 1 57  ? 4.749   8.854   7.241   1.00 6.14  ? 57   ASP A CG  1 
ATOM   262  O OD1 . ASP A 1 57  ? 5.059   8.911   8.467   1.00 8.97  ? 57   ASP A OD1 1 
ATOM   263  O OD2 . ASP A 1 57  ? 3.620   8.446   6.846   1.00 8.76  ? 57   ASP A OD2 1 
ATOM   264  N N   . TYR A 1 58  ? 8.542   11.024  5.170   1.00 7.24  ? 58   TYR A N   1 
ATOM   265  C CA  . TYR A 1 58  ? 9.903   11.097  4.564   1.00 8.76  ? 58   TYR A CA  1 
ATOM   266  C C   . TYR A 1 58  ? 10.980  10.872  5.649   1.00 9.54  ? 58   TYR A C   1 
ATOM   267  O O   . TYR A 1 58  ? 12.012  10.162  5.444   1.00 9.38  ? 58   TYR A O   1 
ATOM   268  C CB  . TYR A 1 58  ? 10.101  12.459  3.893   1.00 7.97  ? 58   TYR A CB  1 
ATOM   269  C CG  . TYR A 1 58  ? 11.460  12.644  3.258   1.00 8.81  ? 58   TYR A CG  1 
ATOM   270  C CD1 . TYR A 1 58  ? 11.764  12.074  2.006   1.00 8.61  ? 58   TYR A CD1 1 
ATOM   271  C CD2 . TYR A 1 58  ? 12.439  13.389  3.900   1.00 9.65  ? 58   TYR A CD2 1 
ATOM   272  C CE1 . TYR A 1 58  ? 13.054  12.264  1.423   1.00 7.76  ? 58   TYR A CE1 1 
ATOM   273  C CE2 . TYR A 1 58  ? 13.722  13.584  3.317   1.00 10.19 ? 58   TYR A CE2 1 
ATOM   274  C CZ  . TYR A 1 58  ? 14.005  12.997  2.082   1.00 8.49  ? 58   TYR A CZ  1 
ATOM   275  O OH  . TYR A 1 58  ? 15.267  13.178  1.515   1.00 8.44  ? 58   TYR A OH  1 
ATOM   276  N N   . LYS A 1 59  ? 10.728  11.478  6.802   1.00 10.16 ? 59   LYS A N   1 
ATOM   277  C CA  . LYS A 1 59  ? 11.669  11.461  7.929   1.00 12.10 ? 59   LYS A CA  1 
ATOM   278  C C   . LYS A 1 59  ? 11.600  10.222  8.811   1.00 12.72 ? 59   LYS A C   1 
ATOM   279  O O   . LYS A 1 59  ? 12.360  10.109  9.771   1.00 14.55 ? 59   LYS A O   1 
ATOM   280  C CB  . LYS A 1 59  ? 11.433  12.684  8.789   1.00 11.83 ? 59   LYS A CB  1 
ATOM   281  C CG  . LYS A 1 59  ? 11.524  13.977  8.048   1.00 14.50 ? 59   LYS A CG  1 
ATOM   282  C CD  . LYS A 1 59  ? 11.044  15.092  8.935   1.00 19.32 ? 59   LYS A CD  1 
ATOM   283  C CE  . LYS A 1 59  ? 11.243  16.445  8.285   1.00 22.41 ? 59   LYS A CE  1 
ATOM   284  N NZ  . LYS A 1 59  ? 10.383  17.464  8.955   1.00 24.56 ? 59   LYS A NZ  1 
ATOM   285  N N   . ARG A 1 60  ? 10.726  9.282   8.486   1.00 12.63 ? 60   ARG A N   1 
ATOM   286  C CA  . ARG A 1 60  ? 10.527  8.096   9.308   1.00 13.75 ? 60   ARG A CA  1 
ATOM   287  C C   . ARG A 1 60  ? 10.878  6.777   8.629   1.00 14.09 ? 60   ARG A C   1 
ATOM   288  O O   . ARG A 1 60  ? 10.395  5.718   9.052   1.00 14.60 ? 60   ARG A O   1 
ATOM   289  C CB  . ARG A 1 60  ? 9.067   8.023   9.770   1.00 14.05 ? 60   ARG A CB  1 
ATOM   290  C CG  . ARG A 1 60  ? 8.782   8.925   10.894  1.00 16.36 ? 60   ARG A CG  1 
ATOM   291  C CD  . ARG A 1 60  ? 7.361   8.841   11.377  1.00 20.30 ? 60   ARG A CD  1 
ATOM   292  N NE  . ARG A 1 60  ? 7.037   10.165  11.907  1.00 27.71 ? 60   ARG A NE  1 
ATOM   293  C CZ  . ARG A 1 60  ? 5.990   10.472  12.664  1.00 30.51 ? 60   ARG A CZ  1 
ATOM   294  N NH1 . ARG A 1 60  ? 5.101   9.550   13.022  1.00 31.83 ? 60   ARG A NH1 1 
ATOM   295  N NH2 . ARG A 1 60  ? 5.829   11.738  13.048  1.00 33.14 ? 60   ARG A NH2 1 
ATOM   296  N N   . GLY A 1 61  ? 11.710  6.824   7.596   1.00 13.85 ? 61   GLY A N   1 
ATOM   297  C CA  . GLY A 1 61  ? 12.176  5.591   6.986   1.00 13.38 ? 61   GLY A CA  1 
ATOM   298  C C   . GLY A 1 61  ? 11.401  5.092   5.800   1.00 12.31 ? 61   GLY A C   1 
ATOM   299  O O   . GLY A 1 61  ? 11.636  3.978   5.331   1.00 13.03 ? 61   GLY A O   1 
ATOM   300  N N   . TYR A 1 62  ? 10.463  5.901   5.313   1.00 11.95 ? 62   TYR A N   1 
ATOM   301  C CA  . TYR A 1 62  ? 9.573   5.461   4.255   1.00 10.92 ? 62   TYR A CA  1 
ATOM   302  C C   . TYR A 1 62  ? 10.323  4.953   3.010   1.00 11.12 ? 62   TYR A C   1 
ATOM   303  O O   . TYR A 1 62  ? 10.061  3.851   2.521   1.00 10.89 ? 62   TYR A O   1 
ATOM   304  C CB  . TYR A 1 62  ? 8.601   6.577   3.839   1.00 10.64 ? 62   TYR A CB  1 
ATOM   305  C CG  . TYR A 1 62  ? 7.616   6.148   2.775   1.00 11.54 ? 62   TYR A CG  1 
ATOM   306  C CD1 . TYR A 1 62  ? 6.479   5.394   3.108   1.00 8.11  ? 62   TYR A CD1 1 
ATOM   307  C CD2 . TYR A 1 62  ? 7.809   6.506   1.430   1.00 11.19 ? 62   TYR A CD2 1 
ATOM   308  C CE1 . TYR A 1 62  ? 5.549   5.003   2.124   1.00 9.89  ? 62   TYR A CE1 1 
ATOM   309  C CE2 . TYR A 1 62  ? 6.896   6.122   0.451   1.00 10.99 ? 62   TYR A CE2 1 
ATOM   310  C CZ  . TYR A 1 62  ? 5.773   5.375   0.798   1.00 12.70 ? 62   TYR A CZ  1 
ATOM   311  O OH  . TYR A 1 62  ? 4.882   5.003   -0.155  1.00 12.61 ? 62   TYR A OH  1 
ATOM   312  N N   . LEU A 1 63  ? 11.228  5.764   2.484   1.00 11.80 ? 63   LEU A N   1 
ATOM   313  C CA  . LEU A 1 63  ? 11.861  5.398   1.222   1.00 12.53 ? 63   LEU A CA  1 
ATOM   314  C C   . LEU A 1 63  ? 12.726  4.154   1.363   1.00 13.36 ? 63   LEU A C   1 
ATOM   315  O O   . LEU A 1 63  ? 12.831  3.335   0.432   1.00 13.67 ? 63   LEU A O   1 
ATOM   316  C CB  . LEU A 1 63  ? 12.628  6.568   0.613   1.00 12.90 ? 63   LEU A CB  1 
ATOM   317  C CG  . LEU A 1 63  ? 11.728  7.695   0.078   1.00 12.16 ? 63   LEU A CG  1 
ATOM   318  C CD1 . LEU A 1 63  ? 12.646  8.828   -0.360  1.00 11.08 ? 63   LEU A CD1 1 
ATOM   319  C CD2 . LEU A 1 63  ? 10.775  7.280   -1.078  1.00 13.36 ? 63   LEU A CD2 1 
ATOM   320  N N   . ASP A 1 64  ? 13.291  3.999   2.551   1.00 12.97 ? 64   ASP A N   1 
ATOM   321  C CA  A ASP A 1 64  ? 14.134  2.851   2.843   0.50 13.26 ? 64   ASP A CA  1 
ATOM   322  C CA  B ASP A 1 64  ? 14.138  2.854   2.874   0.50 13.36 ? 64   ASP A CA  1 
ATOM   323  C C   . ASP A 1 64  ? 13.348  1.551   2.822   1.00 12.89 ? 64   ASP A C   1 
ATOM   324  O O   . ASP A 1 64  ? 13.884  0.499   2.445   1.00 12.09 ? 64   ASP A O   1 
ATOM   325  C CB  A ASP A 1 64  ? 14.854  3.058   4.167   0.50 13.26 ? 64   ASP A CB  1 
ATOM   326  C CB  B ASP A 1 64  ? 14.784  3.048   4.245   0.50 13.47 ? 64   ASP A CB  1 
ATOM   327  C CG  A ASP A 1 64  ? 16.140  3.844   4.006   0.50 15.15 ? 64   ASP A CG  1 
ATOM   328  C CG  B ASP A 1 64  ? 15.976  3.999   4.204   0.50 15.64 ? 64   ASP A CG  1 
ATOM   329  O OD1 A ASP A 1 64  ? 16.950  3.840   4.955   0.50 13.53 ? 64   ASP A OD1 1 
ATOM   330  O OD1 B ASP A 1 64  ? 16.946  3.742   3.446   0.50 17.83 ? 64   ASP A OD1 1 
ATOM   331  O OD2 A ASP A 1 64  ? 16.355  4.455   2.925   0.50 16.95 ? 64   ASP A OD2 1 
ATOM   332  O OD2 B ASP A 1 64  ? 15.952  5.008   4.945   0.50 15.87 ? 64   ASP A OD2 1 
ATOM   333  N N   . VAL A 1 65  ? 12.059  1.612   3.169   1.00 12.20 ? 65   VAL A N   1 
ATOM   334  C CA  . VAL A 1 65  ? 11.230  0.428   3.011   1.00 12.08 ? 65   VAL A CA  1 
ATOM   335  C C   . VAL A 1 65  ? 11.017  0.052   1.521   1.00 13.63 ? 65   VAL A C   1 
ATOM   336  O O   . VAL A 1 65  ? 11.077  -1.127  1.152   1.00 12.38 ? 65   VAL A O   1 
ATOM   337  C CB  . VAL A 1 65  ? 9.879   0.554   3.774   1.00 11.97 ? 65   VAL A CB  1 
ATOM   338  C CG1 . VAL A 1 65  ? 9.030   -0.714  3.605   1.00 11.51 ? 65   VAL A CG1 1 
ATOM   339  C CG2 . VAL A 1 65  ? 10.164  0.775   5.255   1.00 12.36 ? 65   VAL A CG2 1 
ATOM   340  N N   . LEU A 1 66  ? 10.743  1.049   0.678   1.00 14.21 ? 66   LEU A N   1 
ATOM   341  C CA  . LEU A 1 66  ? 10.510  0.784   -0.762  1.00 16.52 ? 66   LEU A CA  1 
ATOM   342  C C   . LEU A 1 66  ? 11.717  0.107   -1.454  1.00 17.15 ? 66   LEU A C   1 
ATOM   343  O O   . LEU A 1 66  ? 11.557  -0.664  -2.438  1.00 17.80 ? 66   LEU A O   1 
ATOM   344  C CB  . LEU A 1 66  ? 10.151  2.089   -1.478  1.00 16.07 ? 66   LEU A CB  1 
ATOM   345  C CG  . LEU A 1 66  ? 8.754   2.650   -1.231  1.00 17.33 ? 66   LEU A CG  1 
ATOM   346  C CD1 . LEU A 1 66  ? 8.600   3.969   -2.005  1.00 18.06 ? 66   LEU A CD1 1 
ATOM   347  C CD2 . LEU A 1 66  ? 7.645   1.664   -1.625  1.00 18.81 ? 66   LEU A CD2 1 
ATOM   348  N N   . ARG A 1 67  ? 12.899  0.367   -0.911  1.00 17.11 ? 67   ARG A N   1 
ATOM   349  C CA  . ARG A 1 67  ? 14.153  -0.218  -1.399  1.00 18.30 ? 67   ARG A CA  1 
ATOM   350  C C   . ARG A 1 67  ? 14.224  -1.759  -1.343  1.00 17.63 ? 67   ARG A C   1 
ATOM   351  O O   . ARG A 1 67  ? 15.033  -2.358  -2.043  1.00 17.66 ? 67   ARG A O   1 
ATOM   352  C CB  . ARG A 1 67  ? 15.362  0.441   -0.712  1.00 18.71 ? 67   ARG A CB  1 
ATOM   353  C CG  . ARG A 1 67  ? 15.474  1.941   -1.056  1.00 19.22 ? 67   ARG A CG  1 
ATOM   354  C CD  . ARG A 1 67  ? 16.583  2.679   -0.313  1.00 19.52 ? 67   ARG A CD  1 
ATOM   355  N NE  . ARG A 1 67  ? 16.263  4.114   -0.188  1.00 22.24 ? 67   ARG A NE  1 
ATOM   356  C CZ  . ARG A 1 67  ? 16.592  5.050   -1.078  1.00 23.12 ? 67   ARG A CZ  1 
ATOM   357  N NH1 . ARG A 1 67  ? 17.271  4.721   -2.174  1.00 25.54 ? 67   ARG A NH1 1 
ATOM   358  N NH2 . ARG A 1 67  ? 16.245  6.321   -0.873  1.00 21.25 ? 67   ARG A NH2 1 
ATOM   359  N N   . VAL A 1 68  ? 13.380  -2.404  -0.535  1.00 16.84 ? 68   VAL A N   1 
ATOM   360  C CA  A VAL A 1 68  ? 13.370  -3.872  -0.567  0.50 16.30 ? 68   VAL A CA  1 
ATOM   361  C CA  B VAL A 1 68  ? 13.240  -3.867  -0.501  0.50 16.40 ? 68   VAL A CA  1 
ATOM   362  C C   . VAL A 1 68  ? 12.687  -4.359  -1.848  1.00 16.82 ? 68   VAL A C   1 
ATOM   363  O O   . VAL A 1 68  ? 13.001  -5.438  -2.340  1.00 15.77 ? 68   VAL A O   1 
ATOM   364  C CB  A VAL A 1 68  ? 12.702  -4.519  0.664   0.50 17.05 ? 68   VAL A CB  1 
ATOM   365  C CB  B VAL A 1 68  ? 12.232  -4.259  0.623   0.50 16.71 ? 68   VAL A CB  1 
ATOM   366  C CG1 A VAL A 1 68  ? 13.354  -4.026  1.941   0.50 14.67 ? 68   VAL A CG1 1 
ATOM   367  C CG1 B VAL A 1 68  ? 11.976  -5.755  0.658   0.50 15.58 ? 68   VAL A CG1 1 
ATOM   368  C CG2 A VAL A 1 68  ? 11.218  -4.251  0.668   0.50 15.39 ? 68   VAL A CG2 1 
ATOM   369  C CG2 B VAL A 1 68  ? 12.740  -3.784  1.987   0.50 15.69 ? 68   VAL A CG2 1 
ATOM   370  N N   . LEU A 1 69  ? 11.904  -3.511  -2.471  1.00 17.42 ? 69   LEU A N   1 
ATOM   371  C CA  . LEU A 1 69  ? 11.069  -3.950  -3.562  1.00 18.84 ? 69   LEU A CA  1 
ATOM   372  C C   . LEU A 1 69  ? 11.834  -3.724  -4.844  1.00 19.50 ? 69   LEU A C   1 
ATOM   373  O O   . LEU A 1 69  ? 12.005  -4.618  -5.623  1.00 19.43 ? 69   LEU A O   1 
ATOM   374  C CB  . LEU A 1 69  ? 9.698   -3.232  -3.559  1.00 17.63 ? 69   LEU A CB  1 
ATOM   375  C CG  . LEU A 1 69  ? 8.834   -3.399  -4.784  1.00 21.00 ? 69   LEU A CG  1 
ATOM   376  C CD1 . LEU A 1 69  ? 8.457   -4.844  -5.120  1.00 21.20 ? 69   LEU A CD1 1 
ATOM   377  C CD2 . LEU A 1 69  ? 7.656   -2.467  -4.872  1.00 24.80 ? 69   LEU A CD2 1 
ATOM   378  N N   . THR A 1 70  ? 12.344  -2.526  -5.013  1.00 20.08 ? 70   THR A N   1 
ATOM   379  C CA  . THR A 1 70  ? 13.024  -2.189  -6.249  1.00 20.63 ? 70   THR A CA  1 
ATOM   380  C C   . THR A 1 70  ? 13.894  -0.948  -6.131  1.00 21.11 ? 70   THR A C   1 
ATOM   381  O O   . THR A 1 70  ? 14.122  -0.451  -5.058  1.00 21.10 ? 70   THR A O   1 
ATOM   382  C CB  . THR A 1 70  ? 11.980  -1.995  -7.394  1.00 20.48 ? 70   THR A CB  1 
ATOM   383  O OG1 . THR A 1 70  ? 12.626  -1.995  -8.664  1.00 20.70 ? 70   THR A OG1 1 
ATOM   384  C CG2 . THR A 1 70  ? 11.240  -0.692  -7.171  1.00 21.18 ? 70   THR A CG2 1 
ATOM   385  N N   . THR A 1 71  ? 14.378  -0.464  -7.268  1.00 21.28 ? 71   THR A N   1 
ATOM   386  C CA  . THR A 1 71  ? 15.239  0.726   -7.303  1.00 21.34 ? 71   THR A CA  1 
ATOM   387  C C   . THR A 1 71  ? 14.401  1.961   -6.991  1.00 20.13 ? 71   THR A C   1 
ATOM   388  O O   . THR A 1 71  ? 13.296  2.132   -7.533  1.00 19.25 ? 71   THR A O   1 
ATOM   389  C CB  . THR A 1 71  ? 15.971  0.899   -8.683  1.00 22.07 ? 71   THR A CB  1 
ATOM   390  O OG1 . THR A 1 71  ? 16.637  2.172   -8.731  1.00 23.94 ? 71   THR A OG1 1 
ATOM   391  C CG2 . THR A 1 71  ? 14.996  0.797   -9.857  1.00 23.38 ? 71   THR A CG2 1 
ATOM   392  N N   . VAL A 1 72  ? 14.932  2.798   -6.102  1.00 18.96 ? 72   VAL A N   1 
ATOM   393  C CA  . VAL A 1 72  ? 14.227  4.001   -5.641  1.00 17.52 ? 72   VAL A CA  1 
ATOM   394  C C   . VAL A 1 72  ? 14.990  5.253   -6.064  1.00 17.07 ? 72   VAL A C   1 
ATOM   395  O O   . VAL A 1 72  ? 14.385  6.215   -6.556  1.00 16.40 ? 72   VAL A O   1 
ATOM   396  C CB  . VAL A 1 72  ? 13.996  3.968   -4.087  1.00 17.08 ? 72   VAL A CB  1 
ATOM   397  C CG1 . VAL A 1 72  ? 13.484  5.305   -3.559  1.00 16.84 ? 72   VAL A CG1 1 
ATOM   398  C CG2 . VAL A 1 72  ? 13.010  2.867   -3.748  1.00 16.42 ? 72   VAL A CG2 1 
ATOM   399  N N   . GLY A 1 73  ? 16.313  5.244   -5.881  1.00 16.38 ? 73   GLY A N   1 
ATOM   400  C CA  . GLY A 1 73  ? 17.136  6.391   -6.254  1.00 16.68 ? 73   GLY A CA  1 
ATOM   401  C C   . GLY A 1 73  ? 17.263  7.395   -5.115  1.00 17.29 ? 73   GLY A C   1 
ATOM   402  O O   . GLY A 1 73  ? 16.624  7.253   -4.066  1.00 18.13 ? 73   GLY A O   1 
ATOM   403  N N   . ASP A 1 74  ? 18.108  8.395   -5.300  1.00 16.94 ? 74   ASP A N   1 
ATOM   404  C CA  . ASP A 1 74  ? 18.248  9.467   -4.314  1.00 16.67 ? 74   ASP A CA  1 
ATOM   405  C C   . ASP A 1 74  ? 17.112  10.464  -4.541  1.00 15.53 ? 74   ASP A C   1 
ATOM   406  O O   . ASP A 1 74  ? 16.909  10.935  -5.659  1.00 16.06 ? 74   ASP A O   1 
ATOM   407  C CB  . ASP A 1 74  ? 19.607  10.156  -4.441  1.00 17.88 ? 74   ASP A CB  1 
ATOM   408  C CG  . ASP A 1 74  ? 20.652  9.576   -3.495  1.00 19.56 ? 74   ASP A CG  1 
ATOM   409  O OD1 . ASP A 1 74  ? 20.402  8.498   -2.909  1.00 23.54 ? 74   ASP A OD1 1 
ATOM   410  O OD2 . ASP A 1 74  ? 21.721  10.211  -3.329  1.00 23.96 ? 74   ASP A OD2 1 
ATOM   411  N N   . ILE A 1 75  ? 16.347  10.734  -3.492  1.00 13.26 ? 75   ILE A N   1 
ATOM   412  C CA  . ILE A 1 75  ? 15.248  11.688  -3.547  1.00 10.78 ? 75   ILE A CA  1 
ATOM   413  C C   . ILE A 1 75  ? 15.418  12.657  -2.385  1.00 9.46  ? 75   ILE A C   1 
ATOM   414  O O   . ILE A 1 75  ? 15.439  12.228  -1.229  1.00 9.68  ? 75   ILE A O   1 
ATOM   415  C CB  . ILE A 1 75  ? 13.878  10.943  -3.423  1.00 10.53 ? 75   ILE A CB  1 
ATOM   416  C CG1 . ILE A 1 75  ? 13.651  10.030  -4.643  1.00 9.64  ? 75   ILE A CG1 1 
ATOM   417  C CG2 . ILE A 1 75  ? 12.737  11.928  -3.247  1.00 12.50 ? 75   ILE A CG2 1 
ATOM   418  C CD1 . ILE A 1 75  ? 12.546  8.950   -4.414  1.00 9.47  ? 75   ILE A CD1 1 
ATOM   419  N N   . ASN A 1 76  ? 15.553  13.954  -2.652  1.00 7.60  ? 76   ASN A N   1 
ATOM   420  C CA  . ASN A 1 76  ? 15.695  14.893  -1.534  1.00 6.49  ? 76   ASN A CA  1 
ATOM   421  C C   . ASN A 1 76  ? 14.321  15.329  -0.999  1.00 6.50  ? 76   ASN A C   1 
ATOM   422  O O   . ASN A 1 76  ? 13.284  14.981  -1.589  1.00 5.95  ? 76   ASN A O   1 
ATOM   423  C CB  . ASN A 1 76  ? 16.631  16.076  -1.846  1.00 5.64  ? 76   ASN A CB  1 
ATOM   424  C CG  . ASN A 1 76  ? 16.012  17.125  -2.759  1.00 4.94  ? 76   ASN A CG  1 
ATOM   425  O OD1 . ASN A 1 76  ? 14.796  17.150  -2.994  1.00 6.20  ? 76   ASN A OD1 1 
ATOM   426  N ND2 . ASN A 1 76  ? 16.859  18.004  -3.276  1.00 2.00  ? 76   ASN A ND2 1 
ATOM   427  N N   . GLU A 1 77  ? 14.313  16.072  0.107   1.00 6.81  ? 77   GLU A N   1 
ATOM   428  C CA  . GLU A 1 77  ? 13.048  16.396  0.779   1.00 7.80  ? 77   GLU A CA  1 
ATOM   429  C C   . GLU A 1 77  ? 12.122  17.273  -0.080  1.00 7.06  ? 77   GLU A C   1 
ATOM   430  O O   . GLU A 1 77  ? 10.896  17.105  -0.046  1.00 7.83  ? 77   GLU A O   1 
ATOM   431  C CB  . GLU A 1 77  ? 13.318  17.120  2.105   1.00 9.03  ? 77   GLU A CB  1 
ATOM   432  C CG  . GLU A 1 77  ? 12.114  17.050  3.029   1.00 13.06 ? 77   GLU A CG  1 
ATOM   433  C CD  . GLU A 1 77  ? 12.428  17.443  4.468   1.00 20.13 ? 77   GLU A CD  1 
ATOM   434  O OE1 . GLU A 1 77  ? 13.620  17.455  4.856   1.00 21.51 ? 77   GLU A OE1 1 
ATOM   435  O OE2 . GLU A 1 77  ? 11.463  17.743  5.204   1.00 22.16 ? 77   GLU A OE2 1 
ATOM   436  N N   . GLU A 1 78  ? 12.715  18.219  -0.813  1.00 6.25  ? 78   GLU A N   1 
ATOM   437  C CA  . GLU A 1 78  ? 11.950  19.108  -1.698  1.00 5.41  ? 78   GLU A CA  1 
ATOM   438  C C   . GLU A 1 78  ? 11.258  18.296  -2.782  1.00 5.38  ? 78   GLU A C   1 
ATOM   439  O O   . GLU A 1 78  ? 10.081  18.523  -3.095  1.00 4.27  ? 78   GLU A O   1 
ATOM   440  C CB  . GLU A 1 78  ? 12.857  20.180  -2.325  1.00 5.79  ? 78   GLU A CB  1 
ATOM   441  C CG  . GLU A 1 78  ? 13.419  21.139  -1.309  1.00 8.93  ? 78   GLU A CG  1 
ATOM   442  C CD  . GLU A 1 78  ? 14.840  20.790  -0.892  1.00 13.68 ? 78   GLU A CD  1 
ATOM   443  O OE1 . GLU A 1 78  ? 15.132  19.612  -0.534  1.00 14.91 ? 78   GLU A OE1 1 
ATOM   444  O OE2 . GLU A 1 78  ? 15.671  21.719  -0.919  1.00 15.36 ? 78   GLU A OE2 1 
ATOM   445  N N   . GLN A 1 79  ? 11.978  17.319  -3.331  1.00 4.54  ? 79   GLN A N   1 
ATOM   446  C CA  . GLN A 1 79  ? 11.387  16.401  -4.313  1.00 3.91  ? 79   GLN A CA  1 
ATOM   447  C C   . GLN A 1 79  ? 10.258  15.568  -3.718  1.00 4.90  ? 79   GLN A C   1 
ATOM   448  O O   . GLN A 1 79  ? 9.209   15.446  -4.340  1.00 5.37  ? 79   GLN A O   1 
ATOM   449  C CB  . GLN A 1 79  ? 12.440  15.473  -4.912  1.00 3.72  ? 79   GLN A CB  1 
ATOM   450  C CG  . GLN A 1 79  ? 13.422  16.171  -5.814  1.00 4.52  ? 79   GLN A CG  1 
ATOM   451  C CD  . GLN A 1 79  ? 14.513  15.227  -6.282  1.00 9.38  ? 79   GLN A CD  1 
ATOM   452  O OE1 . GLN A 1 79  ? 15.355  14.771  -5.477  1.00 7.97  ? 79   GLN A OE1 1 
ATOM   453  N NE2 . GLN A 1 79  ? 14.523  14.934  -7.589  1.00 9.18  ? 79   GLN A NE2 1 
ATOM   454  N N   . TRP A 1 80  ? 10.496  14.977  -2.543  1.00 5.19  ? 80   TRP A N   1 
ATOM   455  C CA  . TRP A 1 80  ? 9.457   14.253  -1.795  1.00 6.17  ? 80   TRP A CA  1 
ATOM   456  C C   . TRP A 1 80  ? 8.192   15.112  -1.613  1.00 6.37  ? 80   TRP A C   1 
ATOM   457  O O   . TRP A 1 80  ? 7.056   14.653  -1.887  1.00 6.59  ? 80   TRP A O   1 
ATOM   458  C CB  . TRP A 1 80  ? 10.002  13.857  -0.417  1.00 7.12  ? 80   TRP A CB  1 
ATOM   459  C CG  . TRP A 1 80  ? 8.890   13.395  0.502   1.00 9.20  ? 80   TRP A CG  1 
ATOM   460  C CD1 . TRP A 1 80  ? 8.209   14.167  1.399   1.00 10.22 ? 80   TRP A CD1 1 
ATOM   461  C CD2 . TRP A 1 80  ? 8.331   12.089  0.583   1.00 8.23  ? 80   TRP A CD2 1 
ATOM   462  N NE1 . TRP A 1 80  ? 7.267   13.410  2.060   1.00 7.87  ? 80   TRP A NE1 1 
ATOM   463  C CE2 . TRP A 1 80  ? 7.306   12.133  1.577   1.00 6.05  ? 80   TRP A CE2 1 
ATOM   464  C CE3 . TRP A 1 80  ? 8.579   10.874  -0.081  1.00 9.20  ? 80   TRP A CE3 1 
ATOM   465  C CZ2 . TRP A 1 80  ? 6.540   11.011  1.923   1.00 9.30  ? 80   TRP A CZ2 1 
ATOM   466  C CZ3 . TRP A 1 80  ? 7.819   9.749   0.266   1.00 8.87  ? 80   TRP A CZ3 1 
ATOM   467  C CH2 . TRP A 1 80  ? 6.797   9.829   1.266   1.00 10.21 ? 80   TRP A CH2 1 
ATOM   468  N N   . ASN A 1 81  ? 8.385   16.331  -1.130  1.00 5.97  ? 81   ASN A N   1 
ATOM   469  C CA  . ASN A 1 81  ? 7.281   17.246  -0.854  1.00 7.45  ? 81   ASN A CA  1 
ATOM   470  C C   . ASN A 1 81  ? 6.470   17.501  -2.108  1.00 7.76  ? 81   ASN A C   1 
ATOM   471  O O   . ASN A 1 81  ? 5.236   17.407  -2.065  1.00 8.60  ? 81   ASN A O   1 
ATOM   472  C CB  . ASN A 1 81  ? 7.767   18.565  -0.275  1.00 7.20  ? 81   ASN A CB  1 
ATOM   473  C CG  . ASN A 1 81  ? 8.246   18.439  1.159   1.00 7.16  ? 81   ASN A CG  1 
ATOM   474  O OD1 . ASN A 1 81  ? 7.928   17.479  1.848   1.00 10.13 ? 81   ASN A OD1 1 
ATOM   475  N ND2 . ASN A 1 81  ? 9.015   19.419  1.605   1.00 10.67 ? 81   ASN A ND2 1 
ATOM   476  N N   . SER A 1 82  ? 7.159   17.773  -3.218  1.00 7.13  ? 82   SER A N   1 
ATOM   477  C CA  A SER A 1 82  ? 6.474   18.029  -4.494  0.50 7.29  ? 82   SER A CA  1 
ATOM   478  C CA  B SER A 1 82  ? 6.479   18.042  -4.497  0.50 7.42  ? 82   SER A CA  1 
ATOM   479  C C   . SER A 1 82  ? 5.612   16.856  -4.964  1.00 7.48  ? 82   SER A C   1 
ATOM   480  O O   . SER A 1 82  ? 4.442   17.040  -5.350  1.00 7.62  ? 82   SER A O   1 
ATOM   481  C CB  A SER A 1 82  ? 7.475   18.420  -5.577  0.50 6.71  ? 82   SER A CB  1 
ATOM   482  C CB  B SER A 1 82  ? 7.483   18.456  -5.584  0.50 6.85  ? 82   SER A CB  1 
ATOM   483  O OG  A SER A 1 82  ? 7.947   19.718  -5.326  0.50 6.22  ? 82   SER A OG  1 
ATOM   484  O OG  B SER A 1 82  ? 6.829   18.705  -6.820  0.50 7.23  ? 82   SER A OG  1 
ATOM   485  N N   . ARG A 1 83  ? 6.157   15.670  -4.863  1.00 6.76  ? 83   ARG A N   1 
ATOM   486  C CA  A ARG A 1 83  ? 5.472   14.507  -5.358  0.50 7.51  ? 83   ARG A CA  1 
ATOM   487  C CA  B ARG A 1 83  ? 5.478   14.526  -5.359  0.50 7.48  ? 83   ARG A CA  1 
ATOM   488  C C   . ARG A 1 83  ? 4.390   14.153  -4.346  1.00 7.99  ? 83   ARG A C   1 
ATOM   489  O O   . ARG A 1 83  ? 3.365   13.748  -4.766  1.00 8.10  ? 83   ARG A O   1 
ATOM   490  C CB  A ARG A 1 83  ? 6.398   13.336  -5.575  0.50 7.06  ? 83   ARG A CB  1 
ATOM   491  C CB  B ARG A 1 83  ? 6.434   13.397  -5.597  0.50 7.14  ? 83   ARG A CB  1 
ATOM   492  C CG  A ARG A 1 83  ? 5.690   12.135  -6.021  0.50 7.00  ? 83   ARG A CG  1 
ATOM   493  C CG  B ARG A 1 83  ? 5.800   12.137  -5.617  0.50 6.68  ? 83   ARG A CG  1 
ATOM   494  C CD  A ARG A 1 83  ? 5.078   12.301  -7.409  0.50 4.34  ? 83   ARG A CD  1 
ATOM   495  C CD  B ARG A 1 83  ? 4.925   11.980  -6.768  0.50 7.09  ? 83   ARG A CD  1 
ATOM   496  N NE  A ARG A 1 83  ? 5.729   11.346  -8.234  0.50 10.14 ? 83   ARG A NE  1 
ATOM   497  N NE  B ARG A 1 83  ? 5.636   11.212  -7.713  0.50 9.66  ? 83   ARG A NE  1 
ATOM   498  C CZ  A ARG A 1 83  ? 6.145   11.473  -9.465  0.50 6.00  ? 83   ARG A CZ  1 
ATOM   499  C CZ  B ARG A 1 83  ? 5.882   11.659  -8.905  0.50 8.96  ? 83   ARG A CZ  1 
ATOM   500  N NH1 A ARG A 1 83  ? 6.005   12.531  -10.193 0.50 6.47  ? 83   ARG A NH1 1 
ATOM   501  N NH1 B ARG A 1 83  ? 5.392   12.793  -9.187  0.50 6.09  ? 83   ARG A NH1 1 
ATOM   502  N NH2 A ARG A 1 83  ? 6.675   10.448  -9.966  0.50 12.53 ? 83   ARG A NH2 1 
ATOM   503  N NH2 B ARG A 1 83  ? 6.514   10.957  -9.777  0.50 2.03  ? 83   ARG A NH2 1 
ATOM   504  N N   . TYR A 1 84  ? 4.659   14.329  -3.064  1.00 8.04  ? 84   TYR A N   1 
ATOM   505  C CA  . TYR A 1 84  ? 3.643   14.071  -2.044  1.00 9.36  ? 84   TYR A CA  1 
ATOM   506  C C   . TYR A 1 84  ? 2.415   14.977  -2.296  1.00 8.95  ? 84   TYR A C   1 
ATOM   507  O O   . TYR A 1 84  ? 1.265   14.526  -2.272  1.00 9.84  ? 84   TYR A O   1 
ATOM   508  C CB  . TYR A 1 84  ? 4.201   14.287  -0.628  1.00 8.46  ? 84   TYR A CB  1 
ATOM   509  C CG  . TYR A 1 84  ? 3.115   13.998  0.407   1.00 9.64  ? 84   TYR A CG  1 
ATOM   510  C CD1 . TYR A 1 84  ? 2.877   12.700  0.864   1.00 8.51  ? 84   TYR A CD1 1 
ATOM   511  C CD2 . TYR A 1 84  ? 2.288   15.029  0.857   1.00 10.45 ? 84   TYR A CD2 1 
ATOM   512  C CE1 . TYR A 1 84  ? 1.831   12.448  1.810   1.00 9.10  ? 84   TYR A CE1 1 
ATOM   513  C CE2 . TYR A 1 84  ? 1.258   14.789  1.774   1.00 12.83 ? 84   TYR A CE2 1 
ATOM   514  C CZ  . TYR A 1 84  ? 1.041   13.507  2.236   1.00 9.27  ? 84   TYR A CZ  1 
ATOM   515  O OH  . TYR A 1 84  ? -0.009  13.300  3.136   1.00 8.93  ? 84   TYR A OH  1 
ATOM   516  N N   . GLU A 1 85  ? 2.666   16.240  -2.580  1.00 9.03  ? 85   GLU A N   1 
ATOM   517  C CA  . GLU A 1 85  ? 1.562   17.198  -2.786  1.00 9.50  ? 85   GLU A CA  1 
ATOM   518  C C   . GLU A 1 85  ? 0.751   16.848  -4.026  1.00 8.59  ? 85   GLU A C   1 
ATOM   519  O O   . GLU A 1 85  ? -0.464  17.048  -4.055  1.00 8.73  ? 85   GLU A O   1 
ATOM   520  C CB  . GLU A 1 85  ? 2.105   18.639  -2.859  1.00 9.15  ? 85   GLU A CB  1 
ATOM   521  C CG  . GLU A 1 85  ? 2.539   19.223  -1.483  1.00 13.29 ? 85   GLU A CG  1 
ATOM   522  C CD  . GLU A 1 85  ? 1.508   19.001  -0.357  1.00 21.19 ? 85   GLU A CD  1 
ATOM   523  O OE1 . GLU A 1 85  ? 1.910   18.759  0.817   1.00 23.11 ? 85   GLU A OE1 1 
ATOM   524  O OE2 . GLU A 1 85  ? 0.289   19.089  -0.643  1.00 24.80 ? 85   GLU A OE2 1 
ATOM   525  N N   . TRP A 1 86  ? 1.437   16.347  -5.052  1.00 7.77  ? 86   TRP A N   1 
ATOM   526  C CA  . TRP A 1 86  ? 0.779   15.900  -6.289  1.00 8.12  ? 86   TRP A CA  1 
ATOM   527  C C   . TRP A 1 86  ? -0.201  14.769  -5.963  1.00 8.14  ? 86   TRP A C   1 
ATOM   528  O O   . TRP A 1 86  ? -1.334  14.765  -6.447  1.00 8.46  ? 86   TRP A O   1 
ATOM   529  C CB  . TRP A 1 86  ? 1.821   15.494  -7.357  1.00 9.46  ? 86   TRP A CB  1 
ATOM   530  C CG  . TRP A 1 86  ? 1.234   15.216  -8.698  1.00 8.73  ? 86   TRP A CG  1 
ATOM   531  C CD1 . TRP A 1 86  ? 1.128   16.084  -9.764  1.00 11.89 ? 86   TRP A CD1 1 
ATOM   532  C CD2 . TRP A 1 86  ? 0.649   13.989  -9.123  1.00 10.66 ? 86   TRP A CD2 1 
ATOM   533  N NE1 . TRP A 1 86  ? 0.514   15.450  -10.830 1.00 10.30 ? 86   TRP A NE1 1 
ATOM   534  C CE2 . TRP A 1 86  ? 0.214   14.169  -10.464 1.00 12.26 ? 86   TRP A CE2 1 
ATOM   535  C CE3 . TRP A 1 86  ? 0.473   12.748  -8.512  1.00 9.07  ? 86   TRP A CE3 1 
ATOM   536  C CZ2 . TRP A 1 86  ? -0.417  13.150  -11.189 1.00 14.18 ? 86   TRP A CZ2 1 
ATOM   537  C CZ3 . TRP A 1 86  ? -0.161  11.731  -9.230  1.00 12.45 ? 86   TRP A CZ3 1 
ATOM   538  C CH2 . TRP A 1 86  ? -0.592  11.948  -10.550 1.00 11.36 ? 86   TRP A CH2 1 
ATOM   539  N N   . ILE A 1 87  ? 0.256   13.823  -5.142  1.00 8.10  ? 87   ILE A N   1 
ATOM   540  C CA  . ILE A 1 87  ? -0.544  12.666  -4.743  1.00 9.81  ? 87   ILE A CA  1 
ATOM   541  C C   . ILE A 1 87  ? -1.669  13.127  -3.845  1.00 10.05 ? 87   ILE A C   1 
ATOM   542  O O   . ILE A 1 87  ? -2.817  12.689  -4.007  1.00 10.49 ? 87   ILE A O   1 
ATOM   543  C CB  . ILE A 1 87  ? 0.333   11.608  -4.050  1.00 9.42  ? 87   ILE A CB  1 
ATOM   544  C CG1 . ILE A 1 87  ? 1.249   10.925  -5.089  1.00 10.80 ? 87   ILE A CG1 1 
ATOM   545  C CG2 . ILE A 1 87  ? -0.512  10.577  -3.284  1.00 12.75 ? 87   ILE A CG2 1 
ATOM   546  C CD1 . ILE A 1 87  ? 2.421   10.099  -4.421  1.00 12.79 ? 87   ILE A CD1 1 
ATOM   547  N N   . ARG A 1 88  ? -1.348  14.020  -2.915  1.00 9.77  ? 88   ARG A N   1 
ATOM   548  C CA  . ARG A 1 88  ? -2.362  14.558  -1.991  1.00 12.30 ? 88   ARG A CA  1 
ATOM   549  C C   . ARG A 1 88  ? -3.493  15.304  -2.719  1.00 10.93 ? 88   ARG A C   1 
ATOM   550  O O   . ARG A 1 88  ? -4.656  15.237  -2.272  1.00 11.63 ? 88   ARG A O   1 
ATOM   551  C CB  . ARG A 1 88  ? -1.709  15.460  -0.921  1.00 12.38 ? 88   ARG A CB  1 
ATOM   552  C CG  . ARG A 1 88  ? -2.698  16.058  0.098   1.00 13.93 ? 88   ARG A CG  1 
ATOM   553  C CD  . ARG A 1 88  ? -1.960  16.950  1.118   1.00 16.66 ? 88   ARG A CD  1 
ATOM   554  N NE  . ARG A 1 88  ? -2.081  18.372  0.836   1.00 27.10 ? 88   ARG A NE  1 
ATOM   555  C CZ  . ARG A 1 88  ? -1.395  19.329  1.472   1.00 31.36 ? 88   ARG A CZ  1 
ATOM   556  N NH1 . ARG A 1 88  ? -0.503  19.012  2.418   1.00 32.66 ? 88   ARG A NH1 1 
ATOM   557  N NH2 . ARG A 1 88  ? -1.574  20.612  1.138   1.00 33.05 ? 88   ARG A NH2 1 
ATOM   558  N N   . ALA A 1 89  ? -3.167  16.008  -3.807  1.00 10.06 ? 89   ALA A N   1 
ATOM   559  C CA  . ALA A 1 89  ? -4.173  16.657  -4.642  1.00 9.93  ? 89   ALA A CA  1 
ATOM   560  C C   . ALA A 1 89  ? -5.073  15.648  -5.368  1.00 10.87 ? 89   ALA A C   1 
ATOM   561  O O   . ALA A 1 89  ? -6.153  16.012  -5.884  1.00 10.63 ? 89   ALA A O   1 
ATOM   562  C CB  . ALA A 1 89  ? -3.513  17.610  -5.631  1.00 9.58  ? 89   ALA A CB  1 
ATOM   563  N N   . ARG A 1 90  ? -4.623  14.401  -5.403  1.00 10.81 ? 90   ARG A N   1 
ATOM   564  C CA  . ARG A 1 90  ? -5.318  13.278  -6.021  1.00 12.01 ? 90   ARG A CA  1 
ATOM   565  C C   . ARG A 1 90  ? -5.642  12.145  -5.028  1.00 13.15 ? 90   ARG A C   1 
ATOM   566  O O   . ARG A 1 90  ? -5.619  10.957  -5.378  1.00 12.37 ? 90   ARG A O   1 
ATOM   567  C CB  . ARG A 1 90  ? -4.489  12.783  -7.232  1.00 11.62 ? 90   ARG A CB  1 
ATOM   568  C CG  . ARG A 1 90  ? -4.408  13.879  -8.340  1.00 12.08 ? 90   ARG A CG  1 
ATOM   569  C CD  . ARG A 1 90  ? -3.194  13.719  -9.181  1.00 10.72 ? 90   ARG A CD  1 
ATOM   570  N NE  . ARG A 1 90  ? -3.092  14.755  -10.199 1.00 12.87 ? 90   ARG A NE  1 
ATOM   571  C CZ  . ARG A 1 90  ? -2.573  15.959  -10.004 1.00 12.57 ? 90   ARG A CZ  1 
ATOM   572  N NH1 . ARG A 1 90  ? -2.091  16.323  -8.815  1.00 8.59  ? 90   ARG A NH1 1 
ATOM   573  N NH2 . ARG A 1 90  ? -2.541  16.807  -11.015 1.00 14.62 ? 90   ARG A NH2 1 
ATOM   574  N N   . SER A 1 91  ? -5.974  12.515  -3.788  1.00 14.37 ? 91   SER A N   1 
ATOM   575  C CA  . SER A 1 91  ? -6.220  11.516  -2.727  1.00 15.63 ? 91   SER A CA  1 
ATOM   576  C C   . SER A 1 91  ? -7.512  10.679  -2.910  1.00 15.88 ? 91   SER A C   1 
ATOM   577  O O   . SER A 1 91  ? -7.757  9.773   -2.094  1.00 17.38 ? 91   SER A O   1 
ATOM   578  C CB  . SER A 1 91  ? -6.166  12.181  -1.333  1.00 15.91 ? 91   SER A CB  1 
ATOM   579  O OG  . SER A 1 91  ? -7.176  13.188  -1.272  1.00 17.68 ? 91   SER A OG  1 
ATOM   580  N N   . ASP A 1 92  ? -8.306  10.991  -3.951  1.00 14.96 ? 92   ASP A N   1 
ATOM   581  C CA  A ASP A 1 92  ? -9.452  10.201  -4.433  0.50 14.60 ? 92   ASP A CA  1 
ATOM   582  C CA  B ASP A 1 92  ? -9.421  10.100  -4.333  0.50 14.57 ? 92   ASP A CA  1 
ATOM   583  C C   . ASP A 1 92  ? -9.052  9.165   -5.496  1.00 13.80 ? 92   ASP A C   1 
ATOM   584  O O   . ASP A 1 92  ? -9.906  8.467   -6.078  1.00 13.25 ? 92   ASP A O   1 
ATOM   585  C CB  A ASP A 1 92  ? -10.521 11.129  -5.013  0.50 15.60 ? 92   ASP A CB  1 
ATOM   586  C CB  B ASP A 1 92  ? -10.655 10.899  -4.686  0.50 15.57 ? 92   ASP A CB  1 
ATOM   587  C CG  A ASP A 1 92  ? -10.196 11.609  -6.419  0.50 16.30 ? 92   ASP A CG  1 
ATOM   588  C CG  B ASP A 1 92  ? -10.399 11.880  -5.797  0.50 15.42 ? 92   ASP A CG  1 
ATOM   589  O OD1 A ASP A 1 92  ? -9.027  11.973  -6.679  0.50 15.73 ? 92   ASP A OD1 1 
ATOM   590  O OD1 B ASP A 1 92  ? -9.256  11.912  -6.314  0.50 15.63 ? 92   ASP A OD1 1 
ATOM   591  O OD2 A ASP A 1 92  ? -11.119 11.641  -7.265  0.50 17.48 ? 92   ASP A OD2 1 
ATOM   592  O OD2 B ASP A 1 92  ? -11.329 12.622  -6.155  0.50 15.66 ? 92   ASP A OD2 1 
ATOM   593  N N   . GLU A 1 93  ? -7.771  9.087   -5.819  1.00 12.46 ? 93   GLU A N   1 
ATOM   594  C CA  . GLU A 1 93  ? -7.214  8.182   -6.768  1.00 11.55 ? 93   GLU A CA  1 
ATOM   595  C C   . GLU A 1 93  ? -6.091  7.346   -6.124  1.00 12.37 ? 93   GLU A C   1 
ATOM   596  O O   . GLU A 1 93  ? -6.002  6.204   -6.364  1.00 12.14 ? 93   GLU A O   1 
ATOM   597  C CB  . GLU A 1 93  ? -6.602  8.935   -7.943  1.00 10.98 ? 93   GLU A CB  1 
ATOM   598  C CG  . GLU A 1 93  ? -7.527  9.711   -8.774  1.00 9.97  ? 93   GLU A CG  1 
ATOM   599  C CD  . GLU A 1 93  ? -6.806  10.480  -9.875  1.00 12.42 ? 93   GLU A CD  1 
ATOM   600  O OE1 . GLU A 1 93  ? -6.241  9.832   -10.717 1.00 12.65 ? 93   GLU A OE1 1 
ATOM   601  O OE2 . GLU A 1 93  ? -6.857  11.707  -9.843  1.00 12.13 ? 93   GLU A OE2 1 
ATOM   602  N N   . TYR A 1 94  ? -5.231  8.019   -5.388  1.00 10.01 ? 94   TYR A N   1 
ATOM   603  C CA  . TYR A 1 94  ? -4.011  7.415   -4.811  1.00 9.31  ? 94   TYR A CA  1 
ATOM   604  C C   . TYR A 1 94  ? -4.158  7.251   -3.307  1.00 10.08 ? 94   TYR A C   1 
ATOM   605  O O   . TYR A 1 94  ? -4.321  8.244   -2.598  1.00 10.89 ? 94   TYR A O   1 
ATOM   606  C CB  . TYR A 1 94  ? -2.791  8.301   -5.055  1.00 9.38  ? 94   TYR A CB  1 
ATOM   607  C CG  . TYR A 1 94  ? -2.271  8.260   -6.459  1.00 9.22  ? 94   TYR A CG  1 
ATOM   608  C CD1 . TYR A 1 94  ? -1.146  7.488   -6.764  1.00 9.98  ? 94   TYR A CD1 1 
ATOM   609  C CD2 . TYR A 1 94  ? -2.924  8.949   -7.506  1.00 11.53 ? 94   TYR A CD2 1 
ATOM   610  C CE1 . TYR A 1 94  ? -0.659  7.414   -8.062  1.00 10.36 ? 94   TYR A CE1 1 
ATOM   611  C CE2 . TYR A 1 94  ? -2.419  8.910   -8.811  1.00 11.10 ? 94   TYR A CE2 1 
ATOM   612  C CZ  . TYR A 1 94  ? -1.306  8.091   -9.056  1.00 10.98 ? 94   TYR A CZ  1 
ATOM   613  O OH  . TYR A 1 94  ? -0.767  7.995   -10.289 1.00 11.22 ? 94   TYR A OH  1 
ATOM   614  N N   . TYR A 1 95  ? -4.104  6.015   -2.848  1.00 8.56  ? 95   TYR A N   1 
ATOM   615  C CA  . TYR A 1 95  ? -4.189  5.701   -1.418  1.00 8.88  ? 95   TYR A CA  1 
ATOM   616  C C   . TYR A 1 95  ? -2.892  5.013   -1.010  1.00 9.06  ? 95   TYR A C   1 
ATOM   617  O O   . TYR A 1 95  ? -2.676  3.837   -1.310  1.00 11.10 ? 95   TYR A O   1 
ATOM   618  C CB  . TYR A 1 95  ? -5.385  4.781   -1.138  1.00 9.79  ? 95   TYR A CB  1 
ATOM   619  C CG  . TYR A 1 95  ? -6.707  5.386   -1.524  1.00 10.68 ? 95   TYR A CG  1 
ATOM   620  C CD1 . TYR A 1 95  ? -7.486  6.084   -0.569  1.00 9.65  ? 95   TYR A CD1 1 
ATOM   621  C CD2 . TYR A 1 95  ? -7.184  5.287   -2.833  1.00 11.69 ? 95   TYR A CD2 1 
ATOM   622  C CE1 . TYR A 1 95  ? -8.708  6.693   -0.938  1.00 10.18 ? 95   TYR A CE1 1 
ATOM   623  C CE2 . TYR A 1 95  ? -8.428  5.886   -3.206  1.00 10.73 ? 95   TYR A CE2 1 
ATOM   624  C CZ  . TYR A 1 95  ? -9.171  6.558   -2.252  1.00 12.52 ? 95   TYR A CZ  1 
ATOM   625  O OH  . TYR A 1 95  ? -10.367 7.130   -2.616  1.00 13.26 ? 95   TYR A OH  1 
ATOM   626  N N   . LEU A 1 96  ? -2.018  5.752   -0.350  1.00 9.24  ? 96   LEU A N   1 
ATOM   627  C CA  . LEU A 1 96  ? -0.735  5.183   0.106   1.00 8.47  ? 96   LEU A CA  1 
ATOM   628  C C   . LEU A 1 96  ? -0.786  5.048   1.593   1.00 7.98  ? 96   LEU A C   1 
ATOM   629  O O   . LEU A 1 96  ? -1.108  6.010   2.294   1.00 5.87  ? 96   LEU A O   1 
ATOM   630  C CB  . LEU A 1 96  ? 0.438   6.114   -0.270  1.00 9.24  ? 96   LEU A CB  1 
ATOM   631  C CG  . LEU A 1 96  ? 0.934   5.969   -1.713  1.00 9.96  ? 96   LEU A CG  1 
ATOM   632  C CD1 . LEU A 1 96  ? -0.160  6.259   -2.776  1.00 8.45  ? 96   LEU A CD1 1 
ATOM   633  C CD2 . LEU A 1 96  ? 2.159   6.843   -1.878  1.00 10.93 ? 96   LEU A CD2 1 
ATOM   634  N N   . LEU A 1 97  ? -0.438  3.864   2.089   1.00 7.86  ? 97   LEU A N   1 
ATOM   635  C CA  . LEU A 1 97  ? -0.516  3.641   3.539   1.00 8.01  ? 97   LEU A CA  1 
ATOM   636  C C   . LEU A 1 97  ? 0.767   2.987   4.019   1.00 7.62  ? 97   LEU A C   1 
ATOM   637  O O   . LEU A 1 97  ? 1.600   2.498   3.199   1.00 8.22  ? 97   LEU A O   1 
ATOM   638  C CB  . LEU A 1 97  ? -1.784  2.840   3.924   1.00 7.75  ? 97   LEU A CB  1 
ATOM   639  C CG  . LEU A 1 97  ? -2.115  1.528   3.235   1.00 10.44 ? 97   LEU A CG  1 
ATOM   640  C CD1 . LEU A 1 97  ? -1.169  0.395   3.661   1.00 11.84 ? 97   LEU A CD1 1 
ATOM   641  C CD2 . LEU A 1 97  ? -3.583  1.149   3.572   1.00 10.19 ? 97   LEU A CD2 1 
ATOM   642  N N   . VAL A 1 98  ? 0.974   3.026   5.329   1.00 7.34  ? 98   VAL A N   1 
ATOM   643  C CA  . VAL A 1 98  ? 2.180   2.457   5.930   1.00 8.03  ? 98   VAL A CA  1 
ATOM   644  C C   . VAL A 1 98  ? 1.819   1.597   7.127   1.00 8.05  ? 98   VAL A C   1 
ATOM   645  O O   . VAL A 1 98  ? 0.763   1.813   7.762   1.00 8.03  ? 98   VAL A O   1 
ATOM   646  C CB  . VAL A 1 98  ? 3.151   3.562   6.429   1.00 8.55  ? 98   VAL A CB  1 
ATOM   647  C CG1 . VAL A 1 98  ? 3.746   4.339   5.243   1.00 8.28  ? 98   VAL A CG1 1 
ATOM   648  C CG2 . VAL A 1 98  ? 2.421   4.559   7.385   1.00 7.26  ? 98   VAL A CG2 1 
ATOM   649  N N   . VAL A 1 99  ? 2.714   0.666   7.461   1.00 6.67  ? 99   VAL A N   1 
ATOM   650  C CA  . VAL A 1 99  ? 2.675   -0.017  8.760   1.00 6.20  ? 99   VAL A CA  1 
ATOM   651  C C   . VAL A 1 99  ? 3.848   0.520   9.554   1.00 7.40  ? 99   VAL A C   1 
ATOM   652  O O   . VAL A 1 99  ? 4.969   0.603   9.037   1.00 7.22  ? 99   VAL A O   1 
ATOM   653  C CB  . VAL A 1 99  ? 2.843   -1.534  8.614   1.00 6.76  ? 99   VAL A CB  1 
ATOM   654  C CG1 . VAL A 1 99  ? 2.914   -2.253  9.972   1.00 6.03  ? 99   VAL A CG1 1 
ATOM   655  C CG2 . VAL A 1 99  ? 1.708   -2.096  7.739   1.00 7.75  ? 99   VAL A CG2 1 
ATOM   656  N N   . CYS A 1 100 ? 3.579   0.873   10.806  1.00 7.24  ? 100  CYS A N   1 
ATOM   657  C CA  . CYS A 1 100 ? 4.604   1.372   11.708  1.00 7.75  ? 100  CYS A CA  1 
ATOM   658  C C   . CYS A 1 100 ? 4.741   0.354   12.839  1.00 7.56  ? 100  CYS A C   1 
ATOM   659  O O   . CYS A 1 100 ? 3.745   -0.224  13.290  1.00 7.79  ? 100  CYS A O   1 
ATOM   660  C CB  . CYS A 1 100 ? 4.186   2.690   12.334  1.00 8.38  ? 100  CYS A CB  1 
ATOM   661  S SG  . CYS A 1 100 ? 3.940   4.009   11.123  1.00 12.34 ? 100  CYS A SG  1 
ATOM   662  N N   . ASP A 1 101 ? 5.956   0.179   13.316  1.00 6.99  ? 101  ASP A N   1 
ATOM   663  C CA  . ASP A 1 101 ? 6.174   -0.689  14.445  1.00 7.25  ? 101  ASP A CA  1 
ATOM   664  C C   . ASP A 1 101 ? 5.867   0.026   15.778  1.00 7.02  ? 101  ASP A C   1 
ATOM   665  O O   . ASP A 1 101 ? 5.345   1.162   15.803  1.00 7.38  ? 101  ASP A O   1 
ATOM   666  C CB  . ASP A 1 101 ? 7.608   -1.273  14.409  1.00 7.82  ? 101  ASP A CB  1 
ATOM   667  C CG  . ASP A 1 101 ? 8.695   -0.210  14.618  1.00 8.90  ? 101  ASP A CG  1 
ATOM   668  O OD1 . ASP A 1 101 ? 9.866   -0.540  14.385  1.00 6.60  ? 101  ASP A OD1 1 
ATOM   669  O OD2 . ASP A 1 101 ? 8.405   0.954   15.015  1.00 8.77  ? 101  ASP A OD2 1 
ATOM   670  N N   . GLY A 1 102 ? 6.218   -0.609  16.898  1.00 6.53  ? 102  GLY A N   1 
ATOM   671  C CA  . GLY A 1 102 ? 5.881   -0.047  18.191  1.00 7.51  ? 102  GLY A CA  1 
ATOM   672  C C   . GLY A 1 102 ? 6.642   1.233   18.525  1.00 7.16  ? 102  GLY A C   1 
ATOM   673  O O   . GLY A 1 102 ? 6.312   1.939   19.500  1.00 7.68  ? 102  GLY A O   1 
ATOM   674  N N   . GLU A 1 103 ? 7.675   1.511   17.741  1.00 6.28  ? 103  GLU A N   1 
ATOM   675  C CA  . GLU A 1 103 ? 8.518   2.699   17.934  1.00 6.31  ? 103  GLU A CA  1 
ATOM   676  C C   . GLU A 1 103 ? 8.168   3.763   16.878  1.00 5.72  ? 103  GLU A C   1 
ATOM   677  O O   . GLU A 1 103 ? 8.880   4.761   16.708  1.00 5.84  ? 103  GLU A O   1 
ATOM   678  C CB  . GLU A 1 103 ? 10.000  2.319   17.858  1.00 6.22  ? 103  GLU A CB  1 
ATOM   679  C CG  . GLU A 1 103 ? 10.474  1.385   19.010  1.00 7.32  ? 103  GLU A CG  1 
ATOM   680  C CD  . GLU A 1 103 ? 9.906   -0.029  18.865  1.00 10.56 ? 103  GLU A CD  1 
ATOM   681  O OE1 . GLU A 1 103 ? 9.967   -0.590  17.755  1.00 8.36  ? 103  GLU A OE1 1 
ATOM   682  O OE2 . GLU A 1 103 ? 9.358   -0.544  19.854  1.00 13.10 ? 103  GLU A OE2 1 
ATOM   683  N N   . GLY A 1 104 ? 7.081   3.533   16.143  1.00 5.97  ? 104  GLY A N   1 
ATOM   684  C CA  . GLY A 1 104 ? 6.649   4.493   15.128  1.00 5.76  ? 104  GLY A CA  1 
ATOM   685  C C   . GLY A 1 104 ? 7.514   4.562   13.865  1.00 5.94  ? 104  GLY A C   1 
ATOM   686  O O   . GLY A 1 104 ? 7.352   5.468   13.037  1.00 5.33  ? 104  GLY A O   1 
ATOM   687  N N   . ARG A 1 105 ? 8.433   3.608   13.710  1.00 5.65  ? 105  ARG A N   1 
ATOM   688  C CA  . ARG A 1 105 ? 9.198   3.490   12.465  1.00 6.25  ? 105  ARG A CA  1 
ATOM   689  C C   . ARG A 1 105 ? 8.376   2.850   11.353  1.00 6.28  ? 105  ARG A C   1 
ATOM   690  O O   . ARG A 1 105 ? 7.602   1.910   11.604  1.00 6.45  ? 105  ARG A O   1 
ATOM   691  C CB  . ARG A 1 105 ? 10.457  2.629   12.705  1.00 6.34  ? 105  ARG A CB  1 
ATOM   692  C CG  . ARG A 1 105 ? 11.438  3.202   13.704  1.00 6.42  ? 105  ARG A CG  1 
ATOM   693  C CD  . ARG A 1 105 ? 12.600  2.224   13.991  1.00 7.09  ? 105  ARG A CD  1 
ATOM   694  N NE  . ARG A 1 105 ? 12.184  1.130   14.862  1.00 7.78  ? 105  ARG A NE  1 
ATOM   695  C CZ  . ARG A 1 105 ? 12.995  0.450   15.670  1.00 7.28  ? 105  ARG A CZ  1 
ATOM   696  N NH1 . ARG A 1 105 ? 14.292  0.746   15.748  1.00 10.20 ? 105  ARG A NH1 1 
ATOM   697  N NH2 . ARG A 1 105 ? 12.498  -0.502  16.456  1.00 8.06  ? 105  ARG A NH2 1 
ATOM   698  N N   . ILE A 1 106 ? 8.545   3.315   10.112  1.00 5.01  ? 106  ILE A N   1 
ATOM   699  C CA  A ILE A 1 106 ? 7.812   2.703   9.009   0.50 5.70  ? 106  ILE A CA  1 
ATOM   700  C CA  B ILE A 1 106 ? 7.832   2.719   8.987   0.50 5.90  ? 106  ILE A CA  1 
ATOM   701  C C   . ILE A 1 106 ? 8.524   1.403   8.661   1.00 6.30  ? 106  ILE A C   1 
ATOM   702  O O   . ILE A 1 106 ? 9.746   1.380   8.461   1.00 5.51  ? 106  ILE A O   1 
ATOM   703  C CB  A ILE A 1 106 ? 7.673   3.637   7.785   0.50 5.72  ? 106  ILE A CB  1 
ATOM   704  C CB  B ILE A 1 106 ? 7.837   3.645   7.750   0.50 6.03  ? 106  ILE A CB  1 
ATOM   705  C CG1 A ILE A 1 106 ? 6.731   4.798   8.134   0.50 5.35  ? 106  ILE A CG1 1 
ATOM   706  C CG1 B ILE A 1 106 ? 7.379   5.066   8.148   0.50 6.65  ? 106  ILE A CG1 1 
ATOM   707  C CG2 A ILE A 1 106 ? 7.177   2.872   6.550   0.50 5.90  ? 106  ILE A CG2 1 
ATOM   708  C CG2 B ILE A 1 106 ? 7.042   3.032   6.579   0.50 6.09  ? 106  ILE A CG2 1 
ATOM   709  C CD1 A ILE A 1 106 ? 6.944   6.030   7.280   0.50 4.39  ? 106  ILE A CD1 1 
ATOM   710  C CD1 B ILE A 1 106 ? 5.915   5.218   8.449   0.50 5.08  ? 106  ILE A CD1 1 
ATOM   711  N N   . VAL A 1 107 ? 7.749   0.330   8.633   1.00 6.31  ? 107  VAL A N   1 
ATOM   712  C CA  . VAL A 1 107 ? 8.307   -0.988  8.356   1.00 5.52  ? 107  VAL A CA  1 
ATOM   713  C C   . VAL A 1 107 ? 7.616   -1.688  7.179   1.00 6.68  ? 107  VAL A C   1 
ATOM   714  O O   . VAL A 1 107 ? 8.089   -2.734  6.731   1.00 7.24  ? 107  VAL A O   1 
ATOM   715  C CB  . VAL A 1 107 ? 8.324   -1.880  9.637   1.00 4.42  ? 107  VAL A CB  1 
ATOM   716  C CG1 . VAL A 1 107 ? 9.173   -1.234  10.750  1.00 6.28  ? 107  VAL A CG1 1 
ATOM   717  C CG2 . VAL A 1 107 ? 6.901   -2.151  10.130  1.00 4.98  ? 107  VAL A CG2 1 
ATOM   718  N N   . GLY A 1 108 ? 6.533   -1.100  6.655   1.00 6.81  ? 108  GLY A N   1 
ATOM   719  C CA  . GLY A 1 108 ? 5.758   -1.675  5.562   1.00 7.40  ? 108  GLY A CA  1 
ATOM   720  C C   . GLY A 1 108 ? 5.064   -0.552  4.782   1.00 9.05  ? 108  GLY A C   1 
ATOM   721  O O   . GLY A 1 108 ? 4.708   0.502   5.354   1.00 8.32  ? 108  GLY A O   1 
ATOM   722  N N   . THR A 1 109 ? 4.904   -0.765  3.492   1.00 9.13  ? 109  THR A N   1 
ATOM   723  C CA  . THR A 1 109 ? 4.219   0.201   2.593   1.00 9.48  ? 109  THR A CA  1 
ATOM   724  C C   . THR A 1 109 ? 3.269   -0.545  1.673   1.00 9.62  ? 109  THR A C   1 
ATOM   725  O O   . THR A 1 109 ? 3.499   -1.699  1.310   1.00 9.32  ? 109  THR A O   1 
ATOM   726  C CB  . THR A 1 109 ? 5.202   0.889   1.587   1.00 11.16 ? 109  THR A CB  1 
ATOM   727  O OG1 . THR A 1 109 ? 5.828   -0.117  0.744   1.00 11.87 ? 109  THR A OG1 1 
ATOM   728  C CG2 . THR A 1 109 ? 6.230   1.670   2.275   1.00 9.75  ? 109  THR A CG2 1 
ATOM   729  N N   . GLY A 1 110 ? 2.187   0.111   1.262   1.00 8.15  ? 110  GLY A N   1 
ATOM   730  C CA  . GLY A 1 110 ? 1.396   -0.431  0.162   1.00 8.99  ? 110  GLY A CA  1 
ATOM   731  C C   . GLY A 1 110 ? 0.604   0.697   -0.448  1.00 9.64  ? 110  GLY A C   1 
ATOM   732  O O   . GLY A 1 110 ? 0.298   1.679   0.235   1.00 8.55  ? 110  GLY A O   1 
ATOM   733  N N   . SER A 1 111 ? 0.284   0.560   -1.734  1.00 9.33  ? 111  SER A N   1 
ATOM   734  C CA  . SER A 1 111 ? -0.499  1.589   -2.451  1.00 11.23 ? 111  SER A CA  1 
ATOM   735  C C   . SER A 1 111 ? -1.695  1.008   -3.149  1.00 10.63 ? 111  SER A C   1 
ATOM   736  O O   . SER A 1 111 ? -1.685  -0.154  -3.601  1.00 10.35 ? 111  SER A O   1 
ATOM   737  C CB  . SER A 1 111 ? 0.341   2.315   -3.520  1.00 10.36 ? 111  SER A CB  1 
ATOM   738  O OG  . SER A 1 111 ? 1.486   2.922   -3.008  1.00 13.71 ? 111  SER A OG  1 
ATOM   739  N N   . LEU A 1 112 ? -2.765  1.812   -3.248  1.00 10.66 ? 112  LEU A N   1 
ATOM   740  C CA  . LEU A 1 112 ? -3.871  1.453   -4.110  1.00 9.90  ? 112  LEU A CA  1 
ATOM   741  C C   . LEU A 1 112 ? -4.120  2.619   -5.032  1.00 9.83  ? 112  LEU A C   1 
ATOM   742  O O   . LEU A 1 112 ? -4.262  3.732   -4.558  1.00 8.95  ? 112  LEU A O   1 
ATOM   743  C CB  . LEU A 1 112 ? -5.151  1.221   -3.296  1.00 10.76 ? 112  LEU A CB  1 
ATOM   744  C CG  . LEU A 1 112 ? -6.397  0.812   -4.103  1.00 11.41 ? 112  LEU A CG  1 
ATOM   745  C CD1 . LEU A 1 112 ? -6.373  -0.716  -4.464  1.00 10.07 ? 112  LEU A CD1 1 
ATOM   746  C CD2 . LEU A 1 112 ? -7.638  1.151   -3.316  1.00 14.16 ? 112  LEU A CD2 1 
ATOM   747  N N   . VAL A 1 113 ? -4.225  2.351   -6.331  1.00 8.74  ? 113  VAL A N   1 
ATOM   748  C CA  . VAL A 1 113 ? -4.606  3.402   -7.269  1.00 9.55  ? 113  VAL A CA  1 
ATOM   749  C C   . VAL A 1 113 ? -5.949  2.999   -7.889  1.00 9.12  ? 113  VAL A C   1 
ATOM   750  O O   . VAL A 1 113 ? -6.123  1.875   -8.397  1.00 10.35 ? 113  VAL A O   1 
ATOM   751  C CB  . VAL A 1 113 ? -3.496  3.659   -8.320  1.00 10.25 ? 113  VAL A CB  1 
ATOM   752  C CG1 . VAL A 1 113 ? -3.903  4.828   -9.249  1.00 9.69  ? 113  VAL A CG1 1 
ATOM   753  C CG2 . VAL A 1 113 ? -2.151  3.938   -7.629  1.00 10.65 ? 113  VAL A CG2 1 
ATOM   754  N N   . VAL A 1 114 ? -6.918  3.902   -7.794  1.00 8.56  ? 114  VAL A N   1 
ATOM   755  C CA  . VAL A 1 114 ? -8.263  3.580   -8.270  1.00 8.28  ? 114  VAL A CA  1 
ATOM   756  C C   . VAL A 1 114 ? -8.494  4.161   -9.654  1.00 8.71  ? 114  VAL A C   1 
ATOM   757  O O   . VAL A 1 114 ? -8.538  5.386   -9.835  1.00 8.50  ? 114  VAL A O   1 
ATOM   758  C CB  . VAL A 1 114 ? -9.313  4.103   -7.274  1.00 7.26  ? 114  VAL A CB  1 
ATOM   759  C CG1 . VAL A 1 114 ? -10.761 3.911   -7.837  1.00 7.89  ? 114  VAL A CG1 1 
ATOM   760  C CG2 . VAL A 1 114 ? -9.085  3.418   -5.902  1.00 8.57  ? 114  VAL A CG2 1 
ATOM   761  N N   . GLU A 1 115 ? -8.627  3.261   -10.622 1.00 8.45  ? 115  GLU A N   1 
ATOM   762  C CA  . GLU A 1 115 ? -8.799  3.622   -12.051 1.00 8.52  ? 115  GLU A CA  1 
ATOM   763  C C   . GLU A 1 115 ? -10.271 3.753   -12.381 1.00 8.34  ? 115  GLU A C   1 
ATOM   764  O O   . GLU A 1 115 ? -11.078 2.918   -12.031 1.00 9.12  ? 115  GLU A O   1 
ATOM   765  C CB  . GLU A 1 115 ? -8.202  2.500   -12.890 1.00 8.80  ? 115  GLU A CB  1 
ATOM   766  C CG  . GLU A 1 115 ? -8.300  2.699   -14.386 1.00 10.85 ? 115  GLU A CG  1 
ATOM   767  C CD  . GLU A 1 115 ? -8.177  1.383   -15.156 1.00 14.94 ? 115  GLU A CD  1 
ATOM   768  O OE1 . GLU A 1 115 ? -7.993  0.296   -14.549 1.00 15.06 ? 115  GLU A OE1 1 
ATOM   769  O OE2 . GLU A 1 115 ? -8.329  1.426   -16.391 1.00 14.53 ? 115  GLU A OE2 1 
ATOM   770  N N   . ARG A 1 116 ? -10.605 4.844   -13.044 1.00 9.44  ? 116  ARG A N   1 
ATOM   771  C CA  . ARG A 1 116 ? -11.927 5.029   -13.605 1.00 8.88  ? 116  ARG A CA  1 
ATOM   772  C C   . ARG A 1 116 ? -12.017 4.464   -15.016 1.00 9.77  ? 116  ARG A C   1 
ATOM   773  O O   . ARG A 1 116 ? -11.119 4.684   -15.849 1.00 8.40  ? 116  ARG A O   1 
ATOM   774  C CB  . ARG A 1 116 ? -12.277 6.509   -13.602 1.00 10.09 ? 116  ARG A CB  1 
ATOM   775  C CG  . ARG A 1 116 ? -12.863 7.018   -12.253 1.00 6.87  ? 116  ARG A CG  1 
ATOM   776  C CD  . ARG A 1 116 ? -11.901 6.873   -11.070 1.00 8.93  ? 116  ARG A CD  1 
ATOM   777  N NE  . ARG A 1 116 ? -12.388 7.679   -9.943  1.00 10.95 ? 116  ARG A NE  1 
ATOM   778  C CZ  . ARG A 1 116 ? -11.685 7.942   -8.842  1.00 10.65 ? 116  ARG A CZ  1 
ATOM   779  N NH1 . ARG A 1 116 ? -10.452 7.442   -8.689  1.00 7.87  ? 116  ARG A NH1 1 
ATOM   780  N NH2 . ARG A 1 116 ? -12.260 8.679   -7.870  1.00 9.85  ? 116  ARG A NH2 1 
ATOM   781  N N   . LYS A 1 117 ? -13.120 3.764   -15.277 1.00 9.62  ? 117  LYS A N   1 
ATOM   782  C CA  . LYS A 1 117 ? -13.449 3.170   -16.581 1.00 9.41  ? 117  LYS A CA  1 
ATOM   783  C C   . LYS A 1 117 ? -14.780 3.654   -17.154 1.00 9.45  ? 117  LYS A C   1 
ATOM   784  O O   . LYS A 1 117 ? -15.585 4.310   -16.456 1.00 9.86  ? 117  LYS A O   1 
ATOM   785  C CB  . LYS A 1 117 ? -13.515 1.647   -16.436 1.00 10.79 ? 117  LYS A CB  1 
ATOM   786  C CG  . LYS A 1 117 ? -12.170 1.045   -15.958 1.00 12.22 ? 117  LYS A CG  1 
ATOM   787  C CD  . LYS A 1 117 ? -11.969 -0.311  -16.541 1.00 15.59 ? 117  LYS A CD  1 
ATOM   788  C CE  . LYS A 1 117 ? -10.574 -0.817  -16.275 1.00 16.11 ? 117  LYS A CE  1 
ATOM   789  N NZ  . LYS A 1 117 ? -9.658  -0.721  -17.475 1.00 15.14 ? 117  LYS A NZ  1 
ATOM   790  N N   . PHE A 1 118 ? -15.008 3.361   -18.435 1.00 7.14  ? 118  PHE A N   1 
ATOM   791  C CA  . PHE A 1 118 ? -16.342 3.444   -19.007 1.00 6.91  ? 118  PHE A CA  1 
ATOM   792  C C   . PHE A 1 118 ? -17.025 2.077   -18.898 1.00 7.56  ? 118  PHE A C   1 
ATOM   793  O O   . PHE A 1 118 ? -18.245 2.013   -18.697 1.00 7.53  ? 118  PHE A O   1 
ATOM   794  C CB  . PHE A 1 118 ? -16.329 3.945   -20.472 1.00 6.49  ? 118  PHE A CB  1 
ATOM   795  C CG  . PHE A 1 118 ? -16.071 5.433   -20.606 1.00 5.90  ? 118  PHE A CG  1 
ATOM   796  C CD1 . PHE A 1 118 ? -17.085 6.349   -20.340 1.00 4.60  ? 118  PHE A CD1 1 
ATOM   797  C CD2 . PHE A 1 118 ? -14.820 5.910   -21.024 1.00 7.52  ? 118  PHE A CD2 1 
ATOM   798  C CE1 . PHE A 1 118 ? -16.886 7.748   -20.475 1.00 5.81  ? 118  PHE A CE1 1 
ATOM   799  C CE2 . PHE A 1 118 ? -14.560 7.295   -21.124 1.00 8.61  ? 118  PHE A CE2 1 
ATOM   800  C CZ  . PHE A 1 118 ? -15.628 8.247   -20.844 1.00 8.98  ? 118  PHE A CZ  1 
ATOM   801  N N   . ILE A 1 119 ? -16.250 0.994   -19.040 1.00 7.98  ? 119  ILE A N   1 
ATOM   802  C CA  . ILE A 1 119 ? -16.821 -0.370  -18.973 1.00 8.99  ? 119  ILE A CA  1 
ATOM   803  C C   . ILE A 1 119 ? -17.348 -0.648  -17.565 1.00 8.26  ? 119  ILE A C   1 
ATOM   804  O O   . ILE A 1 119 ? -17.027 0.085   -16.649 1.00 7.76  ? 119  ILE A O   1 
ATOM   805  C CB  . ILE A 1 119 ? -15.767 -1.470  -19.337 1.00 8.61  ? 119  ILE A CB  1 
ATOM   806  C CG1 . ILE A 1 119 ? -14.572 -1.421  -18.377 1.00 11.12 ? 119  ILE A CG1 1 
ATOM   807  C CG2 . ILE A 1 119 ? -15.426 -1.349  -20.862 1.00 11.89 ? 119  ILE A CG2 1 
ATOM   808  C CD1 . ILE A 1 119 ? -13.573 -2.656  -18.453 1.00 10.51 ? 119  ILE A CD1 1 
ATOM   809  N N   . HIS A 1 120 ? -18.172 -1.680  -17.420 1.00 8.95  ? 120  HIS A N   1 
ATOM   810  C CA  . HIS A 1 120 ? -18.799 -2.033  -16.124 1.00 9.57  ? 120  HIS A CA  1 
ATOM   811  C C   . HIS A 1 120 ? -19.615 -0.881  -15.564 1.00 9.23  ? 120  HIS A C   1 
ATOM   812  O O   . HIS A 1 120 ? -19.469 -0.549  -14.378 1.00 9.20  ? 120  HIS A O   1 
ATOM   813  C CB  . HIS A 1 120 ? -17.781 -2.465  -15.077 1.00 10.69 ? 120  HIS A CB  1 
ATOM   814  C CG  . HIS A 1 120 ? -17.246 -3.842  -15.286 1.00 14.67 ? 120  HIS A CG  1 
ATOM   815  N ND1 . HIS A 1 120 ? -17.614 -4.908  -14.490 1.00 18.18 ? 120  HIS A ND1 1 
ATOM   816  C CD2 . HIS A 1 120 ? -16.341 -4.321  -16.177 1.00 16.85 ? 120  HIS A CD2 1 
ATOM   817  C CE1 . HIS A 1 120 ? -16.967 -5.991  -14.897 1.00 20.26 ? 120  HIS A CE1 1 
ATOM   818  N NE2 . HIS A 1 120 ? -16.202 -5.666  -15.928 1.00 19.53 ? 120  HIS A NE2 1 
ATOM   819  N N   . SER A 1 121 ? -20.441 -0.291  -16.427 1.00 8.28  ? 121  SER A N   1 
ATOM   820  C CA  . SER A 1 121 ? -21.313 0.845   -16.072 1.00 9.11  ? 121  SER A CA  1 
ATOM   821  C C   . SER A 1 121 ? -20.524 1.943   -15.352 1.00 8.45  ? 121  SER A C   1 
ATOM   822  O O   . SER A 1 121 ? -20.846 2.312   -14.210 1.00 8.02  ? 121  SER A O   1 
ATOM   823  C CB  . SER A 1 121 ? -22.486 0.368   -15.209 1.00 9.22  ? 121  SER A CB  1 
ATOM   824  O OG  . SER A 1 121 ? -23.235 -0.605  -15.920 1.00 12.03 ? 121  SER A OG  1 
ATOM   825  N N   . LEU A 1 122 ? -19.482 2.452   -16.019 1.00 7.33  ? 122  LEU A N   1 
ATOM   826  C CA  . LEU A 1 122 ? -18.646 3.486   -15.425 1.00 7.94  ? 122  LEU A CA  1 
ATOM   827  C C   . LEU A 1 122 ? -18.006 2.957   -14.145 1.00 8.29  ? 122  LEU A C   1 
ATOM   828  O O   . LEU A 1 122 ? -17.996 3.606   -13.082 1.00 9.10  ? 122  LEU A O   1 
ATOM   829  C CB  . LEU A 1 122 ? -19.476 4.763   -15.200 1.00 8.02  ? 122  LEU A CB  1 
ATOM   830  C CG  . LEU A 1 122 ? -20.117 5.418   -16.444 1.00 8.88  ? 122  LEU A CG  1 
ATOM   831  C CD1 . LEU A 1 122 ? -20.805 6.706   -16.066 1.00 13.00 ? 122  LEU A CD1 1 
ATOM   832  C CD2 . LEU A 1 122 ? -19.136 5.670   -17.574 1.00 10.93 ? 122  LEU A CD2 1 
ATOM   833  N N   . GLY A 1 123 ? -17.459 1.750   -14.236 1.00 8.58  ? 123  GLY A N   1 
ATOM   834  C CA  . GLY A 1 123 ? -16.867 1.103   -13.074 1.00 8.14  ? 123  GLY A CA  1 
ATOM   835  C C   . GLY A 1 123 ? -15.523 1.678   -12.635 1.00 9.31  ? 123  GLY A C   1 
ATOM   836  O O   . GLY A 1 123 ? -14.942 2.568   -13.283 1.00 10.17 ? 123  GLY A O   1 
ATOM   837  N N   . MET A 1 124 ? -15.025 1.156   -11.525 1.00 7.77  ? 124  MET A N   1 
ATOM   838  C CA  . MET A 1 124 ? -13.691 1.519   -11.056 1.00 9.23  ? 124  MET A CA  1 
ATOM   839  C C   . MET A 1 124 ? -12.933 0.239   -10.716 1.00 8.66  ? 124  MET A C   1 
ATOM   840  O O   . MET A 1 124 ? -13.531 -0.693  -10.219 1.00 9.24  ? 124  MET A O   1 
ATOM   841  C CB  . MET A 1 124 ? -13.781 2.430   -9.831  1.00 8.89  ? 124  MET A CB  1 
ATOM   842  C CG  . MET A 1 124 ? -14.473 3.747   -10.160 1.00 10.55 ? 124  MET A CG  1 
ATOM   843  S SD  . MET A 1 124 ? -14.221 5.012   -8.864  1.00 15.60 ? 124  MET A SD  1 
ATOM   844  C CE  . MET A 1 124 ? -14.571 4.164   -7.328  1.00 16.73 ? 124  MET A CE  1 
ATOM   845  N N   . VAL A 1 125 ? -11.631 0.232   -10.990 1.00 7.93  ? 125  VAL A N   1 
ATOM   846  C CA  . VAL A 1 125 ? -10.764 -0.917  -10.720 1.00 8.31  ? 125  VAL A CA  1 
ATOM   847  C C   . VAL A 1 125 ? -9.668  -0.451  -9.762  1.00 8.10  ? 125  VAL A C   1 
ATOM   848  O O   . VAL A 1 125 ? -9.028  0.570   -10.012 1.00 8.11  ? 125  VAL A O   1 
ATOM   849  C CB  . VAL A 1 125 ? -10.124 -1.442  -12.027 1.00 8.81  ? 125  VAL A CB  1 
ATOM   850  C CG1 . VAL A 1 125 ? -9.103  -2.559  -11.720 1.00 9.67  ? 125  VAL A CG1 1 
ATOM   851  C CG2 . VAL A 1 125 ? -11.210 -1.938  -12.964 1.00 9.79  ? 125  VAL A CG2 1 
ATOM   852  N N   . GLY A 1 126 ? -9.489  -1.173  -8.654  1.00 9.04  ? 126  GLY A N   1 
ATOM   853  C CA  . GLY A 1 126 ? -8.392  -0.889  -7.735  1.00 9.65  ? 126  GLY A CA  1 
ATOM   854  C C   . GLY A 1 126 ? -7.121  -1.555  -8.245  1.00 10.36 ? 126  GLY A C   1 
ATOM   855  O O   . GLY A 1 126 ? -7.152  -2.711  -8.699  1.00 11.63 ? 126  GLY A O   1 
ATOM   856  N N   . HIS A 1 127 ? -5.996  -0.849  -8.175  1.00 10.24 ? 127  HIS A N   1 
ATOM   857  C CA  . HIS A 1 127 ? -4.696  -1.442  -8.529  1.00 10.64 ? 127  HIS A CA  1 
ATOM   858  C C   . HIS A 1 127 ? -3.756  -1.363  -7.332  1.00 10.03 ? 127  HIS A C   1 
ATOM   859  O O   . HIS A 1 127 ? -3.419  -0.262  -6.847  1.00 9.63  ? 127  HIS A O   1 
ATOM   860  C CB  . HIS A 1 127 ? -4.070  -0.732  -9.708  1.00 10.51 ? 127  HIS A CB  1 
ATOM   861  C CG  . HIS A 1 127 ? -4.883  -0.804  -10.960 1.00 11.24 ? 127  HIS A CG  1 
ATOM   862  N ND1 . HIS A 1 127 ? -5.927  0.053   -11.233 1.00 14.66 ? 127  HIS A ND1 1 
ATOM   863  C CD2 . HIS A 1 127 ? -4.807  -1.648  -12.014 1.00 11.68 ? 127  HIS A CD2 1 
ATOM   864  C CE1 . HIS A 1 127 ? -6.441  -0.237  -12.423 1.00 11.07 ? 127  HIS A CE1 1 
ATOM   865  N NE2 . HIS A 1 127 ? -5.775  -1.262  -12.919 1.00 14.22 ? 127  HIS A NE2 1 
ATOM   866  N N   . ILE A 1 128 ? -3.331  -2.522  -6.856  1.00 9.39  ? 128  ILE A N   1 
ATOM   867  C CA  . ILE A 1 128 ? -2.387  -2.575  -5.738  1.00 9.79  ? 128  ILE A CA  1 
ATOM   868  C C   . ILE A 1 128 ? -0.966  -2.450  -6.268  1.00 10.06 ? 128  ILE A C   1 
ATOM   869  O O   . ILE A 1 128 ? -0.581  -3.107  -7.272  1.00 9.01  ? 128  ILE A O   1 
ATOM   870  C CB  . ILE A 1 128 ? -2.625  -3.829  -4.876  1.00 9.46  ? 128  ILE A CB  1 
ATOM   871  C CG1 . ILE A 1 128 ? -3.833  -3.559  -3.955  1.00 10.99 ? 128  ILE A CG1 1 
ATOM   872  C CG2 . ILE A 1 128 ? -1.345  -4.224  -4.091  1.00 11.22 ? 128  ILE A CG2 1 
ATOM   873  C CD1 . ILE A 1 128 ? -4.282  -4.768  -3.128  1.00 11.60 ? 128  ILE A CD1 1 
ATOM   874  N N   . GLU A 1 129 ? -0.172  -1.589  -5.617  1.00 9.73  ? 129  GLU A N   1 
ATOM   875  C CA  . GLU A 1 129 ? 1.159   -1.294  -6.130  1.00 9.61  ? 129  GLU A CA  1 
ATOM   876  C C   . GLU A 1 129 ? 2.135   -1.180  -4.995  1.00 10.08 ? 129  GLU A C   1 
ATOM   877  O O   . GLU A 1 129 ? 1.723   -0.865  -3.871  1.00 9.72  ? 129  GLU A O   1 
ATOM   878  C CB  . GLU A 1 129 ? 1.176   0.056   -6.874  1.00 10.64 ? 129  GLU A CB  1 
ATOM   879  C CG  . GLU A 1 129 ? 0.091   0.191   -7.955  1.00 12.27 ? 129  GLU A CG  1 
ATOM   880  C CD  . GLU A 1 129 ? 0.443   -0.546  -9.214  1.00 13.70 ? 129  GLU A CD  1 
ATOM   881  O OE1 . GLU A 1 129 ? 1.571   -1.066  -9.356  1.00 15.42 ? 129  GLU A OE1 1 
ATOM   882  O OE2 . GLU A 1 129 ? -0.430  -0.562  -10.114 1.00 15.78 ? 129  GLU A OE2 1 
ATOM   883  N N   . ASP A 1 130 ? 3.415   -1.422  -5.301  1.00 8.79  ? 130  ASP A N   1 
ATOM   884  C CA  . ASP A 1 130 ? 4.520   -1.012  -4.399  1.00 9.85  ? 130  ASP A CA  1 
ATOM   885  C C   . ASP A 1 130 ? 4.390   -1.548  -2.985  1.00 9.69  ? 130  ASP A C   1 
ATOM   886  O O   . ASP A 1 130 ? 4.466   -0.799  -1.998  1.00 10.04 ? 130  ASP A O   1 
ATOM   887  C CB  . ASP A 1 130 ? 4.650   0.521   -4.431  1.00 10.68 ? 130  ASP A CB  1 
ATOM   888  C CG  . ASP A 1 130 ? 5.038   1.016   -5.818  1.00 11.96 ? 130  ASP A CG  1 
ATOM   889  O OD1 . ASP A 1 130 ? 5.663   0.228   -6.558  1.00 12.17 ? 130  ASP A OD1 1 
ATOM   890  O OD2 . ASP A 1 130 ? 4.667   2.145   -6.196  1.00 17.97 ? 130  ASP A OD2 1 
ATOM   891  N N   . ILE A 1 131 ? 4.202   -2.862  -2.898  1.00 8.93  ? 131  ILE A N   1 
ATOM   892  C CA  . ILE A 1 131 ? 4.060   -3.564  -1.619  1.00 9.00  ? 131  ILE A CA  1 
ATOM   893  C C   . ILE A 1 131 ? 5.440   -3.941  -1.096  1.00 8.71  ? 131  ILE A C   1 
ATOM   894  O O   . ILE A 1 131 ? 6.194   -4.662  -1.765  1.00 8.11  ? 131  ILE A O   1 
ATOM   895  C CB  . ILE A 1 131 ? 3.215   -4.872  -1.810  1.00 9.12  ? 131  ILE A CB  1 
ATOM   896  C CG1 . ILE A 1 131 ? 1.825   -4.558  -2.360  1.00 9.59  ? 131  ILE A CG1 1 
ATOM   897  C CG2 . ILE A 1 131 ? 3.158   -5.681  -0.479  1.00 10.99 ? 131  ILE A CG2 1 
ATOM   898  C CD1 . ILE A 1 131 ? 0.939   -3.652  -1.401  1.00 11.57 ? 131  ILE A CD1 1 
ATOM   899  N N   . ALA A 1 132 ? 5.789   -3.495  0.115   1.00 8.15  ? 132  ALA A N   1 
ATOM   900  C CA  . ALA A 1 132 ? 7.106   -3.796  0.662   1.00 8.23  ? 132  ALA A CA  1 
ATOM   901  C C   . ALA A 1 132 ? 7.062   -3.917  2.169   1.00 8.24  ? 132  ALA A C   1 
ATOM   902  O O   . ALA A 1 132 ? 6.409   -3.107  2.817   1.00 8.91  ? 132  ALA A O   1 
ATOM   903  C CB  . ALA A 1 132 ? 8.099   -2.700  0.274   1.00 9.03  ? 132  ALA A CB  1 
ATOM   904  N N   . VAL A 1 133 ? 7.768   -4.898  2.721   1.00 7.74  ? 133  VAL A N   1 
ATOM   905  C CA  . VAL A 1 133 ? 7.974   -4.980  4.184   1.00 7.21  ? 133  VAL A CA  1 
ATOM   906  C C   . VAL A 1 133 ? 9.475   -5.052  4.457   1.00 6.55  ? 133  VAL A C   1 
ATOM   907  O O   . VAL A 1 133 ? 10.182  -5.858  3.828   1.00 7.52  ? 133  VAL A O   1 
ATOM   908  C CB  . VAL A 1 133 ? 7.221   -6.195  4.802   1.00 6.81  ? 133  VAL A CB  1 
ATOM   909  C CG1 . VAL A 1 133 ? 7.587   -6.391  6.318   1.00 6.22  ? 133  VAL A CG1 1 
ATOM   910  C CG2 . VAL A 1 133 ? 5.702   -6.065  4.629   1.00 7.57  ? 133  VAL A CG2 1 
ATOM   911  N N   . GLU A 1 134 ? 9.976   -4.251  5.410   1.00 6.98  ? 134  GLU A N   1 
ATOM   912  C CA  . GLU A 1 134 ? 11.405  -4.257  5.758   1.00 8.16  ? 134  GLU A CA  1 
ATOM   913  C C   . GLU A 1 134 ? 11.887  -5.686  6.092   1.00 8.00  ? 134  GLU A C   1 
ATOM   914  O O   . GLU A 1 134 ? 11.158  -6.439  6.725   1.00 7.21  ? 134  GLU A O   1 
ATOM   915  C CB  . GLU A 1 134 ? 11.591  -3.294  6.949   1.00 9.87  ? 134  GLU A CB  1 
ATOM   916  C CG  . GLU A 1 134 ? 12.638  -3.510  7.936   1.00 13.31 ? 134  GLU A CG  1 
ATOM   917  C CD  . GLU A 1 134 ? 12.455  -2.507  9.070   1.00 17.29 ? 134  GLU A CD  1 
ATOM   918  O OE1 . GLU A 1 134 ? 12.254  -1.312  8.768   1.00 21.30 ? 134  GLU A OE1 1 
ATOM   919  O OE2 . GLU A 1 134 ? 12.453  -2.920  10.232  1.00 19.31 ? 134  GLU A OE2 1 
ATOM   920  N N   . LYS A 1 135 ? 13.104  -6.041  5.679   1.00 8.61  ? 135  LYS A N   1 
ATOM   921  C CA  . LYS A 1 135 ? 13.563  -7.434  5.790   1.00 9.66  ? 135  LYS A CA  1 
ATOM   922  C C   . LYS A 1 135 ? 13.376  -8.040  7.188   1.00 9.69  ? 135  LYS A C   1 
ATOM   923  O O   . LYS A 1 135 ? 12.854  -9.148  7.319   1.00 10.18 ? 135  LYS A O   1 
ATOM   924  C CB  . LYS A 1 135 ? 15.027  -7.580  5.354   1.00 10.79 ? 135  LYS A CB  1 
ATOM   925  C CG  . LYS A 1 135 ? 15.205  -7.961  3.891   1.00 16.27 ? 135  LYS A CG  1 
ATOM   926  C CD  . LYS A 1 135 ? 15.288  -6.739  3.030   1.00 22.78 ? 135  LYS A CD  1 
ATOM   927  C CE  . LYS A 1 135 ? 15.432  -7.058  1.545   1.00 24.35 ? 135  LYS A CE  1 
ATOM   928  N NZ  . LYS A 1 135 ? 16.782  -7.519  1.195   1.00 27.90 ? 135  LYS A NZ  1 
ATOM   929  N N   . GLY A 1 136 ? 13.801  -7.317  8.223   1.00 8.36  ? 136  GLY A N   1 
ATOM   930  C CA  . GLY A 1 136 ? 13.699  -7.819  9.613   1.00 8.62  ? 136  GLY A CA  1 
ATOM   931  C C   . GLY A 1 136 ? 12.278  -7.972  10.138  1.00 8.02  ? 136  GLY A C   1 
ATOM   932  O O   . GLY A 1 136 ? 12.077  -8.576  11.205  1.00 8.77  ? 136  GLY A O   1 
ATOM   933  N N   . GLN A 1 137 ? 11.305  -7.427  9.401   1.00 6.62  ? 137  GLN A N   1 
ATOM   934  C CA  . GLN A 1 137 ? 9.900   -7.438  9.821   1.00 7.15  ? 137  GLN A CA  1 
ATOM   935  C C   . GLN A 1 137 ? 9.049   -8.365  8.955   1.00 6.78  ? 137  GLN A C   1 
ATOM   936  O O   . GLN A 1 137 ? 7.827   -8.400  9.097   1.00 7.89  ? 137  GLN A O   1 
ATOM   937  C CB  . GLN A 1 137 ? 9.293   -6.011  9.773   1.00 7.69  ? 137  GLN A CB  1 
ATOM   938  C CG  . GLN A 1 137 ? 9.957   -5.066  10.773  1.00 9.18  ? 137  GLN A CG  1 
ATOM   939  C CD  . GLN A 1 137 ? 9.466   -5.249  12.197  1.00 14.99 ? 137  GLN A CD  1 
ATOM   940  O OE1 . GLN A 1 137 ? 8.504   -5.961  12.450  1.00 17.18 ? 137  GLN A OE1 1 
ATOM   941  N NE2 . GLN A 1 137 ? 10.120  -4.574  13.134  1.00 18.54 ? 137  GLN A NE2 1 
ATOM   942  N N   . GLN A 1 138 ? 9.688   -9.091  8.041   1.00 6.87  ? 138  GLN A N   1 
ATOM   943  C CA  . GLN A 1 138 ? 8.930   -9.984  7.145   1.00 6.96  ? 138  GLN A CA  1 
ATOM   944  C C   . GLN A 1 138 ? 8.498   -11.274 7.843   1.00 7.50  ? 138  GLN A C   1 
ATOM   945  O O   . GLN A 1 138 ? 9.064   -11.620 8.884   1.00 8.23  ? 138  GLN A O   1 
ATOM   946  C CB  . GLN A 1 138 ? 9.779   -10.302 5.920   1.00 6.79  ? 138  GLN A CB  1 
ATOM   947  C CG  . GLN A 1 138 ? 9.868   -9.148  4.939   1.00 7.03  ? 138  GLN A CG  1 
ATOM   948  C CD  . GLN A 1 138 ? 10.830  -9.457  3.782   1.00 11.01 ? 138  GLN A CD  1 
ATOM   949  O OE1 . GLN A 1 138 ? 11.224  -10.609 3.599   1.00 9.46  ? 138  GLN A OE1 1 
ATOM   950  N NE2 . GLN A 1 138 ? 11.219  -8.442  3.028   1.00 9.03  ? 138  GLN A NE2 1 
ATOM   951  N N   . GLY A 1 139 ? 7.475   -11.965 7.310   1.00 8.91  ? 139  GLY A N   1 
ATOM   952  C CA  . GLY A 1 139 ? 7.076   -13.266 7.886   1.00 9.95  ? 139  GLY A CA  1 
ATOM   953  C C   . GLY A 1 139 ? 6.300   -13.198 9.188   1.00 10.65 ? 139  GLY A C   1 
ATOM   954  O O   . GLY A 1 139 ? 6.313   -14.160 9.972   1.00 11.47 ? 139  GLY A O   1 
ATOM   955  N N   . LYS A 1 140 ? 5.632   -12.059 9.422   1.00 10.33 ? 140  LYS A N   1 
ATOM   956  C CA  . LYS A 1 140 ? 4.854   -11.790 10.649  1.00 11.74 ? 140  LYS A CA  1 
ATOM   957  C C   . LYS A 1 140 ? 3.437   -11.294 10.295  1.00 9.64  ? 140  LYS A C   1 
ATOM   958  O O   . LYS A 1 140 ? 2.803   -10.664 11.147  1.00 10.11 ? 140  LYS A O   1 
ATOM   959  C CB  . LYS A 1 140 ? 5.496   -10.660 11.503  1.00 11.42 ? 140  LYS A CB  1 
ATOM   960  C CG  . LYS A 1 140 ? 6.913   -10.876 12.001  1.00 16.54 ? 140  LYS A CG  1 
ATOM   961  C CD  . LYS A 1 140 ? 7.435   -9.568  12.612  1.00 15.20 ? 140  LYS A CD  1 
ATOM   962  C CE  . LYS A 1 140 ? 8.795   -9.744  13.294  1.00 22.88 ? 140  LYS A CE  1 
ATOM   963  N NZ  . LYS A 1 140 ? 9.883   -10.171 12.357  1.00 25.86 ? 140  LYS A NZ  1 
ATOM   964  N N   . LYS A 1 141 ? 2.974   -11.561 9.059   1.00 8.60  ? 141  LYS A N   1 
ATOM   965  C CA  A LYS A 1 141 ? 1.627   -11.201 8.563   0.60 8.02  ? 141  LYS A CA  1 
ATOM   966  C CA  B LYS A 1 141 ? 1.626   -11.191 8.586   0.20 8.26  ? 141  LYS A CA  1 
ATOM   967  C CA  C LYS A 1 141 ? 1.619   -11.191 8.604   0.20 8.25  ? 141  LYS A CA  1 
ATOM   968  C C   . LYS A 1 141 ? 1.466   -9.704  8.246   1.00 8.04  ? 141  LYS A C   1 
ATOM   969  O O   . LYS A 1 141 ? 0.367   -9.252  7.929   1.00 7.81  ? 141  LYS A O   1 
ATOM   970  C CB  A LYS A 1 141 ? 0.484   -11.662 9.505   0.60 8.76  ? 141  LYS A CB  1 
ATOM   971  C CB  B LYS A 1 141 ? 0.524   -11.637 9.570   0.20 8.55  ? 141  LYS A CB  1 
ATOM   972  C CB  C LYS A 1 141 ? 0.522   -11.588 9.621   0.20 8.48  ? 141  LYS A CB  1 
ATOM   973  C CG  A LYS A 1 141 ? 0.543   -13.116 10.043  0.60 9.54  ? 141  LYS A CG  1 
ATOM   974  C CG  B LYS A 1 141 ? 0.496   -13.134 9.893   0.20 9.14  ? 141  LYS A CG  1 
ATOM   975  C CG  C LYS A 1 141 ? 0.581   -13.017 10.181  0.20 9.06  ? 141  LYS A CG  1 
ATOM   976  C CD  A LYS A 1 141 ? 0.286   -14.158 8.976   0.60 10.11 ? 141  LYS A CD  1 
ATOM   977  C CD  B LYS A 1 141 ? -0.150  -13.949 8.788   0.20 10.36 ? 141  LYS A CD  1 
ATOM   978  C CD  C LYS A 1 141 ? 0.111   -14.057 9.186   0.20 9.42  ? 141  LYS A CD  1 
ATOM   979  C CE  A LYS A 1 141 ? 0.374   -15.571 9.534   0.60 10.36 ? 141  LYS A CE  1 
ATOM   980  C CE  B LYS A 1 141 ? -0.044  -15.441 9.063   0.20 10.65 ? 141  LYS A CE  1 
ATOM   981  C CE  C LYS A 1 141 ? 0.022   -15.424 9.838   0.20 9.95  ? 141  LYS A CE  1 
ATOM   982  N NZ  A LYS A 1 141 ? 1.701   -15.880 10.126  0.60 5.48  ? 141  LYS A NZ  1 
ATOM   983  N NZ  B LYS A 1 141 ? -0.739  -15.852 10.320  0.20 10.56 ? 141  LYS A NZ  1 
ATOM   984  N NZ  C LYS A 1 141 ? -0.060  -16.515 8.827   0.20 9.27  ? 141  LYS A NZ  1 
ATOM   985  N N   . LEU A 1 142 ? 2.553   -8.931  8.291   1.00 7.12  ? 142  LEU A N   1 
ATOM   986  C CA  . LEU A 1 142 ? 2.386   -7.499  7.968   1.00 7.40  ? 142  LEU A CA  1 
ATOM   987  C C   . LEU A 1 142 ? 2.000   -7.242  6.504   1.00 6.83  ? 142  LEU A C   1 
ATOM   988  O O   . LEU A 1 142 ? 1.154   -6.369  6.204   1.00 7.58  ? 142  LEU A O   1 
ATOM   989  C CB  . LEU A 1 142 ? 3.615   -6.662  8.343   1.00 7.57  ? 142  LEU A CB  1 
ATOM   990  C CG  . LEU A 1 142 ? 4.048   -6.707  9.803   1.00 8.42  ? 142  LEU A CG  1 
ATOM   991  C CD1 . LEU A 1 142 ? 5.255   -5.767  9.966   1.00 9.46  ? 142  LEU A CD1 1 
ATOM   992  C CD2 . LEU A 1 142 ? 2.882   -6.289  10.789  1.00 9.53  ? 142  LEU A CD2 1 
ATOM   993  N N   . GLY A 1 143 ? 2.613   -7.993  5.587   1.00 6.13  ? 143  GLY A N   1 
ATOM   994  C CA  . GLY A 1 143 ? 2.251   -7.912  4.177   1.00 6.45  ? 143  GLY A CA  1 
ATOM   995  C C   . GLY A 1 143 ? 0.794   -8.294  3.942   1.00 6.73  ? 143  GLY A C   1 
ATOM   996  O O   . GLY A 1 143 ? 0.086   -7.592  3.205   1.00 7.98  ? 143  GLY A O   1 
ATOM   997  N N   . LEU A 1 144 ? 0.343   -9.362  4.617   1.00 8.02  ? 144  LEU A N   1 
ATOM   998  C CA  . LEU A 1 144 ? -1.080  -9.788  4.549   1.00 8.11  ? 144  LEU A CA  1 
ATOM   999  C C   . LEU A 1 144 ? -2.010  -8.660  5.002   1.00 8.70  ? 144  LEU A C   1 
ATOM   1000 O O   . LEU A 1 144 ? -3.016  -8.378  4.361   1.00 8.79  ? 144  LEU A O   1 
ATOM   1001 C CB  . LEU A 1 144 ? -1.313  -11.012 5.449   1.00 7.84  ? 144  LEU A CB  1 
ATOM   1002 C CG  . LEU A 1 144 ? -2.785  -11.404 5.655   1.00 6.81  ? 144  LEU A CG  1 
ATOM   1003 C CD1 . LEU A 1 144 ? -3.397  -11.919 4.331   1.00 10.24 ? 144  LEU A CD1 1 
ATOM   1004 C CD2 . LEU A 1 144 ? -2.852  -12.474 6.674   1.00 9.31  ? 144  LEU A CD2 1 
ATOM   1005 N N   . ARG A 1 145 ? -1.676  -8.035  6.135   1.00 8.10  ? 145  ARG A N   1 
ATOM   1006 C CA  . ARG A 1 145 ? -2.487  -6.909  6.670   1.00 8.23  ? 145  ARG A CA  1 
ATOM   1007 C C   . ARG A 1 145 ? -2.520  -5.707  5.734   1.00 8.70  ? 145  ARG A C   1 
ATOM   1008 O O   . ARG A 1 145 ? -3.568  -5.055  5.567   1.00 8.76  ? 145  ARG A O   1 
ATOM   1009 C CB  . ARG A 1 145 ? -2.000  -6.476  8.066   1.00 8.44  ? 145  ARG A CB  1 
ATOM   1010 C CG  . ARG A 1 145 ? -2.068  -7.535  9.187   1.00 8.71  ? 145  ARG A CG  1 
ATOM   1011 C CD  . ARG A 1 145 ? -3.225  -8.515  9.056   1.00 6.57  ? 145  ARG A CD  1 
ATOM   1012 N NE  . ARG A 1 145 ? -3.118  -9.603  10.033  1.00 8.51  ? 145  ARG A NE  1 
ATOM   1013 C CZ  . ARG A 1 145 ? -3.887  -10.693 10.041  1.00 8.91  ? 145  ARG A CZ  1 
ATOM   1014 N NH1 . ARG A 1 145 ? -4.862  -10.832 9.139   1.00 9.20  ? 145  ARG A NH1 1 
ATOM   1015 N NH2 . ARG A 1 145 ? -3.704  -11.623 10.987  1.00 10.01 ? 145  ARG A NH2 1 
ATOM   1016 N N   . ILE A 1 146 ? -1.386  -5.400  5.107   1.00 7.67  ? 146  ILE A N   1 
ATOM   1017 C CA  . ILE A 1 146 ? -1.335  -4.344  4.083   1.00 8.39  ? 146  ILE A CA  1 
ATOM   1018 C C   . ILE A 1 146 ? -2.301  -4.659  2.923   1.00 9.49  ? 146  ILE A C   1 
ATOM   1019 O O   . ILE A 1 146 ? -3.068  -3.793  2.520   1.00 9.68  ? 146  ILE A O   1 
ATOM   1020 C CB  . ILE A 1 146 ? 0.103   -4.158  3.541   1.00 7.90  ? 146  ILE A CB  1 
ATOM   1021 C CG1 . ILE A 1 146 ? 1.006   -3.606  4.678   1.00 7.46  ? 146  ILE A CG1 1 
ATOM   1022 C CG2 . ILE A 1 146 ? 0.119   -3.237  2.282   1.00 6.40  ? 146  ILE A CG2 1 
ATOM   1023 C CD1 . ILE A 1 146 ? 2.506   -3.625  4.418   1.00 8.86  ? 146  ILE A CD1 1 
ATOM   1024 N N   . ILE A 1 147 ? -2.242  -5.883  2.384   1.00 9.16  ? 147  ILE A N   1 
ATOM   1025 C CA  . ILE A 1 147 ? -3.104  -6.267  1.268   1.00 8.77  ? 147  ILE A CA  1 
ATOM   1026 C C   . ILE A 1 147 ? -4.567  -6.202  1.708   1.00 9.02  ? 147  ILE A C   1 
ATOM   1027 O O   . ILE A 1 147 ? -5.421  -5.655  0.998   1.00 8.52  ? 147  ILE A O   1 
ATOM   1028 C CB  . ILE A 1 147 ? -2.703  -7.681  0.688   1.00 8.90  ? 147  ILE A CB  1 
ATOM   1029 C CG1 . ILE A 1 147 ? -1.276  -7.611  0.123   1.00 7.86  ? 147  ILE A CG1 1 
ATOM   1030 C CG2 . ILE A 1 147 ? -3.723  -8.165  -0.366  1.00 9.23  ? 147  ILE A CG2 1 
ATOM   1031 C CD1 . ILE A 1 147 ? -1.093  -6.637  -1.070  1.00 10.55 ? 147  ILE A CD1 1 
ATOM   1032 N N   . GLN A 1 148 ? -4.849  -6.732  2.901   1.00 9.00  ? 148  GLN A N   1 
ATOM   1033 C CA  . GLN A 1 148 ? -6.223  -6.684  3.435   1.00 8.60  ? 148  GLN A CA  1 
ATOM   1034 C C   . GLN A 1 148 ? -6.729  -5.233  3.562   1.00 8.40  ? 148  GLN A C   1 
ATOM   1035 O O   . GLN A 1 148 ? -7.890  -4.925  3.238   1.00 7.79  ? 148  GLN A O   1 
ATOM   1036 C CB  . GLN A 1 148 ? -6.302  -7.384  4.776   1.00 8.29  ? 148  GLN A CB  1 
ATOM   1037 C CG  . GLN A 1 148 ? -6.193  -8.914  4.648   1.00 8.58  ? 148  GLN A CG  1 
ATOM   1038 C CD  . GLN A 1 148 ? -6.197  -9.606  6.010   1.00 9.00  ? 148  GLN A CD  1 
ATOM   1039 O OE1 . GLN A 1 148 ? -5.795  -9.044  7.001   1.00 9.10  ? 148  GLN A OE1 1 
ATOM   1040 N NE2 . GLN A 1 148 ? -6.623  -10.845 6.023   1.00 11.40 ? 148  GLN A NE2 1 
ATOM   1041 N N   . ALA A 1 149 ? -5.865  -4.361  4.052   1.00 8.72  ? 149  ALA A N   1 
ATOM   1042 C CA  . ALA A 1 149 ? -6.254  -2.956  4.171   1.00 9.39  ? 149  ALA A CA  1 
ATOM   1043 C C   . ALA A 1 149 ? -6.537  -2.318  2.803   1.00 9.91  ? 149  ALA A C   1 
ATOM   1044 O O   . ALA A 1 149 ? -7.496  -1.566  2.650   1.00 9.00  ? 149  ALA A O   1 
ATOM   1045 C CB  . ALA A 1 149 ? -5.162  -2.161  4.912   1.00 9.45  ? 149  ALA A CB  1 
ATOM   1046 N N   . LEU A 1 150 ? -5.678  -2.590  1.818   1.00 9.22  ? 150  LEU A N   1 
ATOM   1047 C CA  . LEU A 1 150 ? -5.897  -2.005  0.491   1.00 8.83  ? 150  LEU A CA  1 
ATOM   1048 C C   . LEU A 1 150 ? -7.178  -2.538  -0.197  1.00 8.98  ? 150  LEU A C   1 
ATOM   1049 O O   . LEU A 1 150 ? -7.943  -1.782  -0.807  1.00 9.36  ? 150  LEU A O   1 
ATOM   1050 C CB  . LEU A 1 150 ? -4.645  -2.221  -0.362  1.00 9.98  ? 150  LEU A CB  1 
ATOM   1051 C CG  . LEU A 1 150 ? -3.372  -1.549  0.179   1.00 10.74 ? 150  LEU A CG  1 
ATOM   1052 C CD1 . LEU A 1 150 ? -2.126  -2.123  -0.574  1.00 11.40 ? 150  LEU A CD1 1 
ATOM   1053 C CD2 . LEU A 1 150 ? -3.476  0.001   0.053   1.00 11.46 ? 150  LEU A CD2 1 
ATOM   1054 N N   . ASP A 1 151 ? -7.436  -3.831  -0.052  1.00 9.41  ? 151  ASP A N   1 
ATOM   1055 C CA  A ASP A 1 151 ? -8.687  -4.442  -0.527  0.50 8.89  ? 151  ASP A CA  1 
ATOM   1056 C CA  C ASP A 1 151 ? -8.679  -4.461  -0.515  0.50 8.83  ? 151  ASP A CA  1 
ATOM   1057 C C   . ASP A 1 151 ? -9.905  -3.783  0.128   1.00 9.56  ? 151  ASP A C   1 
ATOM   1058 O O   . ASP A 1 151 ? -10.935 -3.532  -0.520  1.00 9.73  ? 151  ASP A O   1 
ATOM   1059 C CB  A ASP A 1 151 ? -8.701  -5.937  -0.186  0.50 9.62  ? 151  ASP A CB  1 
ATOM   1060 C CB  C ASP A 1 151 ? -8.642  -5.930  -0.087  0.50 9.42  ? 151  ASP A CB  1 
ATOM   1061 C CG  A ASP A 1 151 ? -8.489  -6.839  -1.402  0.50 9.03  ? 151  ASP A CG  1 
ATOM   1062 C CG  C ASP A 1 151 ? -9.128  -6.898  -1.165  0.50 8.70  ? 151  ASP A CG  1 
ATOM   1063 O OD1 A ASP A 1 151 ? -8.765  -6.423  -2.544  0.50 12.07 ? 151  ASP A OD1 1 
ATOM   1064 O OD1 C ASP A 1 151 ? -9.568  -6.480  -2.249  0.50 10.58 ? 151  ASP A OD1 1 
ATOM   1065 O OD2 A ASP A 1 151 ? -8.060  -7.997  -1.200  0.50 11.19 ? 151  ASP A OD2 1 
ATOM   1066 O OD2 C ASP A 1 151 ? -9.064  -8.113  -0.902  0.50 9.56  ? 151  ASP A OD2 1 
ATOM   1067 N N   . TYR A 1 152 ? -9.814  -3.510  1.420   1.00 8.31  ? 152  TYR A N   1 
ATOM   1068 C CA  . TYR A 1 152 ? -10.935 -2.851  2.115   1.00 8.54  ? 152  TYR A CA  1 
ATOM   1069 C C   . TYR A 1 152 ? -11.217 -1.460  1.508   1.00 8.33  ? 152  TYR A C   1 
ATOM   1070 O O   . TYR A 1 152 ? -12.370 -1.117  1.290   1.00 8.95  ? 152  TYR A O   1 
ATOM   1071 C CB  . TYR A 1 152 ? -10.607 -2.736  3.592   1.00 8.81  ? 152  TYR A CB  1 
ATOM   1072 C CG  . TYR A 1 152 ? -11.600 -1.937  4.408   1.00 8.41  ? 152  TYR A CG  1 
ATOM   1073 C CD1 . TYR A 1 152 ? -12.680 -2.567  5.039   1.00 9.43  ? 152  TYR A CD1 1 
ATOM   1074 C CD2 . TYR A 1 152 ? -11.426 -0.558  4.593   1.00 9.17  ? 152  TYR A CD2 1 
ATOM   1075 C CE1 . TYR A 1 152 ? -13.580 -1.825  5.818   1.00 9.27  ? 152  TYR A CE1 1 
ATOM   1076 C CE2 . TYR A 1 152 ? -12.303 0.187   5.376   1.00 8.05  ? 152  TYR A CE2 1 
ATOM   1077 C CZ  . TYR A 1 152 ? -13.369 -0.450  5.986   1.00 9.06  ? 152  TYR A CZ  1 
ATOM   1078 O OH  . TYR A 1 152 ? -14.252 0.272   6.761   1.00 10.12 ? 152  TYR A OH  1 
ATOM   1079 N N   . VAL A 1 153 ? -10.177 -0.662  1.284   1.00 7.98  ? 153  VAL A N   1 
ATOM   1080 C CA  . VAL A 1 153 ? -10.331 0.660   0.635   1.00 8.33  ? 153  VAL A CA  1 
ATOM   1081 C C   . VAL A 1 153 ? -11.002 0.504   -0.714  1.00 8.93  ? 153  VAL A C   1 
ATOM   1082 O O   . VAL A 1 153 ? -11.967 1.182   -1.006  1.00 9.14  ? 153  VAL A O   1 
ATOM   1083 C CB  . VAL A 1 153 ? -8.962  1.376   0.408   1.00 8.25  ? 153  VAL A CB  1 
ATOM   1084 C CG1 . VAL A 1 153 ? -9.189  2.657   -0.357  1.00 8.86  ? 153  VAL A CG1 1 
ATOM   1085 C CG2 . VAL A 1 153 ? -8.320  1.676   1.784   1.00 7.44  ? 153  VAL A CG2 1 
ATOM   1086 N N   . ALA A 1 154 ? -10.482 -0.393  -1.547  1.00 8.72  ? 154  ALA A N   1 
ATOM   1087 C CA  . ALA A 1 154 ? -11.004 -0.528  -2.918  1.00 8.51  ? 154  ALA A CA  1 
ATOM   1088 C C   . ALA A 1 154 ? -12.489 -0.874  -2.906  1.00 9.12  ? 154  ALA A C   1 
ATOM   1089 O O   . ALA A 1 154 ? -13.278 -0.273  -3.650  1.00 8.96  ? 154  ALA A O   1 
ATOM   1090 C CB  . ALA A 1 154 ? -10.212 -1.609  -3.671  1.00 9.44  ? 154  ALA A CB  1 
ATOM   1091 N N   . GLU A 1 155 ? -12.890 -1.832  -2.068  1.00 8.50  ? 155  GLU A N   1 
ATOM   1092 C CA  A GLU A 1 155 ? -14.315 -2.216  -1.971  0.50 8.30  ? 155  GLU A CA  1 
ATOM   1093 C CA  B GLU A 1 155 ? -14.308 -2.197  -2.018  0.50 8.93  ? 155  GLU A CA  1 
ATOM   1094 C C   . GLU A 1 155 ? -15.176 -1.064  -1.489  1.00 8.36  ? 155  GLU A C   1 
ATOM   1095 O O   . GLU A 1 155 ? -16.268 -0.816  -2.031  1.00 7.92  ? 155  GLU A O   1 
ATOM   1096 C CB  A GLU A 1 155 ? -14.517 -3.420  -1.043  0.50 8.53  ? 155  GLU A CB  1 
ATOM   1097 C CB  B GLU A 1 155 ? -14.540 -3.475  -1.215  0.50 9.67  ? 155  GLU A CB  1 
ATOM   1098 C CG  A GLU A 1 155 ? -15.913 -4.116  -1.219  0.50 7.78  ? 155  GLU A CG  1 
ATOM   1099 C CG  B GLU A 1 155 ? -15.950 -4.041  -1.447  0.50 11.51 ? 155  GLU A CG  1 
ATOM   1100 C CD  A GLU A 1 155 ? -17.063 -3.434  -0.469  0.50 6.88  ? 155  GLU A CD  1 
ATOM   1101 C CD  B GLU A 1 155 ? -16.131 -5.448  -0.925  0.50 15.47 ? 155  GLU A CD  1 
ATOM   1102 O OE1 A GLU A 1 155 ? -18.235 -3.601  -0.877  0.50 7.47  ? 155  GLU A OE1 1 
ATOM   1103 O OE1 B GLU A 1 155 ? -16.956 -6.180  -1.511  0.50 17.38 ? 155  GLU A OE1 1 
ATOM   1104 O OE2 A GLU A 1 155 ? -16.824 -2.745  0.547   0.50 7.46  ? 155  GLU A OE2 1 
ATOM   1105 O OE2 B GLU A 1 155 ? -15.460 -5.832  0.056   0.50 18.20 ? 155  GLU A OE2 1 
ATOM   1106 N N   . LYS A 1 156 ? -14.679 -0.380  -0.461  1.00 7.42  ? 156  LYS A N   1 
ATOM   1107 C CA  . LYS A 1 156 ? -15.449 0.654   0.196   1.00 7.34  ? 156  LYS A CA  1 
ATOM   1108 C C   . LYS A 1 156 ? -15.748 1.826   -0.719  1.00 6.65  ? 156  LYS A C   1 
ATOM   1109 O O   . LYS A 1 156 ? -16.837 2.386   -0.679  1.00 7.15  ? 156  LYS A O   1 
ATOM   1110 C CB  . LYS A 1 156 ? -14.724 1.107   1.482   1.00 6.16  ? 156  LYS A CB  1 
ATOM   1111 C CG  . LYS A 1 156 ? -15.692 1.676   2.509   1.00 8.15  ? 156  LYS A CG  1 
ATOM   1112 C CD  . LYS A 1 156 ? -15.013 2.028   3.804   1.00 8.26  ? 156  LYS A CD  1 
ATOM   1113 C CE  . LYS A 1 156 ? -16.014 2.568   4.798   1.00 8.00  ? 156  LYS A CE  1 
ATOM   1114 N NZ  . LYS A 1 156 ? -15.394 3.033   6.095   1.00 9.73  ? 156  LYS A NZ  1 
ATOM   1115 N N   . VAL A 1 157 ? -14.796 2.163   -1.594  1.00 7.17  ? 157  VAL A N   1 
ATOM   1116 C CA  . VAL A 1 157 ? -15.016 3.307   -2.482  1.00 7.76  ? 157  VAL A CA  1 
ATOM   1117 C C   . VAL A 1 157 ? -15.754 2.943   -3.769  1.00 7.90  ? 157  VAL A C   1 
ATOM   1118 O O   . VAL A 1 157 ? -16.099 3.825   -4.563  1.00 8.93  ? 157  VAL A O   1 
ATOM   1119 C CB  . VAL A 1 157 ? -13.685 4.084   -2.774  1.00 7.42  ? 157  VAL A CB  1 
ATOM   1120 C CG1 . VAL A 1 157 ? -13.039 4.519   -1.448  1.00 8.44  ? 157  VAL A CG1 1 
ATOM   1121 C CG2 . VAL A 1 157 ? -12.715 3.233   -3.604  1.00 8.28  ? 157  VAL A CG2 1 
ATOM   1122 N N   . GLY A 1 158 ? -16.020 1.654   -3.964  1.00 8.42  ? 158  GLY A N   1 
ATOM   1123 C CA  . GLY A 1 158 ? -16.906 1.205   -5.020  1.00 7.84  ? 158  GLY A CA  1 
ATOM   1124 C C   . GLY A 1 158 ? -16.255 0.472   -6.185  1.00 8.88  ? 158  GLY A C   1 
ATOM   1125 O O   . GLY A 1 158 ? -16.898 0.285   -7.233  1.00 10.36 ? 158  GLY A O   1 
ATOM   1126 N N   . CYS A 1 159 ? -15.015 0.037   -6.021  1.00 9.48  ? 159  CYS A N   1 
ATOM   1127 C CA  . CYS A 1 159 ? -14.364 -0.740  -7.104  1.00 9.84  ? 159  CYS A CA  1 
ATOM   1128 C C   . CYS A 1 159 ? -15.068 -2.071  -7.249  1.00 9.71  ? 159  CYS A C   1 
ATOM   1129 O O   . CYS A 1 159 ? -15.505 -2.651  -6.262  1.00 8.54  ? 159  CYS A O   1 
ATOM   1130 C CB  . CYS A 1 159 ? -12.890 -1.008  -6.805  1.00 10.64 ? 159  CYS A CB  1 
ATOM   1131 S SG  . CYS A 1 159 ? -11.883 0.501   -6.748  1.00 10.67 ? 159  CYS A SG  1 
ATOM   1132 N N   . TYR A 1 160 ? -15.139 -2.583  -8.478  1.00 10.00 ? 160  TYR A N   1 
ATOM   1133 C CA  . TYR A 1 160 ? -15.719 -3.910  -8.681  1.00 9.78  ? 160  TYR A CA  1 
ATOM   1134 C C   . TYR A 1 160 ? -14.696 -5.061  -8.496  1.00 9.88  ? 160  TYR A C   1 
ATOM   1135 O O   . TYR A 1 160 ? -15.069 -6.239  -8.318  1.00 8.64  ? 160  TYR A O   1 
ATOM   1136 C CB  . TYR A 1 160 ? -16.441 -4.000  -10.040 1.00 9.83  ? 160  TYR A CB  1 
ATOM   1137 C CG  . TYR A 1 160 ? -15.595 -3.940  -11.291 1.00 10.32 ? 160  TYR A CG  1 
ATOM   1138 C CD1 . TYR A 1 160 ? -15.107 -5.118  -11.885 1.00 9.79  ? 160  TYR A CD1 1 
ATOM   1139 C CD2 . TYR A 1 160 ? -15.365 -2.716  -11.954 1.00 12.03 ? 160  TYR A CD2 1 
ATOM   1140 C CE1 . TYR A 1 160 ? -14.338 -5.090  -13.059 1.00 10.29 ? 160  TYR A CE1 1 
ATOM   1141 C CE2 . TYR A 1 160 ? -14.600 -2.670  -13.147 1.00 11.95 ? 160  TYR A CE2 1 
ATOM   1142 C CZ  . TYR A 1 160 ? -14.092 -3.861  -13.693 1.00 12.00 ? 160  TYR A CZ  1 
ATOM   1143 O OH  . TYR A 1 160 ? -13.344 -3.827  -14.872 1.00 13.49 ? 160  TYR A OH  1 
ATOM   1144 N N   . LYS A 1 161 ? -13.412 -4.704  -8.532  1.00 9.41  ? 161  LYS A N   1 
ATOM   1145 C CA  . LYS A 1 161 ? -12.313 -5.647  -8.327  1.00 9.35  ? 161  LYS A CA  1 
ATOM   1146 C C   . LYS A 1 161 ? -11.049 -4.868  -8.025  1.00 9.71  ? 161  LYS A C   1 
ATOM   1147 O O   . LYS A 1 161 ? -10.969 -3.670  -8.304  1.00 9.10  ? 161  LYS A O   1 
ATOM   1148 C CB  . LYS A 1 161 ? -12.067 -6.501  -9.593  1.00 9.02  ? 161  LYS A CB  1 
ATOM   1149 C CG  . LYS A 1 161 ? -11.556 -5.704  -10.793 1.00 11.15 ? 161  LYS A CG  1 
ATOM   1150 C CD  . LYS A 1 161 ? -11.209 -6.603  -11.962 1.00 11.14 ? 161  LYS A CD  1 
ATOM   1151 C CE  . LYS A 1 161 ? -10.580 -5.816  -13.070 1.00 12.65 ? 161  LYS A CE  1 
ATOM   1152 N NZ  . LYS A 1 161 ? -10.356 -6.690  -14.280 1.00 15.58 ? 161  LYS A NZ  1 
ATOM   1153 N N   . THR A 1 162 ? -10.063 -5.586  -7.486  1.00 9.55  ? 162  THR A N   1 
ATOM   1154 C CA  . THR A 1 162 ? -8.694  -5.097  -7.318  1.00 10.52 ? 162  THR A CA  1 
ATOM   1155 C C   . THR A 1 162 ? -7.800  -6.108  -8.024  1.00 10.01 ? 162  THR A C   1 
ATOM   1156 O O   . THR A 1 162 ? -7.996  -7.336  -7.908  1.00 10.85 ? 162  THR A O   1 
ATOM   1157 C CB  . THR A 1 162 ? -8.342  -4.953  -5.837  1.00 10.36 ? 162  THR A CB  1 
ATOM   1158 O OG1 . THR A 1 162 ? -9.160  -3.912  -5.297  1.00 13.93 ? 162  THR A OG1 1 
ATOM   1159 C CG2 . THR A 1 162 ? -6.852  -4.551  -5.651  1.00 12.27 ? 162  THR A CG2 1 
ATOM   1160 N N   . ILE A 1 163 ? -6.870  -5.572  -8.792  1.00 10.03 ? 163  ILE A N   1 
ATOM   1161 C CA  . ILE A 1 163 ? -5.859  -6.391  -9.462  1.00 10.08 ? 163  ILE A CA  1 
ATOM   1162 C C   . ILE A 1 163 ? -4.454  -5.926  -9.079  1.00 10.08 ? 163  ILE A C   1 
ATOM   1163 O O   . ILE A 1 163 ? -4.263  -4.825  -8.559  1.00 9.12  ? 163  ILE A O   1 
ATOM   1164 C CB  . ILE A 1 163 ? -6.063  -6.401  -10.977 1.00 9.32  ? 163  ILE A CB  1 
ATOM   1165 C CG1 . ILE A 1 163 ? -5.807  -5.008  -11.602 1.00 9.05  ? 163  ILE A CG1 1 
ATOM   1166 C CG2 . ILE A 1 163 ? -7.483  -6.891  -11.324 1.00 8.74  ? 163  ILE A CG2 1 
ATOM   1167 C CD1 . ILE A 1 163 ? -5.992  -5.006  -13.125 1.00 10.10 ? 163  ILE A CD1 1 
ATOM   1168 N N   . LEU A 1 164 ? -3.486  -6.802  -9.336  1.00 8.78  ? 164  LEU A N   1 
ATOM   1169 C CA  . LEU A 1 164 ? -2.088  -6.475  -9.137  1.00 9.03  ? 164  LEU A CA  1 
ATOM   1170 C C   . LEU A 1 164 ? -1.268  -7.440  -9.999  1.00 8.70  ? 164  LEU A C   1 
ATOM   1171 O O   . LEU A 1 164 ? -1.778  -8.459  -10.454 1.00 8.90  ? 164  LEU A O   1 
ATOM   1172 C CB  . LEU A 1 164 ? -1.685  -6.613  -7.646  1.00 8.66  ? 164  LEU A CB  1 
ATOM   1173 C CG  . LEU A 1 164 ? -1.893  -7.972  -6.962  1.00 8.48  ? 164  LEU A CG  1 
ATOM   1174 C CD1 . LEU A 1 164 ? -0.618  -8.884  -7.054  1.00 10.59 ? 164  LEU A CD1 1 
ATOM   1175 C CD2 . LEU A 1 164 ? -2.268  -7.726  -5.495  1.00 8.27  ? 164  LEU A CD2 1 
ATOM   1176 N N   . ASP A 1 165 ? 0.005   -7.117  -10.166 1.00 8.88  ? 165  ASP A N   1 
ATOM   1177 C CA  . ASP A 1 165 ? 0.947   -8.024  -10.825 1.00 9.52  ? 165  ASP A CA  1 
ATOM   1178 C C   . ASP A 1 165 ? 1.974   -8.526  -9.816  1.00 10.33 ? 165  ASP A C   1 
ATOM   1179 O O   . ASP A 1 165 ? 2.404   -7.786  -8.915  1.00 9.94  ? 165  ASP A O   1 
ATOM   1180 C CB  . ASP A 1 165 ? 1.620   -7.317  -11.976 1.00 9.42  ? 165  ASP A CB  1 
ATOM   1181 C CG  . ASP A 1 165 ? 0.629   -6.896  -13.045 1.00 10.28 ? 165  ASP A CG  1 
ATOM   1182 O OD1 . ASP A 1 165 ? -0.160  -7.735  -13.515 1.00 10.90 ? 165  ASP A OD1 1 
ATOM   1183 O OD2 . ASP A 1 165 ? 0.647   -5.724  -13.419 1.00 12.99 ? 165  ASP A OD2 1 
ATOM   1184 N N   . CYS A 1 166 ? 2.314   -9.804  -9.947  1.00 11.05 ? 166  CYS A N   1 
ATOM   1185 C CA  . CYS A 1 166 ? 3.368   -10.391 -9.128  1.00 11.13 ? 166  CYS A CA  1 
ATOM   1186 C C   . CYS A 1 166 ? 4.296   -11.288 -9.954  1.00 10.85 ? 166  CYS A C   1 
ATOM   1187 O O   . CYS A 1 166 ? 4.123   -11.495 -11.165 1.00 9.62  ? 166  CYS A O   1 
ATOM   1188 C CB  . CYS A 1 166 ? 2.727   -11.171 -7.990  1.00 9.83  ? 166  CYS A CB  1 
ATOM   1189 S SG  . CYS A 1 166 ? 1.850   -12.624 -8.513  1.00 12.24 ? 166  CYS A SG  1 
ATOM   1190 N N   . SER A 1 167 ? 5.317   -11.834 -9.297  1.00 11.99 ? 167  SER A N   1 
ATOM   1191 C CA  . SER A 1 167 ? 6.223   -12.751 -9.954  1.00 11.02 ? 167  SER A CA  1 
ATOM   1192 C C   . SER A 1 167 ? 5.790   -14.170 -9.625  1.00 12.28 ? 167  SER A C   1 
ATOM   1193 O O   . SER A 1 167 ? 4.965   -14.397 -8.722  1.00 11.84 ? 167  SER A O   1 
ATOM   1194 C CB  . SER A 1 167 ? 7.661   -12.552 -9.458  1.00 12.60 ? 167  SER A CB  1 
ATOM   1195 O OG  . SER A 1 167 ? 7.702   -12.812 -8.069  1.00 10.29 ? 167  SER A OG  1 
ATOM   1196 N N   . GLU A 1 168 ? 6.372   -15.144 -10.319 1.00 12.05 ? 168  GLU A N   1 
ATOM   1197 C CA  . GLU A 1 168 ? 6.149   -16.531 -9.929  1.00 13.34 ? 168  GLU A CA  1 
ATOM   1198 C C   . GLU A 1 168 ? 6.589   -16.759 -8.481  1.00 12.90 ? 168  GLU A C   1 
ATOM   1199 O O   . GLU A 1 168 ? 5.941   -17.494 -7.747  1.00 13.13 ? 168  GLU A O   1 
ATOM   1200 C CB  . GLU A 1 168 ? 6.890   -17.489 -10.863 1.00 13.70 ? 168  GLU A CB  1 
ATOM   1201 C CG  . GLU A 1 168 ? 6.361   -17.423 -12.293 1.00 18.78 ? 168  GLU A CG  1 
ATOM   1202 C CD  . GLU A 1 168 ? 5.147   -18.316 -12.536 1.00 24.22 ? 168  GLU A CD  1 
ATOM   1203 O OE1 . GLU A 1 168 ? 4.731   -19.054 -11.610 1.00 26.00 ? 168  GLU A OE1 1 
ATOM   1204 O OE2 . GLU A 1 168 ? 4.626   -18.292 -13.674 1.00 26.78 ? 168  GLU A OE2 1 
ATOM   1205 N N   . ALA A 1 169 ? 7.690   -16.122 -8.076  1.00 12.51 ? 169  ALA A N   1 
ATOM   1206 C CA  . ALA A 1 169 ? 8.273   -16.389 -6.746  1.00 12.07 ? 169  ALA A CA  1 
ATOM   1207 C C   . ALA A 1 169 ? 7.416   -15.888 -5.578  1.00 11.45 ? 169  ALA A C   1 
ATOM   1208 O O   . ALA A 1 169 ? 7.520   -16.423 -4.456  1.00 11.79 ? 169  ALA A O   1 
ATOM   1209 C CB  . ALA A 1 169 ? 9.678   -15.848 -6.650  1.00 11.92 ? 169  ALA A CB  1 
ATOM   1210 N N   . ASN A 1 170 ? 6.600   -14.867 -5.835  1.00 10.40 ? 170  ASN A N   1 
ATOM   1211 C CA  A ASN A 1 170 ? 5.737   -14.451 -4.768  0.50 20.00 ? 170  ASN A CA  1 
ATOM   1212 C CA  B ASN A 1 170 ? 5.724   -14.279 -4.821  0.50 9.68  ? 170  ASN A CA  1 
ATOM   1213 C C   . ASN A 1 170 ? 4.268   -14.641 -5.006  1.00 9.15  ? 170  ASN A C   1 
ATOM   1214 O O   . ASN A 1 170 ? 3.438   -14.204 -4.229  1.00 7.54  ? 170  ASN A O   1 
ATOM   1215 C CB  A ASN A 1 170 ? 6.108   -13.095 -4.182  0.50 20.00 ? 170  ASN A CB  1 
ATOM   1216 C CB  B ASN A 1 170 ? 5.808   -12.760 -4.857  0.50 10.09 ? 170  ASN A CB  1 
ATOM   1217 C CG  A ASN A 1 170 ? 5.954   -11.828 -5.047  0.50 3.49  ? 170  ASN A CG  1 
ATOM   1218 C CG  B ASN A 1 170 ? 7.091   -12.233 -4.305  0.50 12.28 ? 170  ASN A CG  1 
ATOM   1219 O OD1 A ASN A 1 170 ? 6.559   -10.751 -5.117  0.50 7.59  ? 170  ASN A OD1 1 
ATOM   1220 O OD1 B ASN A 1 170 ? 7.556   -12.665 -3.252  0.50 14.73 ? 170  ASN A OD1 1 
ATOM   1221 N ND2 A ASN A 1 170 ? 5.129   -12.253 -5.999  0.50 2.00  ? 170  ASN A ND2 1 
ATOM   1222 N ND2 B ASN A 1 170 ? 7.670   -11.251 -5.005  0.50 15.57 ? 170  ASN A ND2 1 
ATOM   1223 N N   . GLU A 1 171 ? 3.934   -15.420 -6.038  1.00 8.09  ? 171  GLU A N   1 
ATOM   1224 C CA  . GLU A 1 171 ? 2.520   -15.673 -6.299  1.00 9.33  ? 171  GLU A CA  1 
ATOM   1225 C C   . GLU A 1 171 ? 1.855   -16.275 -5.055  1.00 8.43  ? 171  GLU A C   1 
ATOM   1226 O O   . GLU A 1 171 ? 0.738   -15.937 -4.722  1.00 8.05  ? 171  GLU A O   1 
ATOM   1227 C CB  . GLU A 1 171 ? 2.319   -16.585 -7.530  1.00 8.68  ? 171  GLU A CB  1 
ATOM   1228 C CG  . GLU A 1 171 ? 0.842   -16.743 -7.902  1.00 10.07 ? 171  GLU A CG  1 
ATOM   1229 C CD  . GLU A 1 171 ? 0.596   -17.781 -8.986  1.00 11.23 ? 171  GLU A CD  1 
ATOM   1230 O OE1 . GLU A 1 171 ? 1.559   -18.437 -9.425  1.00 11.50 ? 171  GLU A OE1 1 
ATOM   1231 O OE2 . GLU A 1 171 ? -0.574  -17.913 -9.403  1.00 12.12 ? 171  GLU A OE2 1 
ATOM   1232 N N   . GLY A 1 172 ? 2.571   -17.147 -4.363  1.00 9.04  ? 172  GLY A N   1 
ATOM   1233 C CA  . GLY A 1 172 ? 2.015   -17.844 -3.213  1.00 8.77  ? 172  GLY A CA  1 
ATOM   1234 C C   . GLY A 1 172 ? 1.619   -16.904 -2.082  1.00 8.93  ? 172  GLY A C   1 
ATOM   1235 O O   . GLY A 1 172 ? 0.690   -17.192 -1.351  1.00 8.99  ? 172  GLY A O   1 
ATOM   1236 N N   . PHE A 1 173 ? 2.333   -15.781 -1.939  1.00 8.21  ? 173  PHE A N   1 
ATOM   1237 C CA  . PHE A 1 173 ? 1.956   -14.760 -0.959  1.00 8.19  ? 173  PHE A CA  1 
ATOM   1238 C C   . PHE A 1 173 ? 0.582   -14.196 -1.315  1.00 7.79  ? 173  PHE A C   1 
ATOM   1239 O O   . PHE A 1 173 ? -0.314  -14.110 -0.459  1.00 7.29  ? 173  PHE A O   1 
ATOM   1240 C CB  . PHE A 1 173 ? 2.999   -13.629 -0.911  1.00 8.57  ? 173  PHE A CB  1 
ATOM   1241 C CG  . PHE A 1 173 ? 2.514   -12.390 -0.202  1.00 7.42  ? 173  PHE A CG  1 
ATOM   1242 C CD1 . PHE A 1 173 ? 2.285   -11.198 -0.921  1.00 9.22  ? 173  PHE A CD1 1 
ATOM   1243 C CD2 . PHE A 1 173 ? 2.275   -12.418 1.179   1.00 7.82  ? 173  PHE A CD2 1 
ATOM   1244 C CE1 . PHE A 1 173 ? 1.801   -10.022 -0.263  1.00 8.95  ? 173  PHE A CE1 1 
ATOM   1245 C CE2 . PHE A 1 173 ? 1.766   -11.273 1.865   1.00 7.79  ? 173  PHE A CE2 1 
ATOM   1246 C CZ  . PHE A 1 173 ? 1.538   -10.069 1.141   1.00 8.30  ? 173  PHE A CZ  1 
ATOM   1247 N N   . TYR A 1 174 ? 0.421   -13.805 -2.580  1.00 7.64  ? 174  TYR A N   1 
ATOM   1248 C CA  . TYR A 1 174 ? -0.841  -13.218 -3.058  1.00 7.60  ? 174  TYR A CA  1 
ATOM   1249 C C   . TYR A 1 174 ? -2.016  -14.215 -2.969  1.00 8.13  ? 174  TYR A C   1 
ATOM   1250 O O   . TYR A 1 174 ? -3.150  -13.801 -2.700  1.00 9.02  ? 174  TYR A O   1 
ATOM   1251 C CB  . TYR A 1 174 ? -0.655  -12.616 -4.458  1.00 7.66  ? 174  TYR A CB  1 
ATOM   1252 C CG  . TYR A 1 174 ? 0.184   -11.361 -4.326  1.00 7.36  ? 174  TYR A CG  1 
ATOM   1253 C CD1 . TYR A 1 174 ? 1.538   -11.360 -4.682  1.00 7.39  ? 174  TYR A CD1 1 
ATOM   1254 C CD2 . TYR A 1 174 ? -0.351  -10.223 -3.707  1.00 8.03  ? 174  TYR A CD2 1 
ATOM   1255 C CE1 . TYR A 1 174 ? 2.349   -10.217 -4.462  1.00 9.01  ? 174  TYR A CE1 1 
ATOM   1256 C CE2 . TYR A 1 174 ? 0.446   -9.073  -3.480  1.00 9.93  ? 174  TYR A CE2 1 
ATOM   1257 C CZ  . TYR A 1 174 ? 1.762   -9.071  -3.881  1.00 9.85  ? 174  TYR A CZ  1 
ATOM   1258 O OH  . TYR A 1 174 ? 2.517   -7.914  -3.660  1.00 14.38 ? 174  TYR A OH  1 
ATOM   1259 N N   . ILE A 1 175 ? -1.735  -15.498 -3.210  1.00 8.91  ? 175  ILE A N   1 
ATOM   1260 C CA  A ILE A 1 175 ? -2.724  -16.571 -3.007  0.50 8.51  ? 175  ILE A CA  1 
ATOM   1261 C CA  B ILE A 1 175 ? -2.749  -16.542 -3.020  0.50 8.45  ? 175  ILE A CA  1 
ATOM   1262 C C   . ILE A 1 175 ? -3.185  -16.584 -1.548  1.00 9.11  ? 175  ILE A C   1 
ATOM   1263 O O   . ILE A 1 175 ? -4.381  -16.682 -1.256  1.00 9.38  ? 175  ILE A O   1 
ATOM   1264 C CB  A ILE A 1 175 ? -2.162  -17.957 -3.433  0.50 8.29  ? 175  ILE A CB  1 
ATOM   1265 C CB  B ILE A 1 175 ? -2.288  -17.913 -3.569  0.50 8.50  ? 175  ILE A CB  1 
ATOM   1266 C CG1 A ILE A 1 175 ? -1.968  -18.023 -4.963  0.50 7.76  ? 175  ILE A CG1 1 
ATOM   1267 C CG1 B ILE A 1 175 ? -2.130  -17.828 -5.103  0.50 8.22  ? 175  ILE A CG1 1 
ATOM   1268 C CG2 A ILE A 1 175 ? -3.057  -19.108 -2.940  0.50 8.13  ? 175  ILE A CG2 1 
ATOM   1269 C CG2 B ILE A 1 175 ? -3.283  -19.017 -3.199  0.50 7.85  ? 175  ILE A CG2 1 
ATOM   1270 C CD1 A ILE A 1 175 ? -3.260  -17.917 -5.771  0.50 3.98  ? 175  ILE A CD1 1 
ATOM   1271 C CD1 B ILE A 1 175 ? -1.469  -19.034 -5.755  0.50 7.73  ? 175  ILE A CD1 1 
ATOM   1272 N N   . LYS A 1 176 ? -2.221  -16.481 -0.627  1.00 9.71  ? 176  LYS A N   1 
ATOM   1273 C CA  A LYS A 1 176 ? -2.539  -16.483 0.804   0.50 10.00 ? 176  LYS A CA  1 
ATOM   1274 C CA  B LYS A 1 176 ? -2.513  -16.474 0.814   0.50 10.36 ? 176  LYS A CA  1 
ATOM   1275 C C   . LYS A 1 176 ? -3.290  -15.224 1.235   1.00 10.62 ? 176  LYS A C   1 
ATOM   1276 O O   . LYS A 1 176 ? -3.945  -15.219 2.277   1.00 10.51 ? 176  LYS A O   1 
ATOM   1277 C CB  A LYS A 1 176 ? -1.296  -16.759 1.667   0.50 9.44  ? 176  LYS A CB  1 
ATOM   1278 C CB  B LYS A 1 176 ? -1.231  -16.638 1.652   0.50 10.10 ? 176  LYS A CB  1 
ATOM   1279 C CG  A LYS A 1 176 ? -0.842  -18.235 1.597   0.50 9.28  ? 176  LYS A CG  1 
ATOM   1280 C CG  B LYS A 1 176 ? -0.489  -17.987 1.467   0.50 11.31 ? 176  LYS A CG  1 
ATOM   1281 C CD  A LYS A 1 176 ? 0.244   -18.609 2.611   0.50 9.85  ? 176  LYS A CD  1 
ATOM   1282 C CD  B LYS A 1 176 ? -0.935  -19.061 2.453   0.50 12.58 ? 176  LYS A CD  1 
ATOM   1283 C CE  A LYS A 1 176 ? 0.171   -20.138 2.977   0.50 8.28  ? 176  LYS A CE  1 
ATOM   1284 C CE  B LYS A 1 176 ? -0.236  -20.390 2.142   0.50 11.51 ? 176  LYS A CE  1 
ATOM   1285 N NZ  A LYS A 1 176 ? 1.373   -20.731 3.674   0.50 6.80  ? 176  LYS A NZ  1 
ATOM   1286 N NZ  B LYS A 1 176 ? -0.534  -21.482 3.123   0.50 10.80 ? 176  LYS A NZ  1 
ATOM   1287 N N   . CYS A 1 177 ? -3.227  -14.176 0.412   1.00 10.66 ? 177  CYS A N   1 
ATOM   1288 C CA  . CYS A 1 177 ? -3.987  -12.939 0.643   1.00 11.51 ? 177  CYS A CA  1 
ATOM   1289 C C   . CYS A 1 177 ? -5.380  -12.979 0.038   1.00 12.12 ? 177  CYS A C   1 
ATOM   1290 O O   . CYS A 1 177 ? -6.142  -12.034 0.212   1.00 12.46 ? 177  CYS A O   1 
ATOM   1291 C CB  . CYS A 1 177 ? -3.247  -11.703 0.110   1.00 11.56 ? 177  CYS A CB  1 
ATOM   1292 S SG  . CYS A 1 177 ? -1.688  -11.355 0.952   1.00 12.56 ? 177  CYS A SG  1 
ATOM   1293 N N   . GLY A 1 178 ? -5.719  -14.072 -0.634  1.00 11.59 ? 178  GLY A N   1 
ATOM   1294 C CA  . GLY A 1 178 ? -7.068  -14.233 -1.207  1.00 12.17 ? 178  GLY A CA  1 
ATOM   1295 C C   . GLY A 1 178 ? -7.197  -13.743 -2.657  1.00 12.92 ? 178  GLY A C   1 
ATOM   1296 O O   . GLY A 1 178 ? -8.318  -13.571 -3.173  1.00 12.99 ? 178  GLY A O   1 
ATOM   1297 N N   . PHE A 1 179 ? -6.057  -13.545 -3.320  1.00 10.70 ? 179  PHE A N   1 
ATOM   1298 C CA  . PHE A 1 179 ? -6.031  -13.210 -4.766  1.00 10.63 ? 179  PHE A CA  1 
ATOM   1299 C C   . PHE A 1 179 ? -5.904  -14.471 -5.607  1.00 10.16 ? 179  PHE A C   1 
ATOM   1300 O O   . PHE A 1 179 ? -5.401  -15.475 -5.129  1.00 9.89  ? 179  PHE A O   1 
ATOM   1301 C CB  . PHE A 1 179 ? -4.890  -12.210 -5.083  1.00 10.56 ? 179  PHE A CB  1 
ATOM   1302 C CG  . PHE A 1 179 ? -5.238  -10.786 -4.729  1.00 10.12 ? 179  PHE A CG  1 
ATOM   1303 C CD1 . PHE A 1 179 ? -5.493  -9.846  -5.734  1.00 10.69 ? 179  PHE A CD1 1 
ATOM   1304 C CD2 . PHE A 1 179 ? -5.367  -10.404 -3.392  1.00 13.55 ? 179  PHE A CD2 1 
ATOM   1305 C CE1 . PHE A 1 179 ? -5.861  -8.536  -5.426  1.00 8.13  ? 179  PHE A CE1 1 
ATOM   1306 C CE2 . PHE A 1 179 ? -5.727  -9.110  -3.056  1.00 13.32 ? 179  PHE A CE2 1 
ATOM   1307 C CZ  . PHE A 1 179 ? -6.002  -8.171  -4.072  1.00 13.20 ? 179  PHE A CZ  1 
ATOM   1308 N N   . LYS A 1 180 ? -6.364  -14.433 -6.859  1.00 10.74 ? 180  LYS A N   1 
ATOM   1309 C CA  . LYS A 1 180 ? -6.272  -15.607 -7.726  1.00 11.36 ? 180  LYS A CA  1 
ATOM   1310 C C   . LYS A 1 180 ? -5.692  -15.192 -9.054  1.00 10.78 ? 180  LYS A C   1 
ATOM   1311 O O   . LYS A 1 180 ? -5.913  -14.057 -9.486  1.00 10.32 ? 180  LYS A O   1 
ATOM   1312 C CB  . LYS A 1 180 ? -7.658  -16.227 -7.955  1.00 12.35 ? 180  LYS A CB  1 
ATOM   1313 C CG  . LYS A 1 180 ? -8.246  -16.822 -6.685  1.00 17.14 ? 180  LYS A CG  1 
ATOM   1314 C CD  . LYS A 1 180 ? -9.724  -17.123 -6.832  1.00 24.60 ? 180  LYS A CD  1 
ATOM   1315 C CE  . LYS A 1 180 ? -10.422 -17.039 -5.460  1.00 27.13 ? 180  LYS A CE  1 
ATOM   1316 N NZ  . LYS A 1 180 ? -11.792 -17.654 -5.527  1.00 30.99 ? 180  LYS A NZ  1 
ATOM   1317 N N   . ARG A 1 181 ? -4.961  -16.096 -9.711  1.00 10.86 ? 181  ARG A N   1 
ATOM   1318 C CA  . ARG A 1 181 ? -4.387  -15.763 -11.017 1.00 11.04 ? 181  ARG A CA  1 
ATOM   1319 C C   . ARG A 1 181 ? -5.479  -15.394 -12.011 1.00 11.11 ? 181  ARG A C   1 
ATOM   1320 O O   . ARG A 1 181 ? -6.476  -16.105 -12.114 1.00 10.22 ? 181  ARG A O   1 
ATOM   1321 C CB  . ARG A 1 181 ? -3.541  -16.914 -11.588 1.00 11.62 ? 181  ARG A CB  1 
ATOM   1322 C CG  . ARG A 1 181 ? -2.549  -16.356 -12.609 1.00 16.05 ? 181  ARG A CG  1 
ATOM   1323 C CD  . ARG A 1 181 ? -2.185  -17.292 -13.683 1.00 24.91 ? 181  ARG A CD  1 
ATOM   1324 N NE  . ARG A 1 181 ? -1.049  -18.104 -13.288 1.00 29.63 ? 181  ARG A NE  1 
ATOM   1325 C CZ  . ARG A 1 181 ? -0.203  -18.658 -14.148 1.00 30.51 ? 181  ARG A CZ  1 
ATOM   1326 N NH1 . ARG A 1 181 ? -0.356  -18.465 -15.459 1.00 32.55 ? 181  ARG A NH1 1 
ATOM   1327 N NH2 . ARG A 1 181 ? 0.805   -19.387 -13.691 1.00 31.98 ? 181  ARG A NH2 1 
ATOM   1328 N N   . ALA A 1 182 ? -5.270  -14.300 -12.746 1.00 9.84  ? 182  ALA A N   1 
ATOM   1329 C CA  . ALA A 1 182 ? -6.269  -13.729 -13.676 1.00 9.71  ? 182  ALA A CA  1 
ATOM   1330 C C   . ALA A 1 182 ? -5.754  -13.517 -15.097 1.00 9.65  ? 182  ALA A C   1 
ATOM   1331 O O   . ALA A 1 182 ? -6.524  -13.251 -16.034 1.00 10.38 ? 182  ALA A O   1 
ATOM   1332 C CB  . ALA A 1 182 ? -6.805  -12.401 -13.123 1.00 9.97  ? 182  ALA A CB  1 
ATOM   1333 N N   . GLY A 1 183 ? -4.456  -13.623 -15.286 1.00 8.51  ? 183  GLY A N   1 
ATOM   1334 C CA  . GLY A 1 183 ? -3.913  -13.370 -16.624 1.00 7.70  ? 183  GLY A CA  1 
ATOM   1335 C C   . GLY A 1 183 ? -2.424  -13.151 -16.521 1.00 7.38  ? 183  GLY A C   1 
ATOM   1336 O O   . GLY A 1 183 ? -1.806  -13.553 -15.541 1.00 7.55  ? 183  GLY A O   1 
ATOM   1337 N N   . LEU A 1 184 ? -1.852  -12.518 -17.539 1.00 6.22  ? 184  LEU A N   1 
ATOM   1338 C CA  . LEU A 1 184 ? -0.396  -12.386 -17.629 1.00 5.71  ? 184  LEU A CA  1 
ATOM   1339 C C   . LEU A 1 184 ? -0.072  -10.911 -17.645 1.00 6.90  ? 184  LEU A C   1 
ATOM   1340 O O   . LEU A 1 184 ? -0.814  -10.123 -18.271 1.00 7.41  ? 184  LEU A O   1 
ATOM   1341 C CB  . LEU A 1 184 ? 0.110   -12.994 -18.931 1.00 5.58  ? 184  LEU A CB  1 
ATOM   1342 C CG  . LEU A 1 184 ? -0.214  -14.476 -19.166 1.00 5.48  ? 184  LEU A CG  1 
ATOM   1343 C CD1 . LEU A 1 184 ? 0.137   -14.876 -20.572 1.00 8.46  ? 184  LEU A CD1 1 
ATOM   1344 C CD2 . LEU A 1 184 ? 0.556   -15.280 -18.150 1.00 11.68 ? 184  LEU A CD2 1 
ATOM   1345 N N   . GLU A 1 185 ? 1.021   -10.548 -16.979 1.00 5.90  ? 185  GLU A N   1 
ATOM   1346 C CA  . GLU A 1 185 ? 1.548   -9.196  -17.080 1.00 6.12  ? 185  GLU A CA  1 
ATOM   1347 C C   . GLU A 1 185 ? 2.548   -9.140  -18.229 1.00 5.19  ? 185  GLU A C   1 
ATOM   1348 O O   . GLU A 1 185 ? 3.466   -9.970  -18.363 1.00 4.73  ? 185  GLU A O   1 
ATOM   1349 C CB  . GLU A 1 185 ? 2.186   -8.731  -15.753 1.00 6.08  ? 185  GLU A CB  1 
ATOM   1350 C CG  . GLU A 1 185 ? 2.831   -7.337  -15.882 1.00 7.48  ? 185  GLU A CG  1 
ATOM   1351 C CD  . GLU A 1 185 ? 3.863   -7.027  -14.780 1.00 10.11 ? 185  GLU A CD  1 
ATOM   1352 O OE1 . GLU A 1 185 ? 4.243   -7.940  -14.008 1.00 9.87  ? 185  GLU A OE1 1 
ATOM   1353 O OE2 . GLU A 1 185 ? 4.339   -5.864  -14.726 1.00 15.01 ? 185  GLU A OE2 1 
ATOM   1354 N N   . MET A 1 186 ? 2.317   -8.173  -19.121 1.00 4.43  ? 186  MET A N   1 
ATOM   1355 C CA  . MET A 1 186 ? 3.181   -7.909  -20.249 1.00 4.13  ? 186  MET A CA  1 
ATOM   1356 C C   . MET A 1 186 ? 3.811   -6.522  -20.081 1.00 3.79  ? 186  MET A C   1 
ATOM   1357 O O   . MET A 1 186 ? 3.169   -5.632  -19.581 1.00 4.19  ? 186  MET A O   1 
ATOM   1358 C CB  . MET A 1 186 ? 2.392   -7.942  -21.562 1.00 4.61  ? 186  MET A CB  1 
ATOM   1359 C CG  . MET A 1 186 ? 1.592   -9.234  -21.847 1.00 4.91  ? 186  MET A CG  1 
ATOM   1360 S SD  . MET A 1 186 ? 2.633   -10.724 -21.977 1.00 3.87  ? 186  MET A SD  1 
ATOM   1361 C CE  . MET A 1 186 ? 3.371   -10.456 -23.525 1.00 2.00  ? 186  MET A CE  1 
ATOM   1362 N N   . ALA A 1 187 ? 5.053   -6.358  -20.536 1.00 4.46  ? 187  ALA A N   1 
ATOM   1363 C CA  . ALA A 1 187 ? 5.760   -5.104  -20.343 1.00 4.89  ? 187  ALA A CA  1 
ATOM   1364 C C   . ALA A 1 187 ? 6.594   -4.710  -21.555 1.00 3.30  ? 187  ALA A C   1 
ATOM   1365 O O   . ALA A 1 187 ? 7.085   -5.545  -22.362 1.00 3.60  ? 187  ALA A O   1 
ATOM   1366 C CB  . ALA A 1 187 ? 6.652   -5.147  -19.071 1.00 4.70  ? 187  ALA A CB  1 
ATOM   1367 N N   . HIS A 1 188 ? 6.774   -3.395  -21.665 1.00 3.99  ? 188  HIS A N   1 
ATOM   1368 C CA  . HIS A 1 188 ? 7.716   -2.819  -22.615 1.00 4.84  ? 188  HIS A CA  1 
ATOM   1369 C C   . HIS A 1 188 ? 8.488   -1.766  -21.825 1.00 6.93  ? 188  HIS A C   1 
ATOM   1370 O O   . HIS A 1 188 ? 7.922   -0.754  -21.420 1.00 4.98  ? 188  HIS A O   1 
ATOM   1371 C CB  . HIS A 1 188 ? 7.017   -2.169  -23.815 1.00 5.55  ? 188  HIS A CB  1 
ATOM   1372 C CG  . HIS A 1 188 ? 7.962   -1.527  -24.778 1.00 6.73  ? 188  HIS A CG  1 
ATOM   1373 N ND1 . HIS A 1 188 ? 7.593   -0.490  -25.607 1.00 9.78  ? 188  HIS A ND1 1 
ATOM   1374 C CD2 . HIS A 1 188 ? 9.263   -1.792  -25.066 1.00 6.54  ? 188  HIS A CD2 1 
ATOM   1375 C CE1 . HIS A 1 188 ? 8.619   -0.145  -26.366 1.00 8.72  ? 188  HIS A CE1 1 
ATOM   1376 N NE2 . HIS A 1 188 ? 9.651   -0.911  -26.049 1.00 9.61  ? 188  HIS A NE2 1 
ATOM   1377 N N   . TYR A 1 189 ? 9.771   -2.037  -21.568 1.00 9.68  ? 189  TYR A N   1 
ATOM   1378 C CA  . TYR A 1 189 ? 10.673  -1.083  -20.874 1.00 12.44 ? 189  TYR A CA  1 
ATOM   1379 C C   . TYR A 1 189 ? 11.374  -0.148  -21.896 1.00 12.34 ? 189  TYR A C   1 
ATOM   1380 O O   . TYR A 1 189 ? 11.711  -0.575  -23.008 1.00 14.04 ? 189  TYR A O   1 
ATOM   1381 C CB  . TYR A 1 189 ? 11.737  -1.854  -20.054 1.00 13.54 ? 189  TYR A CB  1 
ATOM   1382 C CG  . TYR A 1 189 ? 11.268  -2.415  -18.745 1.00 15.46 ? 189  TYR A CG  1 
ATOM   1383 C CD1 . TYR A 1 189 ? 11.536  -1.743  -17.557 1.00 17.47 ? 189  TYR A CD1 1 
ATOM   1384 C CD2 . TYR A 1 189 ? 10.601  -3.634  -18.673 1.00 16.02 ? 189  TYR A CD2 1 
ATOM   1385 C CE1 . TYR A 1 189 ? 11.117  -2.233  -16.330 1.00 19.02 ? 189  TYR A CE1 1 
ATOM   1386 C CE2 . TYR A 1 189 ? 10.174  -4.147  -17.440 1.00 19.09 ? 189  TYR A CE2 1 
ATOM   1387 C CZ  . TYR A 1 189 ? 10.436  -3.437  -16.271 1.00 18.78 ? 189  TYR A CZ  1 
ATOM   1388 O OH  . TYR A 1 189 ? 10.025  -3.899  -15.043 1.00 19.64 ? 189  TYR A OH  1 
ATOM   1389 N N   . TYR A 1 190 ? 11.609  1.121   -21.533 1.00 12.20 ? 190  TYR A N   1 
ATOM   1390 C CA  . TYR A 1 190 ? 12.192  2.094   -22.493 1.00 12.73 ? 190  TYR A CA  1 
ATOM   1391 C C   . TYR A 1 190 ? 13.705  2.234   -22.382 1.00 13.05 ? 190  TYR A C   1 
ATOM   1392 O O   . TYR A 1 190 ? 14.303  1.816   -21.411 1.00 13.93 ? 190  TYR A O   1 
ATOM   1393 C CB  . TYR A 1 190 ? 11.492  3.476   -22.425 1.00 11.90 ? 190  TYR A CB  1 
ATOM   1394 C CG  . TYR A 1 190 ? 10.020  3.344   -22.746 1.00 10.50 ? 190  TYR A CG  1 
ATOM   1395 C CD1 . TYR A 1 190 ? 9.070   3.658   -21.805 1.00 8.62  ? 190  TYR A CD1 1 
ATOM   1396 C CD2 . TYR A 1 190 ? 9.593   2.859   -23.988 1.00 10.29 ? 190  TYR A CD2 1 
ATOM   1397 C CE1 . TYR A 1 190 ? 7.733   3.490   -22.058 1.00 10.02 ? 190  TYR A CE1 1 
ATOM   1398 C CE2 . TYR A 1 190 ? 8.238   2.688   -24.259 1.00 9.45  ? 190  TYR A CE2 1 
ATOM   1399 C CZ  . TYR A 1 190 ? 7.319   3.015   -23.277 1.00 9.53  ? 190  TYR A CZ  1 
ATOM   1400 O OH  . TYR A 1 190 ? 5.970   2.861   -23.486 1.00 11.54 ? 190  TYR A OH  1 
ATOM   1401 O OXT . TYR A 1 190 ? 14.357  2.770   -23.249 1.00 14.25 ? 190  TYR A OXT 1 
HETATM 1402 C C1  . 16G B 2 .   ? 5.662   -4.966  -8.598  1.00 22.02 ? 1191 16G A C1  1 
HETATM 1403 C C2  . 16G B 2 .   ? 4.697   -4.030  -7.858  1.00 23.44 ? 1191 16G A C2  1 
HETATM 1404 C C3  . 16G B 2 .   ? 4.416   -2.795  -8.695  1.00 22.12 ? 1191 16G A C3  1 
HETATM 1405 C C4  . 16G B 2 .   ? 5.707   -2.007  -8.986  1.00 24.41 ? 1191 16G A C4  1 
HETATM 1406 C C5  . 16G B 2 .   ? 6.738   -2.954  -9.581  1.00 23.61 ? 1191 16G A C5  1 
HETATM 1407 C C6  . 16G B 2 .   ? 8.087   -2.283  -9.653  1.00 22.84 ? 1191 16G A C6  1 
HETATM 1408 C C7  . 16G B 2 .   ? 3.248   -5.094  -6.205  1.00 21.36 ? 1191 16G A C7  1 
HETATM 1409 C C8  . 16G B 2 .   ? 1.955   -5.872  -5.989  1.00 17.42 ? 1191 16G A C8  1 
HETATM 1410 N N2  . 16G B 2 .   ? 3.474   -4.767  -7.493  1.00 22.43 ? 1191 16G A N2  1 
HETATM 1411 O O1  . 16G B 2 .   ? 5.065   -5.409  -9.823  1.00 23.21 ? 1191 16G A O1  1 
HETATM 1412 O O3  . 16G B 2 .   ? 3.680   -1.978  -7.921  1.00 19.85 ? 1191 16G A O3  1 
HETATM 1413 O O4  . 16G B 2 .   ? 5.395   -0.910  -9.866  1.00 23.86 ? 1191 16G A O4  1 
HETATM 1414 O O5  . 16G B 2 .   ? 6.917   -4.226  -8.803  1.00 24.95 ? 1191 16G A O5  1 
HETATM 1415 O O6  . 16G B 2 .   ? 8.956   -3.117  -10.412 1.00 22.29 ? 1191 16G A O6  1 
HETATM 1416 O O7  . 16G B 2 .   ? 4.014   -4.824  -5.257  1.00 16.81 ? 1191 16G A O7  1 
HETATM 1417 P P   . 16G B 2 .   ? 9.919   -2.383  -11.528 1.00 20.13 ? 1191 16G A P   1 
HETATM 1418 O O1P . 16G B 2 .   ? 10.805  -3.452  -12.335 1.00 21.53 ? 1191 16G A O1P 1 
HETATM 1419 O O2P . 16G B 2 .   ? 11.055  -1.601  -10.714 1.00 16.71 ? 1191 16G A O2P 1 
HETATM 1420 O O3P . 16G B 2 .   ? 9.092   -1.452  -12.366 1.00 19.30 ? 1191 16G A O3P 1 
HETATM 1421 P P   . PO4 C 3 .   ? -12.051 12.730  7.227   1.00 55.53 ? 1192 PO4 A P   1 
HETATM 1422 O O1  . PO4 C 3 .   ? -12.333 11.420  7.933   1.00 52.57 ? 1192 PO4 A O1  1 
HETATM 1423 O O2  . PO4 C 3 .   ? -12.105 12.601  5.709   1.00 56.61 ? 1192 PO4 A O2  1 
HETATM 1424 O O3  . PO4 C 3 .   ? -13.067 13.779  7.650   1.00 56.09 ? 1192 PO4 A O3  1 
HETATM 1425 O O4  . PO4 C 3 .   ? -10.637 13.131  7.593   1.00 55.60 ? 1192 PO4 A O4  1 
HETATM 1426 N N1A . COA D 4 .   ? 5.881   -17.221 -1.420  1.00 3.85  ? 1193 COA A N1A 1 
HETATM 1427 C C2A . COA D 4 .   ? 5.083   -18.036 -0.721  1.00 7.24  ? 1193 COA A C2A 1 
HETATM 1428 N N3A . COA D 4 .   ? 4.614   -17.645 0.471   1.00 5.77  ? 1193 COA A N3A 1 
HETATM 1429 C C4A . COA D 4 .   ? 4.966   -16.429 1.003   1.00 5.08  ? 1193 COA A C4A 1 
HETATM 1430 C C5A . COA D 4 .   ? 5.818   -15.583 0.291   1.00 4.56  ? 1193 COA A C5A 1 
HETATM 1431 C C6A . COA D 4 .   ? 6.295   -16.018 -0.943  1.00 5.58  ? 1193 COA A C6A 1 
HETATM 1432 N N6A . COA D 4 .   ? 7.112   -15.223 -1.684  1.00 5.07  ? 1193 COA A N6A 1 
HETATM 1433 N N7A . COA D 4 .   ? 6.023   -14.476 1.019   1.00 5.11  ? 1193 COA A N7A 1 
HETATM 1434 C C8A . COA D 4 .   ? 5.304   -14.602 2.154   1.00 7.14  ? 1193 COA A C8A 1 
HETATM 1435 N N9A . COA D 4 .   ? 4.666   -15.797 2.137   1.00 5.69  ? 1193 COA A N9A 1 
HETATM 1436 C C1B . COA D 4 .   ? 3.727   -16.343 3.206   1.00 5.78  ? 1193 COA A C1B 1 
HETATM 1437 C C2B . COA D 4 .   ? 4.078   -16.094 4.667   1.00 5.57  ? 1193 COA A C2B 1 
HETATM 1438 O O2B . COA D 4 .   ? 4.995   -17.053 5.137   1.00 6.31  ? 1193 COA A O2B 1 
HETATM 1439 C C3B . COA D 4 .   ? 2.683   -16.281 5.287   1.00 8.31  ? 1193 COA A C3B 1 
HETATM 1440 O O3B . COA D 4 .   ? 2.275   -17.632 5.193   1.00 7.87  ? 1193 COA A O3B 1 
HETATM 1441 P P3B . COA D 4 .   ? 1.341   -18.294 6.367   1.00 13.97 ? 1193 COA A P3B 1 
HETATM 1442 O O7A . COA D 4 .   ? 1.441   -19.831 6.168   1.00 13.46 ? 1193 COA A O7A 1 
HETATM 1443 O O8A . COA D 4 .   ? 2.134   -17.830 7.654   1.00 13.75 ? 1193 COA A O8A 1 
HETATM 1444 O O9A . COA D 4 .   ? -0.033  -17.726 6.297   1.00 16.26 ? 1193 COA A O9A 1 
HETATM 1445 C C4B . COA D 4 .   ? 1.756   -15.524 4.305   1.00 7.58  ? 1193 COA A C4B 1 
HETATM 1446 O O4B . COA D 4 .   ? 2.418   -15.643 2.963   1.00 6.18  ? 1193 COA A O4B 1 
HETATM 1447 C C5B . COA D 4 .   ? 1.521   -14.043 4.573   1.00 8.68  ? 1193 COA A C5B 1 
HETATM 1448 O O5B . COA D 4 .   ? 2.794   -13.398 4.438   1.00 9.14  ? 1193 COA A O5B 1 
HETATM 1449 P P1A . COA D 4 .   ? 3.325   -12.243 5.410   1.00 9.79  ? 1193 COA A P1A 1 
HETATM 1450 O O1A . COA D 4 .   ? 3.835   -12.785 6.653   1.00 10.15 ? 1193 COA A O1A 1 
HETATM 1451 O O2A . COA D 4 .   ? 2.257   -11.219 5.462   1.00 10.22 ? 1193 COA A O2A 1 
HETATM 1452 O O3A . COA D 4 .   ? 4.469   -11.709 4.455   1.00 9.39  ? 1193 COA A O3A 1 
HETATM 1453 P P2A . COA D 4 .   ? 5.459   -10.438 4.592   1.00 11.87 ? 1193 COA A P2A 1 
HETATM 1454 O O4A . COA D 4 .   ? 6.822   -10.959 4.632   1.00 10.53 ? 1193 COA A O4A 1 
HETATM 1455 O O5A . COA D 4 .   ? 4.956   -9.585  5.715   1.00 10.08 ? 1193 COA A O5A 1 
HETATM 1456 O O6A . COA D 4 .   ? 5.140   -9.713  3.225   1.00 11.09 ? 1193 COA A O6A 1 
HETATM 1457 C CBP . COA D 4 .   ? 6.122   -9.472  1.036   1.00 12.50 ? 1193 COA A CBP 1 
HETATM 1458 C CCP . COA D 4 .   ? 5.231   -10.318 1.931   1.00 11.03 ? 1193 COA A CCP 1 
HETATM 1459 C CDP . COA D 4 .   ? 6.229   -10.186 -0.334  1.00 13.89 ? 1193 COA A CDP 1 
HETATM 1460 C CEP . COA D 4 .   ? 5.467   -8.094  0.821   1.00 11.67 ? 1193 COA A CEP 1 
HETATM 1461 C CAP . COA D 4 .   ? 7.510   -9.255  1.739   1.00 12.01 ? 1193 COA A CAP 1 
HETATM 1462 O OAP . COA D 4 .   ? 8.128   -10.511 2.052   1.00 12.42 ? 1193 COA A OAP 1 
HETATM 1463 C C9P . COA D 4 .   ? 8.465   -8.441  0.858   1.00 12.99 ? 1193 COA A C9P 1 
HETATM 1464 O O9P . COA D 4 .   ? 8.395   -7.210  0.787   1.00 8.60  ? 1193 COA A O9P 1 
HETATM 1465 N N8P . COA D 4 .   ? 9.351   -9.191  0.194   1.00 16.50 ? 1193 COA A N8P 1 
HETATM 1466 C C7P . COA D 4 .   ? 10.313  -8.558  -0.724  1.00 18.15 ? 1193 COA A C7P 1 
HETATM 1467 O O   . HOH E 5 .   ? -0.095  11.059  10.795  1.00 14.52 ? 2001 HOH A O   1 
HETATM 1468 O O   . HOH E 5 .   ? 0.491   18.182  10.988  1.00 25.31 ? 2002 HOH A O   1 
HETATM 1469 O O   . HOH E 5 .   ? 0.755   15.322  5.572   1.00 11.66 ? 2003 HOH A O   1 
HETATM 1470 O O   . HOH E 5 .   ? -6.944  13.756  5.673   1.00 28.18 ? 2004 HOH A O   1 
HETATM 1471 O O   . HOH E 5 .   ? -4.885  14.919  2.571   1.00 23.24 ? 2005 HOH A O   1 
HETATM 1472 O O   . HOH E 5 .   ? -10.042 10.962  2.444   1.00 14.89 ? 2006 HOH A O   1 
HETATM 1473 O O   . HOH E 5 .   ? -7.622  4.462   11.109  1.00 11.28 ? 2007 HOH A O   1 
HETATM 1474 O O   . HOH E 5 .   ? -10.947 2.796   10.797  1.00 23.38 ? 2008 HOH A O   1 
HETATM 1475 O O   . HOH E 5 .   ? -10.711 -5.946  6.140   1.00 14.38 ? 2009 HOH A O   1 
HETATM 1476 O O   . HOH E 5 .   ? -12.971 -4.128  8.607   1.00 16.29 ? 2010 HOH A O   1 
HETATM 1477 O O   . HOH E 5 .   ? -8.720  5.486   13.495  1.00 15.67 ? 2011 HOH A O   1 
HETATM 1478 O O   . HOH E 5 .   ? -16.319 -7.266  10.388  1.00 32.75 ? 2012 HOH A O   1 
HETATM 1479 O O   . HOH E 5 .   ? -10.518 -8.600  13.116  1.00 19.91 ? 2013 HOH A O   1 
HETATM 1480 O O   . HOH E 5 .   ? -9.959  -8.160  7.256   1.00 24.57 ? 2014 HOH A O   1 
HETATM 1481 O O   . HOH E 5 .   ? -15.562 -3.305  8.745   1.00 8.29  ? 2015 HOH A O   1 
HETATM 1482 O O   . HOH E 5 .   ? -9.082  -10.339 10.333  1.00 27.08 ? 2016 HOH A O   1 
HETATM 1483 O O   . HOH E 5 .   ? -4.080  -1.459  15.294  1.00 13.63 ? 2017 HOH A O   1 
HETATM 1484 O O   . HOH E 5 .   ? -6.495  12.552  12.064  1.00 24.38 ? 2018 HOH A O   1 
HETATM 1485 O O   . HOH E 5 .   ? -5.519  8.442   13.433  1.00 21.61 ? 2019 HOH A O   1 
HETATM 1486 O O   . HOH E 5 .   ? -4.570  10.908  12.172  1.00 18.90 ? 2020 HOH A O   1 
HETATM 1487 O O   . HOH E 5 .   ? -4.368  3.113   14.326  1.00 20.50 ? 2021 HOH A O   1 
HETATM 1488 O O   . HOH E 5 .   ? -3.939  6.761   12.375  1.00 17.08 ? 2022 HOH A O   1 
HETATM 1489 O O   . HOH E 5 .   ? 4.441   -5.954  19.043  1.00 31.51 ? 2023 HOH A O   1 
HETATM 1490 O O   . HOH E 5 .   ? -1.183  6.549   14.589  1.00 17.45 ? 2024 HOH A O   1 
HETATM 1491 O O   . HOH E 5 .   ? -3.498  8.704   10.571  1.00 10.79 ? 2025 HOH A O   1 
HETATM 1492 O O   . HOH E 5 .   ? -1.928  -2.769  16.710  1.00 25.80 ? 2026 HOH A O   1 
HETATM 1493 O O   . HOH E 5 .   ? 14.900  8.813   2.547   1.00 20.83 ? 2027 HOH A O   1 
HETATM 1494 O O   . HOH E 5 .   ? -4.818  4.242   11.592  1.00 12.98 ? 2028 HOH A O   1 
HETATM 1495 O O   . HOH E 5 .   ? -3.142  0.736   13.898  1.00 27.91 ? 2029 HOH A O   1 
HETATM 1496 O O   . HOH E 5 .   ? 1.571   6.609   13.840  1.00 12.32 ? 2030 HOH A O   1 
HETATM 1497 O O   . HOH E 5 .   ? -1.436  9.461   8.843   1.00 11.80 ? 2031 HOH A O   1 
HETATM 1498 O O   . HOH E 5 .   ? 12.351  8.308   3.594   1.00 10.65 ? 2032 HOH A O   1 
HETATM 1499 O O   . HOH E 5 .   ? 13.817  9.260   12.327  1.00 19.67 ? 2033 HOH A O   1 
HETATM 1500 O O   . HOH E 5 .   ? 14.903  11.919  9.795   1.00 21.85 ? 2034 HOH A O   1 
HETATM 1501 O O   . HOH E 5 .   ? 2.671   8.939   14.294  1.00 16.23 ? 2035 HOH A O   1 
HETATM 1502 O O   . HOH E 5 .   ? 5.048   6.996   13.065  1.00 15.79 ? 2036 HOH A O   1 
HETATM 1503 O O   . HOH E 5 .   ? 5.157   11.045  10.277  1.00 18.85 ? 2037 HOH A O   1 
HETATM 1504 O O   . HOH E 5 .   ? 12.782  2.410   7.150   1.00 18.04 ? 2038 HOH A O   1 
HETATM 1505 O O   . HOH E 5 .   ? 5.069   4.326   -2.909  1.00 18.06 ? 2039 HOH A O   1 
HETATM 1506 O O   . HOH E 5 .   ? 2.767   3.640   0.581   1.00 14.17 ? 2040 HOH A O   1 
HETATM 1507 O O   . HOH E 5 .   ? 14.065  6.185   4.457   1.00 17.48 ? 2041 HOH A O   1 
HETATM 1508 O O   . HOH E 5 .   ? 15.557  4.160   7.335   1.00 19.97 ? 2042 HOH A O   1 
HETATM 1509 O O   . HOH E 5 .   ? 13.800  -1.650  4.542   1.00 26.92 ? 2043 HOH A O   1 
HETATM 1510 O O   . HOH E 5 .   ? 17.589  2.521   -4.334  1.00 33.65 ? 2044 HOH A O   1 
HETATM 1511 O O   . HOH E 5 .   ? -23.166 -0.800  -11.108 1.00 24.86 ? 2045 HOH A O   1 
HETATM 1512 O O   . HOH E 5 .   ? -22.112 5.069   -11.435 1.00 19.61 ? 2046 HOH A O   1 
HETATM 1513 O O   . HOH E 5 .   ? -1.452  -2.486  -15.355 1.00 20.32 ? 2047 HOH A O   1 
HETATM 1514 O O   . HOH E 5 .   ? 22.100  12.903  -3.825  1.00 26.16 ? 2048 HOH A O   1 
HETATM 1515 O O   . HOH E 5 .   ? 19.536  17.976  -2.541  1.00 8.82  ? 2049 HOH A O   1 
HETATM 1516 O O   . HOH E 5 .   ? 16.903  16.620  1.529   1.00 13.95 ? 2050 HOH A O   1 
HETATM 1517 O O   . HOH E 5 .   ? 9.032   16.565  4.321   1.00 23.64 ? 2051 HOH A O   1 
HETATM 1518 O O   . HOH E 5 .   ? 9.071   21.040  -2.874  1.00 7.66  ? 2052 HOH A O   1 
HETATM 1519 O O   . HOH E 5 .   ? 9.522   16.112  -6.960  1.00 11.72 ? 2053 HOH A O   1 
HETATM 1520 O O   . HOH E 5 .   ? 16.055  13.129  -9.047  1.00 18.21 ? 2054 HOH A O   1 
HETATM 1521 O O   . HOH E 5 .   ? 17.690  13.610  -5.727  1.00 4.54  ? 2055 HOH A O   1 
HETATM 1522 O O   . HOH E 5 .   ? 12.023  15.480  -8.657  1.00 18.36 ? 2056 HOH A O   1 
HETATM 1523 O O   . HOH E 5 .   ? 9.640   21.734  -0.424  1.00 13.40 ? 2057 HOH A O   1 
HETATM 1524 O O   . HOH E 5 .   ? 3.438   19.295  -6.373  1.00 16.88 ? 2058 HOH A O   1 
HETATM 1525 O O   . HOH E 5 .   ? 5.026   15.345  -8.891  1.00 27.22 ? 2059 HOH A O   1 
HETATM 1526 O O   . HOH E 5 .   ? 11.268  -13.441 -9.080  1.00 26.72 ? 2060 HOH A O   1 
HETATM 1527 O O   . HOH E 5 .   ? -1.993  15.173  3.660   1.00 17.52 ? 2061 HOH A O   1 
HETATM 1528 O O   . HOH E 5 .   ? -10.737 -12.864 0.561   1.00 32.60 ? 2062 HOH A O   1 
HETATM 1529 O O   . HOH E 5 .   ? -3.966  19.262  -1.820  1.00 19.94 ? 2063 HOH A O   1 
HETATM 1530 O O   . HOH E 5 .   ? -6.878  18.591  -5.144  1.00 25.87 ? 2064 HOH A O   1 
HETATM 1531 O O   . HOH E 5 .   ? -5.157  19.710  -8.894  1.00 28.47 ? 2065 HOH A O   1 
HETATM 1532 O O   . HOH E 5 .   ? -0.722  18.808  -11.710 1.00 23.36 ? 2066 HOH A O   1 
HETATM 1533 O O   . HOH E 5 .   ? -0.980  18.836  -8.282  1.00 16.16 ? 2067 HOH A O   1 
HETATM 1534 O O   . HOH E 5 .   ? -9.039  14.494  -4.286  1.00 33.95 ? 2068 HOH A O   1 
HETATM 1535 O O   . HOH E 5 .   ? -11.614 6.488   -4.909  1.00 15.81 ? 2069 HOH A O   1 
HETATM 1536 O O   . HOH E 5 .   ? 2.903   2.498   15.917  1.00 11.82 ? 2070 HOH A O   1 
HETATM 1537 O O   . HOH E 5 .   ? 7.723   -2.799  17.500  1.00 15.28 ? 2071 HOH A O   1 
HETATM 1538 O O   . HOH E 5 .   ? 3.719   2.096   20.928  1.00 14.47 ? 2072 HOH A O   1 
HETATM 1539 O O   . HOH E 5 .   ? 7.552   1.753   21.810  1.00 20.63 ? 2073 HOH A O   1 
HETATM 1540 O O   . HOH E 5 .   ? 11.440  5.518   16.636  1.00 10.50 ? 2074 HOH A O   1 
HETATM 1541 O O   . HOH E 5 .   ? 16.009  2.264   13.931  1.00 11.75 ? 2075 HOH A O   1 
HETATM 1542 O O   . HOH E 5 .   ? 12.040  2.489   9.499   1.00 20.34 ? 2076 HOH A O   1 
HETATM 1543 O O   . HOH E 5 .   ? 2.799   3.855   -5.153  1.00 14.32 ? 2077 HOH A O   1 
HETATM 1544 O O   . HOH E 5 .   ? 3.413   1.846   -1.467  1.00 13.34 ? 2078 HOH A O   1 
HETATM 1545 O O   . HOH E 5 .   ? -9.305  3.806   -17.726 1.00 14.86 ? 2079 HOH A O   1 
HETATM 1546 O O   . HOH E 5 .   ? -15.027 8.988   -9.619  1.00 16.07 ? 2080 HOH A O   1 
HETATM 1547 O O   . HOH E 5 .   ? -13.382 1.863   -20.146 1.00 10.78 ? 2081 HOH A O   1 
HETATM 1548 O O   . HOH E 5 .   ? -19.157 -4.250  -12.312 1.00 23.22 ? 2082 HOH A O   1 
HETATM 1549 O O   . HOH E 5 .   ? -20.650 0.405   -11.827 1.00 14.13 ? 2083 HOH A O   1 
HETATM 1550 O O   . HOH E 5 .   ? -19.101 -1.516  -11.012 1.00 17.26 ? 2084 HOH A O   1 
HETATM 1551 O O   . HOH E 5 .   ? -23.206 3.213   -12.908 1.00 17.18 ? 2085 HOH A O   1 
HETATM 1552 O O   . HOH E 5 .   ? -16.967 -0.128  -9.994  1.00 11.75 ? 2086 HOH A O   1 
HETATM 1553 O O   . HOH E 5 .   ? 0.990   -4.603  -9.001  1.00 13.65 ? 2087 HOH A O   1 
HETATM 1554 O O   . HOH E 5 .   ? 2.730   -0.385  -11.696 1.00 15.38 ? 2088 HOH A O   1 
HETATM 1555 O O   . HOH E 5 .   ? -0.199  -2.259  -12.005 1.00 18.06 ? 2089 HOH A O   1 
HETATM 1556 O O   . HOH E 5 .   ? 12.874  0.339   10.644  1.00 16.40 ? 2090 HOH A O   1 
HETATM 1557 O O   . HOH E 5 .   ? 12.158  -1.563  12.595  1.00 18.71 ? 2091 HOH A O   1 
HETATM 1558 O O   . HOH E 5 .   ? 14.048  0.027   6.624   1.00 23.06 ? 2092 HOH A O   1 
HETATM 1559 O O   . HOH E 5 .   ? 15.034  -4.071  4.813   1.00 12.91 ? 2093 HOH A O   1 
HETATM 1560 O O   . HOH E 5 .   ? 15.336  -5.129  8.483   1.00 15.61 ? 2094 HOH A O   1 
HETATM 1561 O O   . HOH E 5 .   ? 13.821  -11.854 2.799   1.00 22.52 ? 2095 HOH A O   1 
HETATM 1562 O O   . HOH E 5 .   ? 13.126  -8.984  1.077   1.00 18.88 ? 2096 HOH A O   1 
HETATM 1563 O O   . HOH E 5 .   ? 10.375  -13.299 3.998   1.00 22.75 ? 2097 HOH A O   1 
HETATM 1564 O O   . HOH E 5 .   ? -3.449  -15.529 8.690   1.00 29.30 ? 2098 HOH A O   1 
HETATM 1565 O O   . HOH E 5 .   ? -1.613  -14.871 12.777  1.00 29.01 ? 2099 HOH A O   1 
HETATM 1566 O O   . HOH E 5 .   ? 2.433   -14.423 12.605  1.00 32.17 ? 2100 HOH A O   1 
HETATM 1567 O O   . HOH E 5 .   ? -1.483  -9.546  12.399  1.00 14.49 ? 2101 HOH A O   1 
HETATM 1568 O O   . HOH E 5 .   ? -6.694  -12.986 8.072   1.00 17.78 ? 2102 HOH A O   1 
HETATM 1569 O O   . HOH E 5 .   ? -8.246  -8.600  9.068   1.00 26.39 ? 2103 HOH A O   1 
HETATM 1570 O O   . HOH E 5 .   ? -7.560  -12.158 3.471   1.00 20.24 ? 2104 HOH A O   1 
HETATM 1571 O O   . HOH E 5 .   ? -9.952  -6.695  3.571   1.00 14.28 ? 2105 HOH A O   1 
HETATM 1572 O O   . HOH E 5 .   ? -7.884  -0.137  4.870   1.00 7.56  ? 2106 HOH A O   1 
HETATM 1573 O O   . HOH E 5 .   ? -14.639 -2.438  2.399   1.00 12.08 ? 2107 HOH A O   1 
HETATM 1574 O O   . HOH E 5 .   ? -16.280 -0.886  7.843   1.00 20.24 ? 2108 HOH A O   1 
HETATM 1575 O O   . HOH E 5 .   ? -20.660 -2.210  -0.417  1.00 16.07 ? 2109 HOH A O   1 
HETATM 1576 O O   . HOH E 5 .   ? -12.288 -6.148  1.085   1.00 26.40 ? 2110 HOH A O   1 
HETATM 1577 O O   . HOH E 5 .   ? -14.245 -5.227  2.718   1.00 27.92 ? 2111 HOH A O   1 
HETATM 1578 O O   . HOH E 5 .   ? -17.239 -2.185  -4.174  1.00 13.73 ? 2112 HOH A O   1 
HETATM 1579 O O   . HOH E 5 .   ? -17.599 3.338   7.766   1.00 11.77 ? 2113 HOH A O   1 
HETATM 1580 O O   . HOH E 5 .   ? -18.721 3.900   -1.812  1.00 13.82 ? 2114 HOH A O   1 
HETATM 1581 O O   . HOH E 5 .   ? -16.167 6.670   -4.827  1.00 13.41 ? 2115 HOH A O   1 
HETATM 1582 O O   . HOH E 5 .   ? -16.984 -7.542  -9.173  1.00 16.96 ? 2116 HOH A O   1 
HETATM 1583 O O   . HOH E 5 .   ? -8.976  -9.011  -13.888 1.00 16.80 ? 2117 HOH A O   1 
HETATM 1584 O O   . HOH E 5 .   ? -0.108  -4.736  -15.702 1.00 10.18 ? 2118 HOH A O   1 
HETATM 1585 O O   . HOH E 5 .   ? 1.777   -3.800  -11.595 1.00 16.76 ? 2119 HOH A O   1 
HETATM 1586 O O   . HOH E 5 .   ? 7.593   -14.227 -12.883 1.00 19.19 ? 2120 HOH A O   1 
HETATM 1587 O O   . HOH E 5 .   ? 5.306   -18.278 -4.259  1.00 21.02 ? 2121 HOH A O   1 
HETATM 1588 O O   . HOH E 5 .   ? 9.726   -15.251 -10.134 1.00 14.45 ? 2122 HOH A O   1 
HETATM 1589 O O   . HOH E 5 .   ? 6.446   -9.263  -7.563  1.00 20.88 ? 2123 HOH A O   1 
HETATM 1590 O O   . HOH E 5 .   ? 9.353   -12.969 -1.871  1.00 21.46 ? 2124 HOH A O   1 
HETATM 1591 O O   . HOH E 5 .   ? 4.069   -19.673 -8.708  1.00 24.84 ? 2125 HOH A O   1 
HETATM 1592 O O   . HOH E 5 .   ? 1.077   -21.329 -7.535  1.00 23.15 ? 2126 HOH A O   1 
HETATM 1593 O O   . HOH E 5 .   ? -3.763  -16.418 4.691   1.00 25.23 ? 2127 HOH A O   1 
HETATM 1594 O O   . HOH E 5 .   ? -6.338  -14.559 3.086   1.00 25.26 ? 2128 HOH A O   1 
HETATM 1595 O O   . HOH E 5 .   ? -9.798  -14.077 -5.546  1.00 20.34 ? 2129 HOH A O   1 
HETATM 1596 O O   . HOH E 5 .   ? -10.750 -14.037 -1.903  1.00 26.48 ? 2130 HOH A O   1 
HETATM 1597 O O   . HOH E 5 .   ? -6.348  -17.249 -3.473  1.00 26.44 ? 2131 HOH A O   1 
HETATM 1598 O O   . HOH E 5 .   ? -4.966  -18.696 -8.775  1.00 16.05 ? 2132 HOH A O   1 
HETATM 1599 O O   . HOH E 5 .   ? 5.790   -7.745  -12.015 1.00 30.35 ? 2133 HOH A O   1 
HETATM 1600 O O   . HOH E 5 .   ? 11.920  -3.393  -26.585 1.00 22.82 ? 2134 HOH A O   1 
HETATM 1601 O O   . HOH E 5 .   ? 10.999  -4.259  -23.404 1.00 29.36 ? 2135 HOH A O   1 
HETATM 1602 O O   . HOH E 5 .   ? 4.917   -1.741  -12.160 1.00 21.49 ? 2136 HOH A O   1 
HETATM 1603 O O   . HOH E 5 .   ? 4.266   -4.457  -11.994 1.00 17.61 ? 2137 HOH A O   1 
HETATM 1604 O O   . HOH E 5 .   ? -8.507  13.052  7.048   1.00 22.09 ? 2138 HOH A O   1 
HETATM 1605 O O   . HOH E 5 .   ? 5.511   -9.525  8.327   1.00 9.49  ? 2139 HOH A O   1 
HETATM 1606 O O   . HOH E 5 .   ? 7.625   -16.116 5.423   1.00 11.03 ? 2140 HOH A O   1 
HETATM 1607 O O   . HOH E 5 .   ? 3.624   -15.027 8.132   1.00 11.06 ? 2141 HOH A O   1 
HETATM 1608 O O   . HOH E 5 .   ? 8.238   -12.929 0.530   1.00 18.21 ? 2142 HOH A O   1 
HETATM 1609 O O   . HOH E 5 .   ? -1.726  -15.969 6.266   1.00 26.45 ? 2143 HOH A O   1 
HETATM 1610 O O   . HOH E 5 .   ? 7.632   -13.612 4.434   1.00 13.83 ? 2144 HOH A O   1 
# 
